data_5UL7
#
_entry.id   5UL7
#
_cell.length_a   106.694
_cell.length_b   101.918
_cell.length_c   167.755
_cell.angle_alpha   90.00
_cell.angle_beta   98.97
_cell.angle_gamma   90.00
#
_symmetry.space_group_name_H-M   'P 1 21 1'
#
loop_
_entity.id
_entity.type
_entity.pdbx_description
1 polymer 'Transporter, NadC family'
2 non-polymer 'SODIUM ION'
3 non-polymer 'SUCCINIC ACID'
#
_entity_poly.entity_id   1
_entity_poly.type   'polypeptide(L)'
_entity_poly.pdbx_seq_one_letter_code
;LHRNSLIVLADVALFLALYHFLPFEHNVVLGISMLAFIAVLWLTEALHVTVTAILVPVMAVFFGIFETQAALNNFANSII
FLFLGGFALAAAMHHQGLDKVIADKVLAMAQGKMSVAVFMLFGVTALLSMWISNTATAAMMLPLVLGVLSKVDADKQRST
YVFVLLGVAYSASIGGIATLVGSPPNAIAAAEVGLSFTDWMKFGLPTAMMMLPMAIAILYFLLKPTLNGMFELDRAPVNW
DKGKVVTLGIFGLTVFLWIFSSPINAALGGFKSFDTLVALGAILMLSFARVVHWKEIQKTADWGVLLLFGGGLCLSNVLK
QTGTSVFLANALSDMVSHMGIFVVILVVATFVVFLTEFASNTASAALLIPVFATVAEAFGMSPVLLSVLIAVAASCAFML
PVATPPNAIVFASGHIKQSEMMRVGLYLNIACIGLLTAIAMLFWQ
;
_entity_poly.pdbx_strand_id   A,B,C,D
#
loop_
_chem_comp.id
_chem_comp.type
_chem_comp.name
_chem_comp.formula
NA non-polymer 'SODIUM ION' 'Na 1'
SIN non-polymer 'SUCCINIC ACID' 'C4 H6 O4'
#
# COMPACT_ATOMS: atom_id res chain seq x y z
N LEU A 1 30.11 4.51 -23.09
CA LEU A 1 29.44 3.29 -23.63
C LEU A 1 27.90 3.43 -23.63
N HIS A 2 27.36 4.19 -22.69
CA HIS A 2 25.91 4.39 -22.56
C HIS A 2 25.36 5.43 -23.54
N ARG A 3 24.05 5.38 -23.78
CA ARG A 3 23.34 6.33 -24.63
C ARG A 3 23.59 7.79 -24.24
N ASN A 4 23.35 8.10 -22.97
CA ASN A 4 23.44 9.45 -22.46
C ASN A 4 24.86 9.99 -22.43
N SER A 5 25.83 9.13 -22.16
CA SER A 5 27.26 9.49 -22.23
C SER A 5 27.63 9.97 -23.62
N LEU A 6 27.01 9.36 -24.63
CA LEU A 6 27.21 9.75 -26.02
C LEU A 6 26.52 11.06 -26.33
N ILE A 7 25.26 11.20 -25.89
CA ILE A 7 24.55 12.48 -26.01
C ILE A 7 25.40 13.62 -25.45
N VAL A 8 25.94 13.40 -24.24
CA VAL A 8 26.82 14.35 -23.60
C VAL A 8 28.09 14.62 -24.43
N LEU A 9 28.76 13.56 -24.87
CA LEU A 9 29.95 13.69 -25.70
C LEU A 9 29.66 14.41 -27.01
N ALA A 10 28.53 14.08 -27.64
CA ALA A 10 28.06 14.77 -28.85
C ALA A 10 27.83 16.25 -28.57
N ASP A 11 27.25 16.55 -27.42
CA ASP A 11 26.98 17.92 -27.01
C ASP A 11 28.27 18.71 -26.84
N VAL A 12 29.24 18.09 -26.15
CA VAL A 12 30.58 18.65 -25.99
C VAL A 12 31.22 18.95 -27.35
N ALA A 13 31.08 18.03 -28.28
CA ALA A 13 31.51 18.26 -29.65
C ALA A 13 30.77 19.44 -30.27
N LEU A 14 29.44 19.47 -30.11
CA LEU A 14 28.59 20.56 -30.65
C LEU A 14 29.04 21.95 -30.15
N PHE A 15 29.24 22.04 -28.84
CA PHE A 15 29.75 23.27 -28.23
C PHE A 15 31.08 23.67 -28.85
N LEU A 16 32.06 22.78 -28.76
CA LEU A 16 33.39 22.99 -29.33
C LEU A 16 33.33 23.47 -30.78
N ALA A 17 32.37 22.93 -31.53
CA ALA A 17 32.14 23.31 -32.92
C ALA A 17 31.59 24.73 -33.01
N LEU A 18 30.46 24.95 -32.37
CA LEU A 18 29.84 26.27 -32.32
C LEU A 18 30.79 27.35 -31.82
N TYR A 19 31.59 26.99 -30.82
CA TYR A 19 32.54 27.91 -30.22
C TYR A 19 33.61 28.35 -31.22
N HIS A 20 34.18 27.39 -31.95
CA HIS A 20 35.28 27.66 -32.87
C HIS A 20 34.85 28.09 -34.27
N PHE A 21 33.55 28.04 -34.56
CA PHE A 21 33.09 28.20 -35.93
C PHE A 21 32.11 29.35 -36.18
N LEU A 22 31.36 29.76 -35.16
CA LEU A 22 30.44 30.89 -35.30
C LEU A 22 31.23 32.18 -35.51
N PRO A 23 30.71 33.09 -36.38
CA PRO A 23 31.43 34.28 -36.81
C PRO A 23 30.90 35.58 -36.20
N PHE A 24 30.92 35.66 -34.87
CA PHE A 24 30.43 36.84 -34.17
C PHE A 24 31.39 37.36 -33.11
N GLU A 25 31.08 38.56 -32.59
CA GLU A 25 31.73 39.12 -31.42
C GLU A 25 31.79 38.05 -30.33
N HIS A 26 32.97 37.88 -29.74
CA HIS A 26 33.25 36.71 -28.88
C HIS A 26 32.21 36.34 -27.82
N ASN A 27 31.66 37.34 -27.14
CA ASN A 27 30.62 37.13 -26.13
C ASN A 27 29.40 36.39 -26.67
N VAL A 28 28.94 36.82 -27.84
CA VAL A 28 27.77 36.23 -28.48
C VAL A 28 28.01 34.78 -28.84
N VAL A 29 29.21 34.49 -29.35
CA VAL A 29 29.63 33.11 -29.63
C VAL A 29 29.54 32.24 -28.37
N LEU A 30 30.17 32.71 -27.29
CA LEU A 30 30.14 32.01 -26.01
C LEU A 30 28.73 31.80 -25.50
N GLY A 31 27.94 32.86 -25.50
CA GLY A 31 26.54 32.80 -25.09
C GLY A 31 25.70 31.82 -25.89
N ILE A 32 25.80 31.90 -27.22
CA ILE A 32 25.10 30.97 -28.11
C ILE A 32 25.57 29.54 -27.88
N SER A 33 26.89 29.33 -27.85
CA SER A 33 27.48 28.01 -27.65
C SER A 33 27.01 27.38 -26.33
N MET A 34 26.94 28.19 -25.28
CA MET A 34 26.39 27.74 -24.01
C MET A 34 24.90 27.44 -24.10
N LEU A 35 24.13 28.39 -24.64
CA LEU A 35 22.68 28.25 -24.73
C LEU A 35 22.28 26.96 -25.42
N ALA A 36 23.02 26.63 -26.49
CA ALA A 36 22.85 25.37 -27.23
C ALA A 36 23.19 24.16 -26.36
N PHE A 37 24.35 24.22 -25.69
CA PHE A 37 24.81 23.14 -24.83
C PHE A 37 23.76 22.78 -23.78
N ILE A 38 23.36 23.76 -23.00
CA ILE A 38 22.37 23.56 -21.95
C ILE A 38 21.01 23.10 -22.53
N ALA A 39 20.56 23.73 -23.62
CA ALA A 39 19.32 23.38 -24.32
C ALA A 39 19.19 21.88 -24.56
N VAL A 40 20.26 21.30 -25.09
CA VAL A 40 20.41 19.86 -25.29
C VAL A 40 20.30 19.07 -23.98
N LEU A 41 21.14 19.40 -23.01
CA LEU A 41 21.22 18.68 -21.74
C LEU A 41 19.94 18.69 -20.91
N TRP A 42 19.05 19.65 -21.18
CA TRP A 42 17.79 19.71 -20.46
C TRP A 42 16.66 19.03 -21.21
N LEU A 43 16.73 19.06 -22.53
CA LEU A 43 15.70 18.45 -23.34
C LEU A 43 15.93 16.96 -23.48
N THR A 44 17.19 16.57 -23.65
CA THR A 44 17.55 15.15 -23.63
C THR A 44 17.49 14.57 -22.20
N GLU A 45 17.94 15.34 -21.23
CA GLU A 45 18.09 14.85 -19.86
C GLU A 45 19.12 13.73 -19.78
N ALA A 46 20.17 13.84 -20.60
CA ALA A 46 21.31 12.94 -20.56
C ALA A 46 22.00 13.02 -19.20
N LEU A 47 22.12 14.24 -18.67
CA LEU A 47 22.45 14.48 -17.27
C LEU A 47 21.17 14.92 -16.57
N HIS A 48 21.09 14.68 -15.26
CA HIS A 48 19.89 15.06 -14.52
C HIS A 48 19.64 16.55 -14.65
N VAL A 49 18.38 16.91 -14.86
CA VAL A 49 17.88 18.30 -14.79
C VAL A 49 18.65 19.19 -13.79
N THR A 50 18.94 18.65 -12.61
CA THR A 50 19.66 19.40 -11.56
C THR A 50 21.16 19.47 -11.79
N VAL A 51 21.77 18.37 -12.21
CA VAL A 51 23.20 18.36 -12.54
C VAL A 51 23.51 19.38 -13.64
N THR A 52 22.63 19.47 -14.64
CA THR A 52 22.73 20.47 -15.71
C THR A 52 22.63 21.88 -15.13
N ALA A 53 21.74 22.04 -14.17
CA ALA A 53 21.53 23.35 -13.54
C ALA A 53 22.77 23.81 -12.76
N ILE A 54 23.43 22.88 -12.09
CA ILE A 54 24.69 23.14 -11.38
C ILE A 54 25.79 23.45 -12.39
N LEU A 55 25.64 22.92 -13.61
CA LEU A 55 26.63 23.12 -14.65
C LEU A 55 26.66 24.56 -15.18
N VAL A 56 25.53 25.25 -15.06
CA VAL A 56 25.41 26.62 -15.58
C VAL A 56 26.37 27.61 -14.90
N PRO A 57 26.34 27.67 -13.56
CA PRO A 57 27.24 28.61 -12.90
C PRO A 57 28.68 28.23 -13.15
N VAL A 58 29.00 26.94 -13.02
CA VAL A 58 30.37 26.49 -13.17
C VAL A 58 30.93 26.89 -14.55
N MET A 59 30.10 26.82 -15.58
CA MET A 59 30.48 27.33 -16.91
C MET A 59 30.64 28.83 -16.88
N ALA A 60 29.57 29.53 -16.52
CA ALA A 60 29.55 30.99 -16.41
C ALA A 60 30.85 31.49 -15.79
N VAL A 61 31.21 30.89 -14.66
CA VAL A 61 32.35 31.30 -13.85
C VAL A 61 33.66 31.01 -14.55
N PHE A 62 33.79 29.82 -15.11
CA PHE A 62 35.02 29.44 -15.77
C PHE A 62 35.25 30.25 -17.05
N PHE A 63 34.18 30.52 -17.78
CA PHE A 63 34.27 31.38 -18.95
C PHE A 63 34.14 32.87 -18.62
N GLY A 64 34.45 33.21 -17.38
CA GLY A 64 34.52 34.61 -16.94
C GLY A 64 33.32 35.51 -17.15
N ILE A 65 32.15 34.91 -17.39
CA ILE A 65 30.92 35.69 -17.54
C ILE A 65 30.57 36.34 -16.21
N PHE A 66 30.71 35.58 -15.11
CA PHE A 66 30.47 36.07 -13.75
C PHE A 66 31.55 35.60 -12.80
N GLU A 67 31.58 36.20 -11.61
CA GLU A 67 32.45 35.72 -10.55
C GLU A 67 31.72 34.67 -9.71
N THR A 68 32.47 33.70 -9.18
CA THR A 68 31.86 32.52 -8.55
C THR A 68 30.65 32.88 -7.70
N GLN A 69 30.84 33.83 -6.78
CA GLN A 69 29.82 34.17 -5.80
C GLN A 69 28.60 34.79 -6.46
N ALA A 70 28.85 35.67 -7.41
CA ALA A 70 27.79 36.37 -8.13
C ALA A 70 26.87 35.36 -8.81
N ALA A 71 27.49 34.37 -9.48
CA ALA A 71 26.77 33.29 -10.17
C ALA A 71 25.99 32.42 -9.19
N LEU A 72 26.59 32.20 -8.01
CA LEU A 72 25.98 31.33 -7.04
C LEU A 72 24.77 31.97 -6.37
N ASN A 73 24.87 33.27 -6.10
CA ASN A 73 23.78 34.06 -5.51
C ASN A 73 22.45 33.84 -6.21
N ASN A 74 22.52 33.52 -7.50
CA ASN A 74 21.35 33.14 -8.30
C ASN A 74 20.46 32.11 -7.61
N PHE A 75 21.07 31.33 -6.72
CA PHE A 75 20.38 30.20 -6.10
C PHE A 75 19.62 30.58 -4.84
N ALA A 76 19.90 31.76 -4.30
CA ALA A 76 19.19 32.26 -3.13
C ALA A 76 18.03 33.22 -3.47
N ASN A 77 17.67 33.30 -4.75
CA ASN A 77 16.51 34.08 -5.15
C ASN A 77 15.34 33.82 -4.22
N SER A 78 14.59 34.88 -3.89
CA SER A 78 13.44 34.80 -2.98
C SER A 78 12.36 33.78 -3.37
N ILE A 79 12.10 33.60 -4.67
CA ILE A 79 11.09 32.64 -5.14
C ILE A 79 11.43 31.21 -4.72
N ILE A 80 12.72 30.86 -4.81
CA ILE A 80 13.19 29.54 -4.37
C ILE A 80 12.76 29.24 -2.95
N PHE A 81 12.83 30.25 -2.08
CA PHE A 81 12.36 30.11 -0.71
C PHE A 81 10.82 30.07 -0.59
N LEU A 82 10.14 30.85 -1.44
CA LEU A 82 8.68 30.77 -1.50
C LEU A 82 8.24 29.36 -1.88
N PHE A 83 8.98 28.73 -2.78
CA PHE A 83 8.69 27.36 -3.18
C PHE A 83 9.03 26.33 -2.08
N LEU A 84 10.08 26.61 -1.29
CA LEU A 84 10.40 25.77 -0.14
C LEU A 84 9.27 25.81 0.88
N GLY A 85 8.68 27.00 1.09
CA GLY A 85 7.46 27.11 1.89
C GLY A 85 6.34 26.19 1.40
N GLY A 86 6.19 26.10 0.08
CA GLY A 86 5.21 25.20 -0.52
C GLY A 86 5.45 23.75 -0.16
N PHE A 87 6.72 23.32 -0.25
CA PHE A 87 7.13 21.96 0.13
C PHE A 87 6.85 21.65 1.59
N ALA A 88 7.13 22.61 2.48
CA ALA A 88 6.88 22.47 3.91
C ALA A 88 5.39 22.42 4.21
N LEU A 89 4.63 23.27 3.54
CA LEU A 89 3.18 23.32 3.72
C LEU A 89 2.54 22.00 3.30
N ALA A 90 3.04 21.41 2.21
CA ALA A 90 2.58 20.11 1.74
C ALA A 90 3.06 18.99 2.67
N ALA A 91 4.34 19.04 3.04
CA ALA A 91 4.93 18.08 3.96
C ALA A 91 4.06 17.86 5.18
N ALA A 92 3.55 18.98 5.72
CA ALA A 92 2.73 18.98 6.91
C ALA A 92 1.42 18.25 6.68
N MET A 93 0.66 18.70 5.69
CA MET A 93 -0.68 18.16 5.50
C MET A 93 -0.70 16.74 4.90
N HIS A 94 0.46 16.26 4.46
CA HIS A 94 0.56 14.84 4.08
C HIS A 94 0.81 13.98 5.31
N HIS A 95 1.83 14.33 6.08
CA HIS A 95 2.19 13.63 7.32
C HIS A 95 1.07 13.69 8.36
N GLN A 96 0.34 14.81 8.38
CA GLN A 96 -0.82 14.98 9.25
C GLN A 96 -2.00 14.13 8.75
N GLY A 97 -2.06 13.90 7.44
CA GLY A 97 -3.11 13.09 6.83
C GLY A 97 -4.29 13.91 6.34
N LEU A 98 -4.13 15.24 6.35
CA LEU A 98 -5.19 16.17 5.91
C LEU A 98 -5.54 15.97 4.43
N ASP A 99 -4.65 15.33 3.68
CA ASP A 99 -4.91 15.00 2.27
C ASP A 99 -5.81 13.78 2.12
N LYS A 100 -5.77 12.90 3.13
CA LYS A 100 -6.64 11.72 3.19
C LYS A 100 -8.07 12.12 3.55
N VAL A 101 -8.22 13.00 4.54
CA VAL A 101 -9.55 13.40 4.99
C VAL A 101 -10.28 14.25 3.94
N ILE A 102 -9.53 15.08 3.21
CA ILE A 102 -10.10 15.89 2.13
C ILE A 102 -10.55 14.99 0.98
N ALA A 103 -9.90 13.83 0.86
CA ALA A 103 -10.28 12.83 -0.15
C ALA A 103 -11.58 12.11 0.22
N ASP A 104 -11.65 11.58 1.44
CA ASP A 104 -12.82 10.84 1.91
C ASP A 104 -14.06 11.72 2.03
N LYS A 105 -13.93 12.80 2.79
CA LYS A 105 -15.03 13.75 3.02
C LYS A 105 -15.72 14.13 1.70
N VAL A 106 -14.93 14.45 0.68
CA VAL A 106 -15.46 14.82 -0.64
C VAL A 106 -15.86 13.59 -1.47
N LEU A 107 -15.18 12.47 -1.27
CA LEU A 107 -15.49 11.25 -2.01
C LEU A 107 -16.74 10.54 -1.48
N ALA A 108 -16.93 10.59 -0.16
CA ALA A 108 -18.13 10.03 0.46
C ALA A 108 -19.35 10.96 0.31
N MET A 109 -19.11 12.21 -0.10
CA MET A 109 -20.18 13.15 -0.45
C MET A 109 -21.04 12.52 -1.55
N ALA A 110 -20.37 11.81 -2.44
CA ALA A 110 -21.02 10.91 -3.40
C ALA A 110 -21.46 9.67 -2.63
N GLN A 111 -22.78 9.47 -2.57
CA GLN A 111 -23.37 8.43 -1.71
C GLN A 111 -22.92 7.03 -2.11
N GLY A 112 -22.80 6.78 -3.41
CA GLY A 112 -22.42 5.48 -3.91
C GLY A 112 -22.56 5.38 -5.42
N LYS A 113 -22.49 6.53 -6.08
CA LYS A 113 -22.71 6.62 -7.52
C LYS A 113 -21.42 6.85 -8.28
N MET A 114 -21.19 6.04 -9.31
CA MET A 114 -19.99 6.16 -10.16
C MET A 114 -20.01 7.42 -11.03
N SER A 115 -21.21 7.86 -11.41
CA SER A 115 -21.38 9.12 -12.15
C SER A 115 -20.79 10.30 -11.39
N VAL A 116 -21.08 10.37 -10.10
CA VAL A 116 -20.60 11.45 -9.24
C VAL A 116 -19.39 11.01 -8.39
N ALA A 117 -18.81 9.86 -8.77
CA ALA A 117 -17.60 9.35 -8.12
C ALA A 117 -16.35 9.91 -8.80
N VAL A 118 -16.21 9.62 -10.09
CA VAL A 118 -15.06 10.07 -10.88
C VAL A 118 -15.07 11.58 -11.11
N PHE A 119 -16.27 12.15 -11.21
CA PHE A 119 -16.44 13.60 -11.34
C PHE A 119 -16.01 14.35 -10.07
N MET A 120 -16.07 13.64 -8.95
CA MET A 120 -15.54 14.15 -7.69
C MET A 120 -14.09 13.69 -7.45
N LEU A 121 -13.59 12.80 -8.29
CA LEU A 121 -12.18 12.43 -8.26
C LEU A 121 -11.32 13.45 -8.98
N PHE A 122 -11.82 13.96 -10.10
CA PHE A 122 -11.10 14.97 -10.87
C PHE A 122 -11.04 16.30 -10.12
N GLY A 123 -12.15 16.67 -9.50
CA GLY A 123 -12.23 17.89 -8.70
C GLY A 123 -11.32 17.88 -7.49
N VAL A 124 -11.10 16.70 -6.92
CA VAL A 124 -10.21 16.53 -5.77
C VAL A 124 -8.75 16.48 -6.21
N THR A 125 -8.46 15.74 -7.27
CA THR A 125 -7.10 15.68 -7.81
C THR A 125 -6.59 17.08 -8.14
N ALA A 126 -7.43 17.88 -8.80
CA ALA A 126 -7.08 19.24 -9.19
C ALA A 126 -6.94 20.18 -7.99
N LEU A 127 -7.87 20.09 -7.04
CA LEU A 127 -7.81 20.91 -5.83
C LEU A 127 -6.59 20.57 -4.98
N LEU A 128 -6.32 19.27 -4.81
CA LEU A 128 -5.15 18.81 -4.09
C LEU A 128 -3.87 19.18 -4.81
N SER A 129 -3.93 19.21 -6.14
CA SER A 129 -2.76 19.53 -6.95
C SER A 129 -2.27 20.97 -6.76
N MET A 130 -3.23 21.89 -6.57
CA MET A 130 -2.93 23.33 -6.45
C MET A 130 -1.83 23.66 -5.46
N TRP A 131 -1.60 22.79 -4.49
CA TRP A 131 -0.75 23.11 -3.37
C TRP A 131 0.38 22.13 -3.18
N ILE A 132 0.22 20.93 -3.72
CA ILE A 132 1.13 19.82 -3.41
C ILE A 132 2.23 19.65 -4.45
N SER A 133 1.85 19.24 -5.66
CA SER A 133 2.79 18.87 -6.72
C SER A 133 1.97 18.26 -7.84
N ASN A 134 2.60 17.87 -8.94
CA ASN A 134 1.89 17.11 -9.96
C ASN A 134 2.12 15.62 -9.80
N THR A 135 3.40 15.24 -9.74
CA THR A 135 3.81 13.85 -9.55
C THR A 135 3.36 13.29 -8.22
N ALA A 136 3.43 14.09 -7.17
CA ALA A 136 2.99 13.66 -5.85
C ALA A 136 1.48 13.43 -5.80
N THR A 137 0.73 14.33 -6.43
CA THR A 137 -0.73 14.25 -6.46
C THR A 137 -1.19 13.09 -7.33
N ALA A 138 -0.41 12.75 -8.36
CA ALA A 138 -0.72 11.60 -9.22
C ALA A 138 -0.52 10.26 -8.52
N ALA A 139 0.67 10.06 -7.93
CA ALA A 139 0.98 8.82 -7.22
C ALA A 139 0.11 8.63 -5.98
N MET A 140 -0.29 9.74 -5.36
CA MET A 140 -1.20 9.70 -4.21
C MET A 140 -2.64 9.38 -4.64
N MET A 141 -3.02 9.78 -5.85
CA MET A 141 -4.38 9.52 -6.35
C MET A 141 -4.60 8.12 -6.92
N LEU A 142 -3.54 7.48 -7.42
CA LEU A 142 -3.65 6.20 -8.11
C LEU A 142 -4.40 5.08 -7.34
N PRO A 143 -3.98 4.78 -6.09
CA PRO A 143 -4.71 3.76 -5.32
C PRO A 143 -6.18 4.10 -5.07
N LEU A 144 -6.47 5.39 -4.89
CA LEU A 144 -7.83 5.87 -4.63
C LEU A 144 -8.69 5.78 -5.88
N VAL A 145 -8.05 5.79 -7.05
CA VAL A 145 -8.75 5.63 -8.33
C VAL A 145 -9.01 4.15 -8.61
N LEU A 146 -7.99 3.31 -8.42
CA LEU A 146 -8.11 1.86 -8.59
C LEU A 146 -9.04 1.24 -7.54
N GLY A 147 -9.14 1.89 -6.39
CA GLY A 147 -10.08 1.49 -5.35
C GLY A 147 -11.51 1.58 -5.85
N VAL A 148 -11.86 2.75 -6.40
CA VAL A 148 -13.21 3.00 -6.92
C VAL A 148 -13.52 2.13 -8.14
N LEU A 149 -12.55 2.05 -9.06
CA LEU A 149 -12.72 1.30 -10.30
C LEU A 149 -12.49 -0.20 -10.11
N SER A 150 -13.15 -0.76 -9.11
CA SER A 150 -13.03 -2.17 -8.78
C SER A 150 -14.41 -2.83 -8.71
N LYS A 151 -15.46 -2.00 -8.67
CA LYS A 151 -16.84 -2.49 -8.78
C LYS A 151 -17.21 -2.72 -10.25
N VAL A 152 -16.95 -1.72 -11.10
CA VAL A 152 -16.94 -1.93 -12.56
C VAL A 152 -15.54 -2.42 -12.89
N ASP A 153 -15.30 -3.67 -12.50
CA ASP A 153 -13.98 -4.30 -12.55
C ASP A 153 -13.66 -4.83 -13.93
N ALA A 154 -14.70 -5.30 -14.64
CA ALA A 154 -14.55 -5.83 -16.00
C ALA A 154 -13.65 -4.90 -16.80
N ASP A 155 -12.42 -5.35 -17.05
CA ASP A 155 -11.45 -4.57 -17.83
C ASP A 155 -11.55 -4.90 -19.32
N LYS A 156 -12.45 -5.83 -19.65
CA LYS A 156 -12.95 -5.95 -21.01
C LYS A 156 -13.85 -4.75 -21.25
N GLN A 157 -14.41 -4.23 -20.16
CA GLN A 157 -15.06 -2.92 -20.13
C GLN A 157 -14.00 -1.86 -19.70
N ARG A 158 -13.06 -1.59 -20.62
CA ARG A 158 -11.91 -0.70 -20.40
C ARG A 158 -12.25 0.78 -20.31
N SER A 159 -13.00 1.27 -21.29
CA SER A 159 -13.25 2.70 -21.47
C SER A 159 -14.06 3.36 -20.34
N THR A 160 -14.61 2.55 -19.45
CA THR A 160 -15.20 3.04 -18.20
C THR A 160 -14.05 3.39 -17.24
N TYR A 161 -12.97 2.63 -17.34
CA TYR A 161 -11.87 2.66 -16.36
C TYR A 161 -10.57 3.23 -16.97
N VAL A 162 -10.67 3.75 -18.19
CA VAL A 162 -9.58 4.50 -18.84
C VAL A 162 -9.87 6.00 -18.83
N PHE A 163 -11.15 6.35 -18.88
CA PHE A 163 -11.61 7.73 -18.76
C PHE A 163 -11.30 8.24 -17.36
N VAL A 164 -11.40 7.35 -16.37
CA VAL A 164 -11.15 7.71 -14.98
C VAL A 164 -9.66 7.80 -14.65
N LEU A 165 -8.83 7.03 -15.35
CA LEU A 165 -7.38 7.06 -15.12
C LEU A 165 -6.71 8.26 -15.78
N LEU A 166 -6.97 8.43 -17.07
CA LEU A 166 -6.42 9.52 -17.85
C LEU A 166 -6.99 10.85 -17.39
N GLY A 167 -8.13 10.79 -16.71
CA GLY A 167 -8.80 11.97 -16.21
C GLY A 167 -8.02 12.62 -15.09
N VAL A 168 -7.65 11.84 -14.09
CA VAL A 168 -6.87 12.35 -12.95
C VAL A 168 -5.45 12.73 -13.37
N ALA A 169 -4.90 12.00 -14.35
CA ALA A 169 -3.58 12.28 -14.88
C ALA A 169 -3.50 13.70 -15.41
N TYR A 170 -4.56 14.14 -16.07
CA TYR A 170 -4.64 15.49 -16.60
C TYR A 170 -5.02 16.47 -15.51
N SER A 171 -5.96 16.06 -14.67
CA SER A 171 -6.43 16.90 -13.56
C SER A 171 -5.30 17.33 -12.63
N ALA A 172 -4.27 16.49 -12.55
CA ALA A 172 -3.08 16.78 -11.75
C ALA A 172 -2.19 17.82 -12.44
N SER A 173 -2.15 17.77 -13.77
CA SER A 173 -1.37 18.74 -14.54
C SER A 173 -2.10 20.09 -14.64
N ILE A 174 -3.42 20.06 -14.85
CA ILE A 174 -4.24 21.28 -14.96
C ILE A 174 -4.42 21.98 -13.61
N GLY A 175 -4.44 21.18 -12.54
CA GLY A 175 -4.48 21.73 -11.18
C GLY A 175 -3.20 22.44 -10.79
N GLY A 176 -2.11 22.13 -11.50
CA GLY A 176 -0.81 22.75 -11.27
C GLY A 176 -0.76 24.18 -11.74
N ILE A 177 -1.60 24.48 -12.73
CA ILE A 177 -1.64 25.79 -13.37
C ILE A 177 -2.47 26.79 -12.56
N ALA A 178 -2.95 26.38 -11.39
CA ALA A 178 -3.79 27.25 -10.59
C ALA A 178 -3.01 28.35 -9.85
N THR A 179 -1.92 27.97 -9.20
CA THR A 179 -1.17 28.89 -8.33
C THR A 179 0.35 28.80 -8.50
N LEU A 180 1.06 29.76 -7.89
CA LEU A 180 2.52 29.87 -8.01
C LEU A 180 3.28 28.64 -7.46
N VAL A 181 2.84 28.14 -6.31
CA VAL A 181 3.26 26.82 -5.87
C VAL A 181 2.36 25.85 -6.61
N GLY A 182 2.89 24.70 -6.99
CA GLY A 182 2.08 23.71 -7.67
C GLY A 182 2.81 22.98 -8.78
N SER A 183 3.60 23.72 -9.54
CA SER A 183 4.45 23.14 -10.56
C SER A 183 5.60 24.09 -10.87
N PRO A 184 6.84 23.56 -10.94
CA PRO A 184 8.02 24.39 -11.12
C PRO A 184 7.97 25.42 -12.26
N PRO A 185 7.39 25.06 -13.45
CA PRO A 185 7.33 26.09 -14.51
C PRO A 185 6.78 27.43 -14.03
N ASN A 186 5.69 27.36 -13.26
CA ASN A 186 5.04 28.55 -12.73
C ASN A 186 5.99 29.38 -11.88
N ALA A 187 6.77 28.70 -11.04
CA ALA A 187 7.77 29.36 -10.21
C ALA A 187 8.88 29.97 -11.06
N ILE A 188 9.30 29.26 -12.12
CA ILE A 188 10.36 29.77 -12.98
C ILE A 188 9.92 31.09 -13.62
N ALA A 189 8.68 31.12 -14.12
CA ALA A 189 8.09 32.33 -14.67
C ALA A 189 8.06 33.47 -13.65
N ALA A 190 7.67 33.14 -12.42
CA ALA A 190 7.60 34.14 -11.36
C ALA A 190 8.96 34.73 -11.03
N ALA A 191 9.99 33.89 -10.97
CA ALA A 191 11.34 34.32 -10.65
C ALA A 191 11.94 35.16 -11.76
N GLU A 192 11.63 34.80 -13.00
CA GLU A 192 12.12 35.51 -14.18
C GLU A 192 11.53 36.91 -14.30
N VAL A 193 10.23 37.04 -14.07
CA VAL A 193 9.59 38.33 -14.27
C VAL A 193 9.13 39.02 -12.97
N GLY A 194 9.41 38.38 -11.83
CA GLY A 194 9.10 38.95 -10.52
C GLY A 194 7.62 39.01 -10.15
N LEU A 195 6.91 37.90 -10.35
CA LEU A 195 5.49 37.82 -10.04
C LEU A 195 5.26 37.57 -8.56
N SER A 196 4.16 38.14 -8.04
CA SER A 196 3.71 37.81 -6.70
C SER A 196 2.81 36.58 -6.77
N PHE A 197 2.57 35.93 -5.63
CA PHE A 197 1.71 34.73 -5.60
C PHE A 197 0.33 35.03 -6.16
N THR A 198 -0.21 36.16 -5.72
CA THR A 198 -1.51 36.65 -6.15
C THR A 198 -1.53 37.09 -7.62
N ASP A 199 -0.37 37.45 -8.15
CA ASP A 199 -0.23 37.77 -9.58
C ASP A 199 -0.38 36.54 -10.48
N TRP A 200 0.26 35.43 -10.12
CA TRP A 200 0.21 34.22 -10.94
C TRP A 200 -1.11 33.50 -10.82
N MET A 201 -1.87 33.82 -9.77
CA MET A 201 -3.20 33.27 -9.59
C MET A 201 -4.25 34.02 -10.44
N LYS A 202 -4.06 35.32 -10.59
CA LYS A 202 -4.92 36.14 -11.46
C LYS A 202 -4.93 35.61 -12.90
N PHE A 203 -3.74 35.23 -13.39
CA PHE A 203 -3.60 34.55 -14.67
C PHE A 203 -4.07 33.10 -14.59
N GLY A 204 -3.35 32.31 -13.80
CA GLY A 204 -3.46 30.85 -13.81
C GLY A 204 -4.80 30.23 -13.44
N LEU A 205 -5.39 30.66 -12.33
CA LEU A 205 -6.63 30.06 -11.82
C LEU A 205 -7.80 30.09 -12.83
N PRO A 206 -8.11 31.27 -13.43
CA PRO A 206 -9.10 31.31 -14.51
C PRO A 206 -8.83 30.31 -15.64
N THR A 207 -7.56 30.09 -15.96
CA THR A 207 -7.17 29.13 -17.00
C THR A 207 -7.45 27.68 -16.58
N ALA A 208 -7.19 27.36 -15.32
CA ALA A 208 -7.50 26.02 -14.78
C ALA A 208 -9.01 25.82 -14.65
N MET A 209 -9.72 26.88 -14.26
CA MET A 209 -11.19 26.88 -14.19
C MET A 209 -11.78 26.52 -15.54
N MET A 210 -11.17 27.05 -16.60
CA MET A 210 -11.60 26.84 -17.97
C MET A 210 -11.17 25.48 -18.47
N MET A 211 -9.93 25.11 -18.16
CA MET A 211 -9.27 23.97 -18.82
C MET A 211 -9.75 22.60 -18.34
N LEU A 212 -10.01 22.48 -17.04
CA LEU A 212 -10.42 21.20 -16.46
C LEU A 212 -11.75 20.67 -17.03
N PRO A 213 -12.78 21.55 -17.15
CA PRO A 213 -14.01 21.12 -17.81
C PRO A 213 -13.76 20.73 -19.26
N MET A 214 -13.03 21.58 -19.98
CA MET A 214 -12.68 21.35 -21.38
C MET A 214 -11.92 20.04 -21.59
N ALA A 215 -11.14 19.63 -20.59
CA ALA A 215 -10.37 18.38 -20.67
C ALA A 215 -11.24 17.17 -20.40
N ILE A 216 -12.15 17.28 -19.44
CA ILE A 216 -13.09 16.20 -19.14
C ILE A 216 -14.08 16.03 -20.30
N ALA A 217 -14.59 17.15 -20.82
CA ALA A 217 -15.51 17.13 -21.96
C ALA A 217 -14.92 16.40 -23.17
N ILE A 218 -13.62 16.56 -23.39
CA ILE A 218 -12.94 15.89 -24.51
C ILE A 218 -12.70 14.39 -24.24
N LEU A 219 -12.33 14.06 -23.00
CA LEU A 219 -12.17 12.66 -22.58
C LEU A 219 -13.53 11.95 -22.58
N TYR A 220 -14.54 12.67 -22.10
CA TYR A 220 -15.92 12.21 -22.02
C TYR A 220 -16.44 11.88 -23.42
N PHE A 221 -16.38 12.87 -24.30
CA PHE A 221 -16.91 12.74 -25.65
C PHE A 221 -15.98 11.92 -26.55
N LEU A 222 -15.33 10.91 -25.96
CA LEU A 222 -14.70 9.86 -26.74
C LEU A 222 -15.35 8.50 -26.50
N LEU A 223 -14.92 7.75 -25.50
CA LEU A 223 -15.51 6.43 -25.27
C LEU A 223 -15.95 6.18 -23.81
N LYS A 224 -16.89 6.98 -23.32
CA LYS A 224 -17.33 6.85 -21.93
C LYS A 224 -18.64 6.07 -21.81
N PRO A 225 -18.63 4.96 -21.03
CA PRO A 225 -19.83 4.26 -20.59
C PRO A 225 -19.90 4.18 -19.06
N THR A 226 -19.80 5.34 -18.40
CA THR A 226 -19.63 5.40 -16.96
C THR A 226 -20.89 5.81 -16.20
N LEU A 227 -21.95 6.17 -16.93
CA LEU A 227 -23.24 6.53 -16.30
C LEU A 227 -23.85 5.34 -15.55
N ASN A 228 -23.12 4.21 -15.54
CA ASN A 228 -23.50 2.99 -14.84
C ASN A 228 -22.46 2.53 -13.82
N GLY A 229 -22.90 1.74 -12.84
CA GLY A 229 -22.02 1.19 -11.81
C GLY A 229 -22.44 1.58 -10.41
N MET A 230 -21.77 0.98 -9.42
CA MET A 230 -21.98 1.32 -8.00
C MET A 230 -20.66 1.46 -7.25
N PHE A 231 -20.74 1.93 -6.01
CA PHE A 231 -19.56 2.25 -5.22
C PHE A 231 -19.12 1.09 -4.33
N GLU A 232 -17.92 1.22 -3.76
CA GLU A 232 -17.46 0.35 -2.68
C GLU A 232 -16.55 1.15 -1.73
N LEU A 233 -17.17 1.89 -0.81
CA LEU A 233 -16.46 2.75 0.14
C LEU A 233 -15.68 1.94 1.19
N ASP A 234 -14.65 1.24 0.73
CA ASP A 234 -13.98 0.21 1.53
C ASP A 234 -12.61 0.64 2.09
N ARG A 235 -12.61 0.93 3.39
CA ARG A 235 -11.43 1.27 4.20
C ARG A 235 -11.91 2.02 5.44
N ALA A 236 -11.06 2.13 6.45
CA ALA A 236 -11.40 2.85 7.69
C ALA A 236 -11.71 4.31 7.43
N PRO A 237 -12.85 4.81 7.97
CA PRO A 237 -13.25 6.21 7.83
C PRO A 237 -12.26 7.17 8.51
N VAL A 238 -12.30 8.43 8.09
CA VAL A 238 -11.38 9.46 8.61
C VAL A 238 -12.03 10.36 9.67
N ASN A 239 -11.20 11.05 10.44
CA ASN A 239 -11.66 11.92 11.53
C ASN A 239 -10.59 12.94 11.98
N TRP A 240 -10.98 14.21 12.04
CA TRP A 240 -10.07 15.31 12.41
C TRP A 240 -9.45 15.08 13.79
N ASP A 241 -8.16 14.75 13.82
CA ASP A 241 -7.43 14.48 15.08
C ASP A 241 -6.67 15.69 15.64
N LYS A 242 -5.49 15.46 16.24
CA LYS A 242 -4.69 16.52 16.85
C LYS A 242 -4.36 17.66 15.88
N GLY A 243 -5.28 18.62 15.80
CA GLY A 243 -5.15 19.76 14.91
C GLY A 243 -4.79 19.45 13.48
N LYS A 244 -5.57 18.58 12.84
CA LYS A 244 -5.63 18.59 11.39
C LYS A 244 -6.30 19.92 11.09
N VAL A 245 -7.06 20.38 12.08
CA VAL A 245 -7.68 21.70 12.10
C VAL A 245 -6.61 22.78 12.24
N VAL A 246 -5.53 22.45 12.95
CA VAL A 246 -4.38 23.35 13.10
C VAL A 246 -3.57 23.46 11.79
N THR A 247 -3.25 22.32 11.19
CA THR A 247 -2.61 22.32 9.87
C THR A 247 -3.50 23.07 8.87
N LEU A 248 -4.80 22.80 8.89
CA LEU A 248 -5.76 23.54 8.06
C LEU A 248 -5.76 25.02 8.45
N GLY A 249 -5.63 25.29 9.74
CA GLY A 249 -5.60 26.65 10.26
C GLY A 249 -4.42 27.44 9.73
N ILE A 250 -3.23 26.89 9.86
CA ILE A 250 -2.00 27.51 9.34
C ILE A 250 -2.10 27.66 7.83
N PHE A 251 -2.41 26.55 7.15
CA PHE A 251 -2.60 26.51 5.69
C PHE A 251 -3.54 27.61 5.22
N GLY A 252 -4.71 27.69 5.85
CA GLY A 252 -5.71 28.71 5.54
C GLY A 252 -5.19 30.12 5.72
N LEU A 253 -4.59 30.38 6.88
CA LEU A 253 -3.96 31.66 7.17
C LEU A 253 -2.91 32.02 6.12
N THR A 254 -2.03 31.05 5.83
CA THR A 254 -0.96 31.20 4.84
C THR A 254 -1.52 31.59 3.47
N VAL A 255 -2.52 30.84 3.00
CA VAL A 255 -3.17 31.10 1.72
C VAL A 255 -3.87 32.46 1.75
N PHE A 256 -4.51 32.77 2.87
CA PHE A 256 -5.18 34.05 3.06
C PHE A 256 -4.21 35.22 2.87
N LEU A 257 -3.06 35.13 3.53
CA LEU A 257 -2.03 36.16 3.44
C LEU A 257 -1.43 36.26 2.04
N TRP A 258 -1.33 35.12 1.36
CA TRP A 258 -0.80 35.09 -0.01
C TRP A 258 -1.70 35.83 -0.98
N ILE A 259 -3.01 35.66 -0.79
CA ILE A 259 -4.01 36.32 -1.62
C ILE A 259 -4.07 37.80 -1.31
N PHE A 260 -4.21 38.13 -0.04
CA PHE A 260 -4.34 39.51 0.40
C PHE A 260 -2.99 40.19 0.61
N SER A 261 -1.94 39.64 -0.01
CA SER A 261 -0.56 40.13 0.19
C SER A 261 -0.38 41.59 -0.16
N SER A 262 -1.01 42.02 -1.26
CA SER A 262 -0.89 43.39 -1.76
C SER A 262 -1.29 44.46 -0.71
N PRO A 263 -2.54 44.43 -0.21
CA PRO A 263 -2.96 45.45 0.77
C PRO A 263 -2.38 45.24 2.17
N ILE A 264 -2.15 43.99 2.56
CA ILE A 264 -1.55 43.67 3.86
C ILE A 264 -0.11 44.21 3.92
N ASN A 265 0.68 43.89 2.90
CA ASN A 265 2.04 44.36 2.81
C ASN A 265 2.12 45.89 2.66
N ALA A 266 1.31 46.44 1.76
CA ALA A 266 1.24 47.88 1.57
C ALA A 266 0.91 48.59 2.88
N ALA A 267 -0.08 48.05 3.60
CA ALA A 267 -0.46 48.59 4.92
C ALA A 267 0.37 47.98 6.05
N LEU A 268 1.63 47.67 5.75
CA LEU A 268 2.58 47.19 6.74
C LEU A 268 3.92 47.91 6.59
N GLY A 269 4.02 48.74 5.55
CA GLY A 269 5.26 49.46 5.23
C GLY A 269 5.93 49.00 3.96
N GLY A 270 5.36 47.97 3.33
CA GLY A 270 5.83 47.45 2.06
C GLY A 270 7.16 46.71 2.14
N PHE A 271 7.14 45.55 2.81
CA PHE A 271 8.31 44.66 2.83
C PHE A 271 8.55 44.07 1.44
N LYS A 272 9.78 43.64 1.18
CA LYS A 272 10.22 43.40 -0.19
C LYS A 272 9.56 42.22 -0.94
N SER A 273 9.85 40.98 -0.55
CA SER A 273 9.20 39.83 -1.18
C SER A 273 8.19 39.19 -0.24
N PHE A 274 7.14 39.95 0.05
CA PHE A 274 6.17 39.60 1.09
C PHE A 274 5.68 38.16 1.01
N ASP A 275 5.52 37.65 -0.21
CA ASP A 275 5.04 36.29 -0.42
C ASP A 275 6.03 35.25 0.07
N THR A 276 7.31 35.51 -0.16
CA THR A 276 8.40 34.65 0.34
C THR A 276 8.46 34.67 1.87
N LEU A 277 8.29 35.86 2.46
CA LEU A 277 8.18 36.00 3.92
C LEU A 277 7.00 35.19 4.47
N VAL A 278 5.83 35.33 3.84
CA VAL A 278 4.67 34.53 4.20
C VAL A 278 5.02 33.04 4.15
N ALA A 279 5.69 32.62 3.08
CA ALA A 279 6.07 31.23 2.89
C ALA A 279 7.01 30.74 3.98
N LEU A 280 7.98 31.59 4.35
CA LEU A 280 8.89 31.26 5.43
C LEU A 280 8.17 31.28 6.77
N GLY A 281 7.20 32.19 6.89
CA GLY A 281 6.36 32.28 8.08
C GLY A 281 5.61 30.99 8.30
N ALA A 282 5.04 30.45 7.23
CA ALA A 282 4.40 29.15 7.28
C ALA A 282 5.34 28.07 7.83
N ILE A 283 6.58 27.99 7.32
CA ILE A 283 7.57 27.04 7.83
C ILE A 283 7.79 27.17 9.34
N LEU A 284 7.69 28.40 9.85
CA LEU A 284 7.84 28.65 11.29
C LEU A 284 6.58 28.28 12.09
N MET A 285 5.43 28.81 11.66
CA MET A 285 4.13 28.52 12.30
C MET A 285 3.89 27.02 12.38
N LEU A 286 4.24 26.29 11.32
CA LEU A 286 4.10 24.84 11.29
C LEU A 286 5.05 24.13 12.26
N SER A 287 6.17 24.77 12.60
CA SER A 287 7.14 24.16 13.49
C SER A 287 6.91 24.52 14.96
N PHE A 288 6.55 25.77 15.21
CA PHE A 288 6.20 26.22 16.54
C PHE A 288 4.93 25.48 17.00
N ALA A 289 3.92 25.42 16.14
CA ALA A 289 2.70 24.65 16.42
C ALA A 289 2.94 23.14 16.31
N ARG A 290 4.21 22.75 16.26
CA ARG A 290 4.64 21.35 16.38
C ARG A 290 4.02 20.35 15.39
N VAL A 291 3.20 20.84 14.46
CA VAL A 291 2.37 20.01 13.59
C VAL A 291 3.15 19.13 12.57
N VAL A 292 4.41 19.50 12.30
CA VAL A 292 5.28 18.76 11.38
C VAL A 292 6.76 18.92 11.76
N HIS A 293 7.51 17.82 11.72
CA HIS A 293 8.93 17.84 12.07
C HIS A 293 9.76 18.33 10.89
N TRP A 294 11.05 18.59 11.09
CA TRP A 294 11.87 19.06 9.96
C TRP A 294 12.27 17.94 9.00
N LYS A 295 12.69 16.78 9.53
CA LYS A 295 13.08 15.65 8.68
C LYS A 295 12.03 15.34 7.62
N GLU A 296 10.76 15.54 8.00
CA GLU A 296 9.60 15.42 7.11
C GLU A 296 9.65 16.39 5.92
N ILE A 297 9.95 17.66 6.19
CA ILE A 297 10.07 18.68 5.16
C ILE A 297 11.30 18.42 4.27
N GLN A 298 12.37 17.90 4.87
CA GLN A 298 13.59 17.58 4.12
C GLN A 298 13.39 16.41 3.16
N LYS A 299 12.50 15.47 3.50
CA LYS A 299 12.09 14.42 2.57
C LYS A 299 11.14 14.93 1.48
N THR A 300 10.10 15.66 1.89
CA THR A 300 9.12 16.25 0.95
C THR A 300 9.74 17.26 -0.04
N ALA A 301 10.69 18.06 0.44
CA ALA A 301 11.31 19.08 -0.38
C ALA A 301 12.06 18.48 -1.56
N ASP A 302 11.76 18.98 -2.75
CA ASP A 302 12.51 18.60 -3.95
C ASP A 302 13.61 19.62 -4.18
N TRP A 303 14.67 19.48 -3.39
CA TRP A 303 15.85 20.35 -3.47
C TRP A 303 16.44 20.39 -4.87
N GLY A 304 16.35 19.27 -5.58
CA GLY A 304 16.74 19.18 -6.99
C GLY A 304 16.07 20.26 -7.84
N VAL A 305 14.76 20.43 -7.63
CA VAL A 305 13.99 21.47 -8.29
C VAL A 305 14.43 22.86 -7.81
N LEU A 306 14.70 22.99 -6.51
CA LEU A 306 15.12 24.27 -5.94
C LEU A 306 16.44 24.76 -6.51
N LEU A 307 17.34 23.82 -6.78
CA LEU A 307 18.63 24.12 -7.44
C LEU A 307 18.43 24.45 -8.92
N LEU A 308 17.53 23.71 -9.57
CA LEU A 308 17.16 23.99 -10.97
C LEU A 308 16.73 25.44 -11.14
N PHE A 309 15.92 25.94 -10.21
CA PHE A 309 15.46 27.32 -10.23
C PHE A 309 16.60 28.31 -10.41
N GLY A 310 17.58 28.23 -9.50
CA GLY A 310 18.77 29.09 -9.50
C GLY A 310 19.61 28.95 -10.76
N GLY A 311 19.85 27.70 -11.18
CA GLY A 311 20.62 27.41 -12.40
C GLY A 311 20.03 28.01 -13.66
N GLY A 312 18.71 28.08 -13.72
CA GLY A 312 17.96 28.68 -14.81
C GLY A 312 17.98 30.20 -14.77
N LEU A 313 18.05 30.76 -13.57
CA LEU A 313 18.21 32.20 -13.43
C LEU A 313 19.61 32.59 -13.85
N CYS A 314 20.59 31.80 -13.40
CA CYS A 314 21.99 31.96 -13.79
C CYS A 314 22.10 32.03 -15.30
N LEU A 315 21.38 31.13 -15.98
CA LEU A 315 21.35 31.10 -17.44
C LEU A 315 20.77 32.37 -18.01
N SER A 316 19.58 32.75 -17.53
CA SER A 316 18.92 33.99 -17.94
C SER A 316 19.90 35.16 -17.92
N ASN A 317 20.64 35.29 -16.82
CA ASN A 317 21.67 36.32 -16.72
C ASN A 317 22.83 36.11 -17.67
N VAL A 318 23.22 34.86 -17.88
CA VAL A 318 24.31 34.57 -18.85
C VAL A 318 23.95 35.15 -20.21
N LEU A 319 22.69 35.01 -20.60
CA LEU A 319 22.17 35.54 -21.86
C LEU A 319 22.26 37.05 -21.96
N LYS A 320 21.87 37.76 -20.91
CA LYS A 320 21.98 39.22 -20.91
C LYS A 320 23.44 39.67 -20.96
N GLN A 321 24.24 39.20 -20.01
CA GLN A 321 25.65 39.57 -19.86
C GLN A 321 26.49 39.36 -21.11
N THR A 322 26.21 38.29 -21.85
CA THR A 322 26.94 38.01 -23.08
C THR A 322 26.30 38.72 -24.27
N GLY A 323 25.12 39.31 -24.04
CA GLY A 323 24.38 40.05 -25.06
C GLY A 323 23.68 39.17 -26.08
N THR A 324 23.62 37.88 -25.79
CA THR A 324 22.99 36.89 -26.66
C THR A 324 21.52 37.21 -26.79
N SER A 325 20.94 37.83 -25.75
CA SER A 325 19.54 38.23 -25.72
C SER A 325 19.26 39.27 -26.80
N VAL A 326 20.16 40.26 -26.88
CA VAL A 326 20.02 41.35 -27.83
C VAL A 326 20.34 40.86 -29.23
N PHE A 327 21.25 39.89 -29.33
CA PHE A 327 21.67 39.36 -30.62
C PHE A 327 20.53 38.59 -31.30
N LEU A 328 19.81 37.79 -30.51
CA LEU A 328 18.67 37.04 -31.02
C LEU A 328 17.53 37.98 -31.38
N ALA A 329 17.28 38.97 -30.52
CA ALA A 329 16.25 39.96 -30.79
C ALA A 329 16.51 40.66 -32.12
N ASN A 330 17.78 40.97 -32.40
CA ASN A 330 18.19 41.57 -33.67
C ASN A 330 17.94 40.63 -34.84
N ALA A 331 18.24 39.35 -34.63
CA ALA A 331 18.06 38.32 -35.65
C ALA A 331 16.59 38.04 -35.92
N LEU A 332 15.76 38.03 -34.88
CA LEU A 332 14.34 37.76 -35.03
C LEU A 332 13.56 39.02 -35.42
N SER A 333 14.24 40.17 -35.40
CA SER A 333 13.59 41.47 -35.60
C SER A 333 12.68 41.53 -36.83
N ASP A 334 13.19 41.04 -37.96
CA ASP A 334 12.43 41.07 -39.21
C ASP A 334 11.29 40.06 -39.19
N MET A 335 11.56 38.89 -38.65
CA MET A 335 10.58 37.82 -38.57
C MET A 335 9.38 38.22 -37.73
N VAL A 336 9.64 38.92 -36.63
CA VAL A 336 8.59 39.28 -35.68
C VAL A 336 7.81 40.53 -36.10
N SER A 337 8.44 41.40 -36.90
CA SER A 337 7.76 42.58 -37.41
C SER A 337 6.82 42.19 -38.55
N HIS A 338 7.20 41.13 -39.27
CA HIS A 338 6.36 40.55 -40.31
C HIS A 338 5.21 39.73 -39.71
N MET A 339 5.43 39.18 -38.52
CA MET A 339 4.41 38.41 -37.80
C MET A 339 3.54 39.31 -36.93
N GLY A 340 2.23 39.12 -36.99
CA GLY A 340 1.31 39.81 -36.08
C GLY A 340 1.50 39.30 -34.66
N ILE A 341 1.04 40.07 -33.67
CA ILE A 341 1.15 39.64 -32.26
C ILE A 341 0.34 38.37 -31.99
N PHE A 342 -0.77 38.21 -32.72
CA PHE A 342 -1.51 36.96 -32.72
C PHE A 342 -0.60 35.83 -33.20
N VAL A 343 -0.11 35.98 -34.43
CA VAL A 343 0.79 35.00 -35.07
C VAL A 343 1.90 34.55 -34.13
N VAL A 344 2.58 35.53 -33.51
CA VAL A 344 3.67 35.26 -32.59
C VAL A 344 3.22 34.36 -31.45
N ILE A 345 2.19 34.79 -30.72
CA ILE A 345 1.76 34.04 -29.54
C ILE A 345 1.09 32.71 -29.90
N LEU A 346 0.56 32.62 -31.12
CA LEU A 346 0.06 31.34 -31.61
C LEU A 346 1.22 30.39 -31.87
N VAL A 347 2.29 30.93 -32.47
CA VAL A 347 3.50 30.16 -32.74
C VAL A 347 4.19 29.76 -31.43
N VAL A 348 4.29 30.68 -30.48
CA VAL A 348 4.89 30.39 -29.18
C VAL A 348 4.07 29.28 -28.52
N ALA A 349 2.78 29.55 -28.33
CA ALA A 349 1.87 28.60 -27.67
C ALA A 349 1.92 27.21 -28.28
N THR A 350 1.86 27.13 -29.61
CA THR A 350 1.92 25.84 -30.31
C THR A 350 3.24 25.15 -30.04
N PHE A 351 4.33 25.90 -30.14
CA PHE A 351 5.66 25.34 -30.00
C PHE A 351 5.79 24.57 -28.69
N VAL A 352 5.58 25.25 -27.57
CA VAL A 352 5.73 24.64 -26.25
C VAL A 352 4.81 23.45 -26.05
N VAL A 353 3.52 23.64 -26.33
CA VAL A 353 2.50 22.62 -26.09
C VAL A 353 2.89 21.27 -26.70
N PHE A 354 3.58 21.32 -27.84
CA PHE A 354 4.03 20.11 -28.51
C PHE A 354 5.43 19.70 -28.07
N LEU A 355 6.29 20.69 -27.79
CA LEU A 355 7.62 20.41 -27.25
C LEU A 355 7.52 19.68 -25.90
N THR A 356 6.60 20.15 -25.05
CA THR A 356 6.44 19.60 -23.71
C THR A 356 6.01 18.13 -23.70
N GLU A 357 5.64 17.60 -24.86
CA GLU A 357 5.28 16.19 -24.97
C GLU A 357 6.54 15.35 -24.97
N PHE A 358 7.62 15.92 -25.50
CA PHE A 358 8.86 15.20 -25.67
C PHE A 358 9.75 15.25 -24.44
N ALA A 359 9.62 16.33 -23.64
CA ALA A 359 10.45 16.48 -22.43
C ALA A 359 9.68 16.97 -21.22
N SER A 360 10.28 16.76 -20.05
CA SER A 360 9.78 17.23 -18.74
C SER A 360 9.13 18.64 -18.82
N ASN A 361 8.05 18.84 -18.07
CA ASN A 361 7.42 20.16 -17.93
C ASN A 361 8.42 21.24 -17.53
N THR A 362 9.05 21.04 -16.38
CA THR A 362 9.98 22.02 -15.81
C THR A 362 11.19 22.18 -16.71
N ALA A 363 11.77 21.06 -17.15
CA ALA A 363 12.93 21.07 -18.06
C ALA A 363 12.70 21.91 -19.30
N SER A 364 11.44 21.94 -19.76
CA SER A 364 11.04 22.76 -20.90
C SER A 364 10.97 24.23 -20.53
N ALA A 365 10.31 24.53 -19.41
CA ALA A 365 10.24 25.90 -18.92
C ALA A 365 11.63 26.43 -18.55
N ALA A 366 12.46 25.58 -17.93
CA ALA A 366 13.83 25.96 -17.54
C ALA A 366 14.62 26.51 -18.71
N LEU A 367 14.40 25.93 -19.88
CA LEU A 367 15.06 26.35 -21.11
C LEU A 367 14.40 27.57 -21.73
N LEU A 368 13.08 27.54 -21.83
CA LEU A 368 12.40 28.50 -22.68
C LEU A 368 12.10 29.84 -22.04
N ILE A 369 11.68 29.85 -20.77
CA ILE A 369 11.34 31.12 -20.08
C ILE A 369 12.49 32.14 -20.15
N PRO A 370 13.75 31.71 -19.84
CA PRO A 370 14.85 32.67 -19.94
C PRO A 370 15.02 33.21 -21.36
N VAL A 371 15.23 32.32 -22.32
CA VAL A 371 15.42 32.71 -23.73
C VAL A 371 14.39 33.74 -24.20
N PHE A 372 13.12 33.46 -23.94
CA PHE A 372 12.04 34.33 -24.40
C PHE A 372 11.93 35.63 -23.62
N ALA A 373 11.82 35.53 -22.30
CA ALA A 373 11.69 36.72 -21.45
C ALA A 373 12.78 37.75 -21.72
N THR A 374 14.01 37.27 -21.91
CA THR A 374 15.15 38.16 -22.13
C THR A 374 15.11 38.81 -23.51
N VAL A 375 14.72 38.01 -24.51
CA VAL A 375 14.58 38.49 -25.88
C VAL A 375 13.41 39.50 -25.95
N ALA A 376 12.32 39.17 -25.26
CA ALA A 376 11.21 40.11 -25.05
C ALA A 376 11.67 41.45 -24.48
N GLU A 377 12.54 41.41 -23.49
CA GLU A 377 13.11 42.63 -22.90
C GLU A 377 13.99 43.39 -23.88
N ALA A 378 14.72 42.65 -24.72
CA ALA A 378 15.56 43.27 -25.74
C ALA A 378 14.69 44.03 -26.72
N PHE A 379 13.50 43.49 -27.02
CA PHE A 379 12.51 44.21 -27.83
C PHE A 379 11.83 45.34 -27.06
N GLY A 380 12.17 45.48 -25.77
CA GLY A 380 11.57 46.51 -24.92
C GLY A 380 10.09 46.26 -24.64
N MET A 381 9.67 45.00 -24.62
CA MET A 381 8.32 44.65 -24.18
C MET A 381 8.40 43.95 -22.82
N SER A 382 7.28 43.94 -22.10
CA SER A 382 7.19 43.28 -20.79
C SER A 382 7.33 41.76 -20.94
N PRO A 383 8.36 41.19 -20.29
CA PRO A 383 8.66 39.76 -20.41
C PRO A 383 7.62 38.87 -19.73
N VAL A 384 6.64 39.49 -19.08
CA VAL A 384 5.62 38.77 -18.30
C VAL A 384 4.75 37.87 -19.17
N LEU A 385 4.12 38.45 -20.19
CA LEU A 385 3.17 37.74 -21.02
C LEU A 385 3.75 36.44 -21.55
N LEU A 386 4.85 36.54 -22.27
CA LEU A 386 5.48 35.37 -22.87
C LEU A 386 5.86 34.32 -21.82
N SER A 387 6.39 34.78 -20.69
CA SER A 387 6.80 33.91 -19.59
C SER A 387 5.61 33.12 -19.02
N VAL A 388 4.58 33.84 -18.57
CA VAL A 388 3.36 33.20 -18.05
C VAL A 388 2.74 32.26 -19.09
N LEU A 389 2.77 32.67 -20.35
CA LEU A 389 2.29 31.82 -21.44
C LEU A 389 3.06 30.50 -21.47
N ILE A 390 4.38 30.58 -21.60
CA ILE A 390 5.24 29.38 -21.62
C ILE A 390 5.06 28.53 -20.35
N ALA A 391 4.93 29.19 -19.20
CA ALA A 391 4.71 28.52 -17.92
C ALA A 391 3.49 27.60 -17.95
N VAL A 392 2.40 28.13 -18.50
CA VAL A 392 1.16 27.38 -18.58
C VAL A 392 1.29 26.28 -19.62
N ALA A 393 1.78 26.66 -20.80
CA ALA A 393 1.89 25.75 -21.92
C ALA A 393 2.79 24.54 -21.65
N ALA A 394 3.83 24.73 -20.84
CA ALA A 394 4.73 23.62 -20.50
C ALA A 394 4.04 22.56 -19.65
N SER A 395 3.02 22.97 -18.91
CA SER A 395 2.20 22.07 -18.11
C SER A 395 1.03 21.47 -18.92
N CYS A 396 1.07 21.60 -20.24
CA CYS A 396 0.06 20.99 -21.10
C CYS A 396 0.59 19.75 -21.80
N ALA A 397 0.99 18.77 -21.00
CA ALA A 397 1.47 17.49 -21.53
C ALA A 397 0.35 16.45 -21.48
N PHE A 398 -0.22 16.16 -22.65
CA PHE A 398 -1.40 15.31 -22.71
C PHE A 398 -1.28 14.12 -23.65
N MET A 399 -0.31 14.16 -24.57
CA MET A 399 -0.17 13.09 -25.57
C MET A 399 0.42 11.80 -25.01
N LEU A 400 1.74 11.63 -25.08
CA LEU A 400 2.36 10.39 -24.63
C LEU A 400 2.73 10.44 -23.12
N PRO A 401 3.18 9.30 -22.54
CA PRO A 401 3.84 9.42 -21.24
C PRO A 401 5.23 10.03 -21.46
N VAL A 402 6.15 9.89 -20.50
CA VAL A 402 7.48 10.53 -20.59
C VAL A 402 7.35 12.06 -20.72
N ALA A 403 6.19 12.52 -21.16
CA ALA A 403 5.86 13.95 -21.19
C ALA A 403 5.85 14.52 -19.77
N THR A 404 5.21 13.80 -18.86
CA THR A 404 5.13 14.17 -17.43
C THR A 404 5.07 12.85 -16.67
N PRO A 405 5.61 12.82 -15.45
CA PRO A 405 5.38 11.64 -14.61
C PRO A 405 3.89 11.26 -14.40
N PRO A 406 2.99 12.24 -14.13
CA PRO A 406 1.55 11.92 -14.02
C PRO A 406 0.98 11.10 -15.17
N ASN A 407 1.53 11.27 -16.37
CA ASN A 407 1.15 10.44 -17.50
C ASN A 407 1.71 9.02 -17.38
N ALA A 408 3.00 8.93 -17.05
CA ALA A 408 3.66 7.63 -16.91
C ALA A 408 3.23 6.88 -15.65
N ILE A 409 2.55 7.56 -14.73
CA ILE A 409 2.02 6.95 -13.50
C ILE A 409 0.72 6.17 -13.77
N VAL A 410 -0.21 6.78 -14.49
CA VAL A 410 -1.47 6.10 -14.86
C VAL A 410 -1.25 5.12 -16.02
N PHE A 411 -0.05 5.12 -16.58
CA PHE A 411 0.30 4.28 -17.70
C PHE A 411 0.82 2.91 -17.24
N ALA A 412 1.70 2.92 -16.24
CA ALA A 412 2.23 1.69 -15.64
C ALA A 412 1.11 0.82 -15.06
N SER A 413 -0.09 1.38 -14.99
CA SER A 413 -1.31 0.68 -14.59
C SER A 413 -1.65 -0.43 -15.59
N GLY A 414 -0.67 -0.81 -16.40
CA GLY A 414 -0.77 -1.90 -17.36
C GLY A 414 -2.17 -2.11 -17.90
N HIS A 415 -2.71 -1.07 -18.52
CA HIS A 415 -4.08 -1.13 -19.02
C HIS A 415 -4.31 -0.19 -20.20
N ILE A 416 -3.87 1.07 -20.06
CA ILE A 416 -4.09 2.06 -21.11
C ILE A 416 -3.09 1.90 -22.26
N LYS A 417 -3.61 1.93 -23.49
CA LYS A 417 -2.79 1.74 -24.69
C LYS A 417 -2.12 3.03 -25.12
N GLN A 418 -0.92 2.89 -25.68
CA GLN A 418 -0.14 4.02 -26.19
C GLN A 418 -0.96 4.89 -27.14
N SER A 419 -1.60 4.23 -28.10
CA SER A 419 -2.38 4.89 -29.15
C SER A 419 -3.53 5.71 -28.59
N GLU A 420 -4.20 5.16 -27.58
CA GLU A 420 -5.39 5.77 -27.01
C GLU A 420 -5.08 7.17 -26.47
N MET A 421 -4.16 7.25 -25.51
CA MET A 421 -3.77 8.53 -24.90
C MET A 421 -3.26 9.52 -25.94
N MET A 422 -2.47 9.01 -26.88
CA MET A 422 -1.86 9.84 -27.91
C MET A 422 -2.83 10.65 -28.76
N ARG A 423 -4.09 10.22 -28.83
CA ARG A 423 -5.07 10.91 -29.68
C ARG A 423 -6.06 11.78 -28.90
N VAL A 424 -6.26 11.48 -27.62
CA VAL A 424 -7.02 12.38 -26.76
C VAL A 424 -6.13 13.59 -26.50
N GLY A 425 -4.84 13.32 -26.32
CA GLY A 425 -3.84 14.36 -26.11
C GLY A 425 -3.63 15.24 -27.32
N LEU A 426 -3.68 14.64 -28.51
CA LEU A 426 -3.55 15.39 -29.75
C LEU A 426 -4.70 16.37 -29.93
N TYR A 427 -5.88 15.98 -29.45
CA TYR A 427 -7.05 16.85 -29.47
C TYR A 427 -6.94 17.93 -28.40
N LEU A 428 -6.68 17.50 -27.16
CA LEU A 428 -6.58 18.42 -26.03
C LEU A 428 -5.49 19.47 -26.22
N ASN A 429 -4.39 19.08 -26.87
CA ASN A 429 -3.29 20.01 -27.19
C ASN A 429 -3.76 21.16 -28.08
N ILE A 430 -4.45 20.82 -29.17
CA ILE A 430 -5.02 21.81 -30.07
C ILE A 430 -6.09 22.64 -29.35
N ALA A 431 -6.95 21.94 -28.61
CA ALA A 431 -7.96 22.58 -27.77
C ALA A 431 -7.33 23.62 -26.85
N CYS A 432 -6.19 23.27 -26.27
CA CYS A 432 -5.47 24.18 -25.38
C CYS A 432 -4.88 25.38 -26.10
N ILE A 433 -4.13 25.12 -27.18
CA ILE A 433 -3.51 26.20 -27.97
C ILE A 433 -4.56 27.26 -28.33
N GLY A 434 -5.79 26.81 -28.56
CA GLY A 434 -6.91 27.73 -28.74
C GLY A 434 -7.16 28.57 -27.50
N LEU A 435 -7.52 27.89 -26.42
CA LEU A 435 -7.80 28.55 -25.14
C LEU A 435 -6.69 29.48 -24.66
N LEU A 436 -5.43 29.05 -24.79
CA LEU A 436 -4.30 29.88 -24.37
C LEU A 436 -4.17 31.14 -25.22
N THR A 437 -4.00 30.95 -26.53
CA THR A 437 -3.93 32.07 -27.48
C THR A 437 -5.14 33.00 -27.28
N ALA A 438 -6.30 32.39 -27.03
CA ALA A 438 -7.52 33.13 -26.70
C ALA A 438 -7.33 34.00 -25.46
N ILE A 439 -7.02 33.35 -24.33
CA ILE A 439 -6.85 34.05 -23.05
C ILE A 439 -5.67 35.02 -23.09
N ALA A 440 -4.60 34.63 -23.79
CA ALA A 440 -3.42 35.49 -23.94
C ALA A 440 -3.74 36.74 -24.76
N MET A 441 -4.68 36.62 -25.69
CA MET A 441 -5.16 37.76 -26.42
C MET A 441 -6.01 38.66 -25.51
N LEU A 442 -6.88 38.04 -24.72
CA LEU A 442 -7.79 38.75 -23.80
C LEU A 442 -7.04 39.57 -22.74
N PHE A 443 -6.06 38.94 -22.09
CA PHE A 443 -5.20 39.62 -21.11
C PHE A 443 -4.10 40.40 -21.82
N TRP A 444 -4.51 41.38 -22.63
CA TRP A 444 -3.57 42.27 -23.31
C TRP A 444 -3.87 43.72 -22.91
N GLN A 445 -5.15 44.12 -23.02
CA GLN A 445 -5.63 45.43 -22.58
C GLN A 445 -7.04 45.33 -22.00
N LEU B 1 1.70 23.66 25.73
CA LEU B 1 1.63 22.55 26.73
C LEU B 1 2.97 21.80 26.86
N HIS B 2 3.72 21.74 25.77
CA HIS B 2 5.00 21.02 25.74
C HIS B 2 6.16 21.84 26.35
N ARG B 3 7.23 21.15 26.75
CA ARG B 3 8.45 21.76 27.29
C ARG B 3 9.01 22.85 26.38
N ASN B 4 9.23 22.48 25.11
CA ASN B 4 9.85 23.35 24.14
C ASN B 4 9.00 24.55 23.75
N SER B 5 7.68 24.35 23.67
CA SER B 5 6.74 25.46 23.46
C SER B 5 6.86 26.53 24.54
N LEU B 6 7.14 26.08 25.76
CA LEU B 6 7.35 26.98 26.90
C LEU B 6 8.69 27.70 26.79
N ILE B 7 9.75 26.95 26.49
CA ILE B 7 11.07 27.53 26.23
C ILE B 7 10.94 28.65 25.20
N VAL B 8 10.24 28.35 24.12
CA VAL B 8 9.97 29.33 23.06
C VAL B 8 9.18 30.52 23.58
N LEU B 9 8.08 30.27 24.31
CA LEU B 9 7.27 31.34 24.89
C LEU B 9 8.06 32.19 25.89
N ALA B 10 8.87 31.53 26.71
CA ALA B 10 9.79 32.20 27.63
C ALA B 10 10.78 33.09 26.88
N ASP B 11 11.29 32.58 25.77
CA ASP B 11 12.24 33.30 24.93
C ASP B 11 11.61 34.55 24.32
N VAL B 12 10.39 34.38 23.80
CA VAL B 12 9.58 35.50 23.29
C VAL B 12 9.38 36.58 24.37
N ALA B 13 9.08 36.15 25.59
CA ALA B 13 9.02 37.06 26.73
C ALA B 13 10.38 37.76 26.95
N LEU B 14 11.45 36.97 26.96
CA LEU B 14 12.81 37.49 27.18
C LEU B 14 13.15 38.59 26.18
N PHE B 15 12.86 38.31 24.90
CA PHE B 15 13.08 39.28 23.82
C PHE B 15 12.29 40.55 24.12
N LEU B 16 10.98 40.40 24.26
CA LEU B 16 10.07 41.51 24.55
C LEU B 16 10.54 42.36 25.72
N ALA B 17 11.10 41.68 26.73
CA ALA B 17 11.67 42.34 27.89
C ALA B 17 12.92 43.12 27.54
N LEU B 18 13.92 42.42 26.98
CA LEU B 18 15.17 43.04 26.56
C LEU B 18 14.94 44.19 25.58
N TYR B 19 13.99 44.02 24.68
CA TYR B 19 13.65 45.03 23.68
C TYR B 19 13.12 46.31 24.31
N HIS B 20 12.20 46.17 25.27
CA HIS B 20 11.56 47.34 25.88
C HIS B 20 12.31 47.91 27.08
N PHE B 21 13.36 47.23 27.52
CA PHE B 21 14.00 47.57 28.80
C PHE B 21 15.47 47.97 28.74
N LEU B 22 16.20 47.50 27.72
CA LEU B 22 17.60 47.89 27.57
C LEU B 22 17.71 49.39 27.22
N PRO B 23 18.73 50.07 27.77
CA PRO B 23 18.86 51.52 27.63
C PRO B 23 19.95 51.97 26.65
N PHE B 24 19.85 51.53 25.39
CA PHE B 24 20.86 51.87 24.40
C PHE B 24 20.25 52.43 23.12
N GLU B 25 21.11 52.96 22.25
CA GLU B 25 20.75 53.34 20.89
C GLU B 25 19.97 52.20 20.27
N HIS B 26 18.85 52.51 19.63
CA HIS B 26 17.86 51.51 19.22
C HIS B 26 18.41 50.27 18.52
N ASN B 27 19.35 50.47 17.59
CA ASN B 27 19.95 49.36 16.85
C ASN B 27 20.61 48.31 17.74
N VAL B 28 21.37 48.78 18.72
CA VAL B 28 22.07 47.89 19.65
C VAL B 28 21.08 47.07 20.46
N VAL B 29 19.99 47.72 20.91
CA VAL B 29 18.91 47.04 21.62
C VAL B 29 18.37 45.88 20.78
N LEU B 30 17.97 46.21 19.55
CA LEU B 30 17.43 45.23 18.61
C LEU B 30 18.41 44.09 18.37
N GLY B 31 19.66 44.44 18.11
CA GLY B 31 20.71 43.46 17.89
C GLY B 31 20.96 42.55 19.09
N ILE B 32 21.05 43.14 20.27
CA ILE B 32 21.24 42.39 21.51
C ILE B 32 20.04 41.47 21.75
N SER B 33 18.84 42.05 21.65
CA SER B 33 17.59 41.33 21.87
C SER B 33 17.48 40.12 20.93
N MET B 34 17.85 40.32 19.67
CA MET B 34 17.91 39.23 18.70
C MET B 34 18.97 38.21 19.08
N LEU B 35 20.19 38.68 19.34
CA LEU B 35 21.30 37.79 19.66
C LEU B 35 20.95 36.86 20.80
N ALA B 36 20.31 37.41 21.83
CA ALA B 36 19.84 36.64 22.98
C ALA B 36 18.80 35.61 22.57
N PHE B 37 17.81 36.05 21.79
CA PHE B 37 16.71 35.20 21.32
C PHE B 37 17.24 33.95 20.62
N ILE B 38 18.05 34.16 19.58
CA ILE B 38 18.63 33.08 18.78
C ILE B 38 19.56 32.20 19.63
N ALA B 39 20.39 32.83 20.47
CA ALA B 39 21.27 32.10 21.37
C ALA B 39 20.53 30.97 22.10
N VAL B 40 19.40 31.34 22.70
CA VAL B 40 18.52 30.42 23.41
C VAL B 40 18.02 29.31 22.49
N LEU B 41 17.41 29.68 21.38
CA LEU B 41 16.79 28.73 20.45
C LEU B 41 17.76 27.74 19.83
N TRP B 42 19.05 28.05 19.86
CA TRP B 42 20.05 27.13 19.30
C TRP B 42 20.69 26.27 20.36
N LEU B 43 20.82 26.82 21.56
CA LEU B 43 21.39 26.06 22.66
C LEU B 43 20.37 25.09 23.27
N THR B 44 19.13 25.55 23.42
CA THR B 44 18.04 24.70 23.89
C THR B 44 17.60 23.73 22.80
N GLU B 45 17.56 24.21 21.56
CA GLU B 45 17.01 23.43 20.43
C GLU B 45 15.51 23.16 20.62
N ALA B 46 14.83 24.15 21.20
CA ALA B 46 13.38 24.13 21.36
C ALA B 46 12.70 24.08 19.99
N LEU B 47 13.20 24.87 19.05
CA LEU B 47 12.90 24.70 17.65
C LEU B 47 14.13 24.03 17.01
N HIS B 48 13.92 23.36 15.88
CA HIS B 48 15.05 22.73 15.21
C HIS B 48 16.10 23.76 14.81
N VAL B 49 17.35 23.40 15.05
CA VAL B 49 18.53 24.12 14.54
C VAL B 49 18.28 24.85 13.21
N THR B 50 17.60 24.18 12.27
CA THR B 50 17.33 24.75 10.96
C THR B 50 16.16 25.73 10.96
N VAL B 51 15.10 25.41 11.69
CA VAL B 51 13.96 26.32 11.82
C VAL B 51 14.41 27.66 12.41
N THR B 52 15.30 27.60 13.42
CA THR B 52 15.87 28.79 14.04
C THR B 52 16.67 29.58 13.01
N ALA B 53 17.39 28.86 12.17
CA ALA B 53 18.23 29.48 11.15
C ALA B 53 17.39 30.24 10.13
N ILE B 54 16.23 29.68 9.79
CA ILE B 54 15.26 30.32 8.88
C ILE B 54 14.64 31.53 9.56
N LEU B 55 14.63 31.49 10.89
CA LEU B 55 14.07 32.57 11.68
C LEU B 55 14.91 33.84 11.62
N VAL B 56 16.21 33.68 11.39
CA VAL B 56 17.14 34.80 11.42
C VAL B 56 16.85 35.84 10.33
N PRO B 57 16.76 35.40 9.05
CA PRO B 57 16.46 36.37 8.00
C PRO B 57 15.09 36.99 8.19
N VAL B 58 14.10 36.16 8.51
CA VAL B 58 12.74 36.65 8.65
C VAL B 58 12.66 37.76 9.71
N MET B 59 13.42 37.61 10.80
CA MET B 59 13.51 38.67 11.80
C MET B 59 14.20 39.89 11.22
N ALA B 60 15.43 39.68 10.76
CA ALA B 60 16.26 40.72 10.15
C ALA B 60 15.41 41.58 9.22
N VAL B 61 14.67 40.92 8.34
CA VAL B 61 13.87 41.59 7.31
C VAL B 61 12.71 42.37 7.91
N PHE B 62 12.03 41.75 8.87
CA PHE B 62 10.87 42.38 9.47
C PHE B 62 11.26 43.57 10.32
N PHE B 63 12.39 43.45 11.03
CA PHE B 63 12.93 44.57 11.80
C PHE B 63 13.84 45.48 10.98
N GLY B 64 13.61 45.50 9.66
CA GLY B 64 14.29 46.42 8.75
C GLY B 64 15.81 46.48 8.79
N ILE B 65 16.45 45.46 9.35
CA ILE B 65 17.92 45.36 9.33
C ILE B 65 18.43 45.17 7.90
N PHE B 66 17.77 44.30 7.15
CA PHE B 66 18.11 44.06 5.74
C PHE B 66 16.84 44.01 4.89
N GLU B 67 17.02 44.01 3.57
CA GLU B 67 15.91 43.77 2.65
C GLU B 67 15.83 42.28 2.35
N THR B 68 14.62 41.78 2.08
CA THR B 68 14.37 40.33 2.01
C THR B 68 15.46 39.57 1.23
N GLN B 69 15.74 40.05 0.03
CA GLN B 69 16.68 39.39 -0.87
C GLN B 69 18.11 39.44 -0.36
N ALA B 70 18.50 40.59 0.16
CA ALA B 70 19.81 40.76 0.75
C ALA B 70 20.05 39.74 1.85
N ALA B 71 19.07 39.59 2.73
CA ALA B 71 19.17 38.64 3.86
C ALA B 71 19.21 37.20 3.35
N LEU B 72 18.47 36.94 2.28
CA LEU B 72 18.36 35.58 1.76
C LEU B 72 19.63 35.16 1.04
N ASN B 73 20.26 36.11 0.35
CA ASN B 73 21.50 35.86 -0.36
C ASN B 73 22.55 35.20 0.51
N ASN B 74 22.46 35.45 1.81
CA ASN B 74 23.30 34.80 2.80
C ASN B 74 23.36 33.29 2.63
N PHE B 75 22.32 32.74 2.01
CA PHE B 75 22.19 31.30 1.95
C PHE B 75 22.90 30.70 0.75
N ALA B 76 23.27 31.55 -0.22
CA ALA B 76 23.98 31.08 -1.40
C ALA B 76 25.50 31.28 -1.32
N ASN B 77 26.02 31.60 -0.13
CA ASN B 77 27.46 31.65 0.11
C ASN B 77 28.17 30.46 -0.52
N SER B 78 29.34 30.72 -1.11
CA SER B 78 30.12 29.69 -1.79
C SER B 78 30.49 28.46 -0.93
N ILE B 79 30.72 28.65 0.37
CA ILE B 79 31.06 27.52 1.28
C ILE B 79 29.94 26.49 1.35
N ILE B 80 28.70 26.97 1.39
CA ILE B 80 27.52 26.11 1.43
C ILE B 80 27.56 25.11 0.27
N PHE B 81 27.94 25.59 -0.92
CA PHE B 81 28.10 24.74 -2.09
C PHE B 81 29.33 23.83 -2.00
N LEU B 82 30.41 24.33 -1.38
CA LEU B 82 31.57 23.48 -1.15
C LEU B 82 31.17 22.32 -0.26
N PHE B 83 30.29 22.59 0.69
CA PHE B 83 29.84 21.54 1.60
C PHE B 83 28.86 20.59 0.92
N LEU B 84 28.09 21.10 -0.04
CA LEU B 84 27.22 20.23 -0.84
C LEU B 84 28.05 19.26 -1.67
N GLY B 85 29.18 19.74 -2.17
CA GLY B 85 30.16 18.88 -2.84
C GLY B 85 30.60 17.73 -1.94
N GLY B 86 30.82 18.03 -0.68
CA GLY B 86 31.20 17.02 0.31
C GLY B 86 30.14 15.94 0.46
N PHE B 87 28.88 16.38 0.53
CA PHE B 87 27.75 15.47 0.64
C PHE B 87 27.66 14.56 -0.57
N ALA B 88 27.88 15.11 -1.75
CA ALA B 88 27.81 14.35 -3.00
C ALA B 88 28.97 13.36 -3.08
N LEU B 89 30.15 13.81 -2.67
CA LEU B 89 31.33 12.97 -2.69
C LEU B 89 31.14 11.77 -1.76
N ALA B 90 30.53 12.00 -0.60
CA ALA B 90 30.23 10.94 0.35
C ALA B 90 29.11 10.04 -0.16
N ALA B 91 28.05 10.66 -0.69
CA ALA B 91 26.91 9.94 -1.27
C ALA B 91 27.37 8.87 -2.22
N ALA B 92 28.36 9.23 -3.04
CA ALA B 92 28.91 8.35 -4.05
C ALA B 92 29.60 7.13 -3.44
N MET B 93 30.60 7.39 -2.59
CA MET B 93 31.40 6.29 -2.06
C MET B 93 30.68 5.44 -1.01
N HIS B 94 29.52 5.90 -0.54
CA HIS B 94 28.68 5.05 0.30
C HIS B 94 27.85 4.10 -0.56
N HIS B 95 27.13 4.66 -1.52
CA HIS B 95 26.30 3.89 -2.46
C HIS B 95 27.14 2.95 -3.31
N GLN B 96 28.35 3.37 -3.64
CA GLN B 96 29.30 2.52 -4.37
C GLN B 96 29.84 1.42 -3.46
N GLY B 97 29.91 1.69 -2.17
CA GLY B 97 30.37 0.72 -1.19
C GLY B 97 31.86 0.83 -0.91
N LEU B 98 32.47 1.90 -1.39
CA LEU B 98 33.90 2.16 -1.19
C LEU B 98 34.26 2.32 0.30
N ASP B 99 33.25 2.63 1.12
CA ASP B 99 33.43 2.74 2.58
C ASP B 99 33.50 1.38 3.25
N LYS B 100 32.87 0.39 2.63
CA LYS B 100 32.92 -0.99 3.09
C LYS B 100 34.26 -1.62 2.79
N VAL B 101 34.77 -1.41 1.58
CA VAL B 101 36.04 -2.01 1.15
C VAL B 101 37.24 -1.42 1.91
N ILE B 102 37.18 -0.12 2.20
CA ILE B 102 38.21 0.55 2.99
C ILE B 102 38.19 0.02 4.43
N ALA B 103 37.03 -0.42 4.89
CA ALA B 103 36.88 -1.02 6.21
C ALA B 103 37.51 -2.42 6.28
N ASP B 104 37.14 -3.28 5.34
CA ASP B 104 37.62 -4.67 5.30
C ASP B 104 39.12 -4.75 5.02
N LYS B 105 39.54 -4.15 3.90
CA LYS B 105 40.95 -4.14 3.50
C LYS B 105 41.87 -3.77 4.67
N VAL B 106 41.51 -2.72 5.40
CA VAL B 106 42.30 -2.26 6.55
C VAL B 106 42.03 -3.09 7.82
N LEU B 107 40.83 -3.64 7.95
CA LEU B 107 40.49 -4.45 9.12
C LEU B 107 41.06 -5.87 9.03
N ALA B 108 41.09 -6.43 7.82
CA ALA B 108 41.69 -7.74 7.59
C ALA B 108 43.22 -7.68 7.52
N MET B 109 43.78 -6.47 7.41
CA MET B 109 45.23 -6.24 7.54
C MET B 109 45.69 -6.79 8.88
N ALA B 110 44.84 -6.61 9.89
CA ALA B 110 44.97 -7.31 11.16
C ALA B 110 44.57 -8.77 10.94
N GLN B 111 45.53 -9.67 11.10
CA GLN B 111 45.33 -11.08 10.76
C GLN B 111 44.22 -11.74 11.57
N GLY B 112 44.16 -11.41 12.86
CA GLY B 112 43.17 -11.99 13.75
C GLY B 112 43.39 -11.59 15.20
N LYS B 113 44.04 -10.45 15.40
CA LYS B 113 44.42 -10.00 16.73
C LYS B 113 43.57 -8.82 17.20
N MET B 114 43.06 -8.92 18.42
CA MET B 114 42.24 -7.87 19.03
C MET B 114 43.05 -6.62 19.39
N SER B 115 44.33 -6.82 19.72
CA SER B 115 45.27 -5.72 19.98
C SER B 115 45.35 -4.77 18.77
N VAL B 116 45.48 -5.34 17.58
CA VAL B 116 45.59 -4.58 16.34
C VAL B 116 44.25 -4.56 15.58
N ALA B 117 43.17 -4.94 16.26
CA ALA B 117 41.82 -4.86 15.70
C ALA B 117 41.19 -3.51 15.98
N VAL B 118 41.07 -3.18 17.27
CA VAL B 118 40.46 -1.92 17.70
C VAL B 118 41.34 -0.71 17.38
N PHE B 119 42.66 -0.92 17.41
CA PHE B 119 43.63 0.11 17.04
C PHE B 119 43.56 0.44 15.55
N MET B 120 43.07 -0.51 14.76
CA MET B 120 42.79 -0.28 13.34
C MET B 120 41.32 0.11 13.12
N LEU B 121 40.50 0.02 14.16
CA LEU B 121 39.13 0.52 14.09
C LEU B 121 39.08 2.01 14.29
N PHE B 122 39.90 2.52 15.21
CA PHE B 122 39.96 3.94 15.49
C PHE B 122 40.57 4.70 14.31
N GLY B 123 41.61 4.12 13.72
CA GLY B 123 42.29 4.71 12.55
C GLY B 123 41.40 4.79 11.32
N VAL B 124 40.49 3.82 11.20
CA VAL B 124 39.53 3.79 10.09
C VAL B 124 38.36 4.73 10.34
N THR B 125 37.82 4.72 11.55
CA THR B 125 36.75 5.63 11.93
C THR B 125 37.15 7.09 11.67
N ALA B 126 38.36 7.45 12.11
CA ALA B 126 38.89 8.80 11.94
C ALA B 126 39.14 9.13 10.46
N LEU B 127 39.78 8.21 9.74
CA LEU B 127 40.04 8.41 8.30
C LEU B 127 38.77 8.54 7.50
N LEU B 128 37.80 7.67 7.78
CA LEU B 128 36.49 7.71 7.14
C LEU B 128 35.74 8.98 7.53
N SER B 129 35.95 9.44 8.75
CA SER B 129 35.27 10.63 9.25
C SER B 129 35.66 11.91 8.51
N MET B 130 36.93 12.00 8.12
CA MET B 130 37.48 13.19 7.46
C MET B 130 36.65 13.72 6.30
N TRP B 131 35.87 12.83 5.68
CA TRP B 131 35.22 13.14 4.42
C TRP B 131 33.72 12.98 4.46
N ILE B 132 33.24 12.18 5.41
CA ILE B 132 31.84 11.78 5.41
C ILE B 132 30.97 12.66 6.30
N SER B 133 31.18 12.58 7.61
CA SER B 133 30.33 13.22 8.61
C SER B 133 30.79 12.69 9.96
N ASN B 134 30.15 13.12 11.04
CA ASN B 134 30.42 12.52 12.36
C ASN B 134 29.37 11.47 12.69
N THR B 135 28.12 11.87 12.63
CA THR B 135 26.97 11.02 12.91
C THR B 135 26.88 9.85 11.93
N ALA B 136 27.17 10.11 10.66
CA ALA B 136 27.13 9.08 9.64
C ALA B 136 28.22 8.04 9.85
N THR B 137 29.41 8.52 10.22
CA THR B 137 30.56 7.65 10.44
C THR B 137 30.39 6.83 11.73
N ALA B 138 29.67 7.38 12.70
CA ALA B 138 29.38 6.68 13.96
C ALA B 138 28.38 5.53 13.75
N ALA B 139 27.23 5.85 13.17
CA ALA B 139 26.20 4.85 12.88
C ALA B 139 26.68 3.78 11.91
N MET B 140 27.55 4.17 10.98
CA MET B 140 28.15 3.22 10.03
C MET B 140 29.19 2.32 10.72
N MET B 141 29.86 2.83 11.74
CA MET B 141 30.88 2.07 12.46
C MET B 141 30.34 1.09 13.51
N LEU B 142 29.16 1.38 14.06
CA LEU B 142 28.62 0.61 15.18
C LEU B 142 28.52 -0.91 14.97
N PRO B 143 27.86 -1.37 13.87
CA PRO B 143 27.80 -2.81 13.59
C PRO B 143 29.18 -3.48 13.40
N LEU B 144 30.12 -2.74 12.81
CA LEU B 144 31.47 -3.24 12.57
C LEU B 144 32.27 -3.35 13.86
N VAL B 145 31.89 -2.56 14.87
CA VAL B 145 32.52 -2.61 16.19
C VAL B 145 31.92 -3.76 17.01
N LEU B 146 30.59 -3.87 17.01
CA LEU B 146 29.90 -4.96 17.70
C LEU B 146 30.21 -6.32 17.07
N GLY B 147 30.51 -6.31 15.78
CA GLY B 147 30.95 -7.51 15.06
C GLY B 147 32.23 -8.07 15.65
N VAL B 148 33.23 -7.21 15.79
CA VAL B 148 34.54 -7.61 16.33
C VAL B 148 34.44 -7.96 17.83
N LEU B 149 33.70 -7.15 18.58
CA LEU B 149 33.55 -7.35 20.02
C LEU B 149 32.49 -8.40 20.35
N SER B 150 32.62 -9.56 19.71
CA SER B 150 31.69 -10.66 19.90
C SER B 150 32.44 -11.96 20.22
N LYS B 151 33.76 -11.94 20.02
CA LYS B 151 34.64 -13.03 20.45
C LYS B 151 34.98 -12.89 21.93
N VAL B 152 35.41 -11.69 22.33
CA VAL B 152 35.46 -11.32 23.74
C VAL B 152 34.06 -10.79 24.08
N ASP B 153 33.12 -11.73 24.13
CA ASP B 153 31.70 -11.44 24.24
C ASP B 153 31.29 -11.17 25.68
N ALA B 154 31.96 -11.84 26.63
CA ALA B 154 31.70 -11.66 28.06
C ALA B 154 31.57 -10.17 28.37
N ASP B 155 30.34 -9.73 28.62
CA ASP B 155 30.07 -8.33 28.95
C ASP B 155 30.13 -8.10 30.46
N LYS B 156 30.39 -9.17 31.21
CA LYS B 156 30.88 -9.06 32.58
C LYS B 156 32.32 -8.58 32.48
N GLN B 157 32.95 -8.89 31.35
CA GLN B 157 34.22 -8.29 30.92
C GLN B 157 33.90 -7.06 30.03
N ARG B 158 33.40 -6.00 30.68
CA ARG B 158 32.92 -4.77 30.02
C ARG B 158 34.01 -3.89 29.44
N SER B 159 35.02 -3.61 30.26
CA SER B 159 36.04 -2.61 29.95
C SER B 159 36.94 -2.98 28.76
N THR B 160 36.84 -4.21 28.27
CA THR B 160 37.45 -4.62 27.01
C THR B 160 36.61 -4.06 25.87
N TYR B 161 35.31 -4.00 26.10
CA TYR B 161 34.32 -3.70 25.06
C TYR B 161 33.63 -2.32 25.27
N VAL B 162 34.13 -1.54 26.25
CA VAL B 162 33.74 -0.13 26.43
C VAL B 162 34.82 0.83 25.92
N PHE B 163 36.07 0.37 25.97
CA PHE B 163 37.21 1.10 25.44
C PHE B 163 37.08 1.16 23.93
N VAL B 164 36.58 0.06 23.34
CA VAL B 164 36.41 -0.04 21.90
C VAL B 164 35.19 0.73 21.38
N LEU B 165 34.16 0.88 22.21
CA LEU B 165 32.96 1.64 21.83
C LEU B 165 33.16 3.15 21.94
N LEU B 166 33.61 3.59 23.11
CA LEU B 166 33.87 4.99 23.37
C LEU B 166 35.05 5.51 22.54
N GLY B 167 35.87 4.57 22.07
CA GLY B 167 37.02 4.91 21.24
C GLY B 167 36.61 5.44 19.88
N VAL B 168 35.74 4.70 19.20
CA VAL B 168 35.26 5.11 17.87
C VAL B 168 34.36 6.34 17.94
N ALA B 169 33.61 6.46 19.03
CA ALA B 169 32.74 7.62 19.27
C ALA B 169 33.53 8.93 19.26
N TYR B 170 34.71 8.89 19.84
CA TYR B 170 35.59 10.04 19.85
C TYR B 170 36.33 10.16 18.53
N SER B 171 36.78 9.02 18.00
CA SER B 171 37.51 8.96 16.74
C SER B 171 36.73 9.58 15.58
N ALA B 172 35.40 9.51 15.67
CA ALA B 172 34.52 10.13 14.70
C ALA B 172 34.46 11.65 14.88
N SER B 173 34.53 12.11 16.13
CA SER B 173 34.53 13.56 16.40
C SER B 173 35.90 14.20 16.12
N ILE B 174 36.98 13.50 16.47
CA ILE B 174 38.35 13.97 16.23
C ILE B 174 38.73 13.92 14.75
N GLY B 175 38.19 12.93 14.03
CA GLY B 175 38.38 12.81 12.59
C GLY B 175 37.69 13.92 11.81
N GLY B 176 36.71 14.57 12.45
CA GLY B 176 35.98 15.69 11.85
C GLY B 176 36.77 16.96 11.80
N ILE B 177 37.73 17.07 12.71
CA ILE B 177 38.58 18.25 12.84
C ILE B 177 39.74 18.22 11.84
N ALA B 178 39.76 17.25 10.94
CA ALA B 178 40.86 17.12 9.98
C ALA B 178 40.75 18.11 8.81
N THR B 179 39.56 18.20 8.21
CA THR B 179 39.35 19.00 6.99
C THR B 179 38.08 19.85 7.01
N LEU B 180 37.97 20.75 6.04
CA LEU B 180 36.86 21.69 5.94
C LEU B 180 35.49 21.00 5.79
N VAL B 181 35.44 19.97 4.95
CA VAL B 181 34.30 19.06 4.96
C VAL B 181 34.58 18.06 6.06
N GLY B 182 33.55 17.64 6.77
CA GLY B 182 33.74 16.70 7.86
C GLY B 182 32.87 16.98 9.06
N SER B 183 32.71 18.26 9.42
CA SER B 183 31.79 18.66 10.47
C SER B 183 31.41 20.12 10.30
N PRO B 184 30.11 20.44 10.40
CA PRO B 184 29.63 21.80 10.14
C PRO B 184 30.39 22.95 10.83
N PRO B 185 30.79 22.79 12.11
CA PRO B 185 31.51 23.92 12.74
C PRO B 185 32.64 24.43 11.87
N ASN B 186 33.42 23.50 11.30
CA ASN B 186 34.57 23.81 10.46
C ASN B 186 34.19 24.65 9.26
N ALA B 187 33.05 24.30 8.65
CA ALA B 187 32.52 25.04 7.52
C ALA B 187 32.06 26.42 7.96
N ILE B 188 31.41 26.51 9.13
CA ILE B 188 30.93 27.80 9.63
C ILE B 188 32.11 28.77 9.81
N ALA B 189 33.18 28.29 10.41
CA ALA B 189 34.42 29.07 10.56
C ALA B 189 34.95 29.53 9.21
N ALA B 190 34.94 28.62 8.24
CA ALA B 190 35.47 28.93 6.91
C ALA B 190 34.66 30.03 6.23
N ALA B 191 33.34 29.96 6.36
CA ALA B 191 32.43 30.93 5.73
C ALA B 191 32.51 32.28 6.43
N GLU B 192 32.71 32.25 7.75
CA GLU B 192 32.83 33.47 8.51
C GLU B 192 34.11 34.23 8.17
N VAL B 193 35.23 33.51 8.07
CA VAL B 193 36.52 34.18 7.87
C VAL B 193 37.12 34.00 6.46
N GLY B 194 36.41 33.26 5.60
CA GLY B 194 36.82 33.05 4.21
C GLY B 194 38.02 32.13 4.04
N LEU B 195 38.01 30.98 4.71
CA LEU B 195 39.11 30.02 4.63
C LEU B 195 39.01 29.18 3.37
N SER B 196 40.16 28.80 2.83
CA SER B 196 40.21 27.81 1.76
C SER B 196 40.26 26.42 2.38
N PHE B 197 39.95 25.40 1.58
CA PHE B 197 39.98 24.02 2.08
C PHE B 197 41.34 23.66 2.64
N THR B 198 42.36 24.03 1.88
CA THR B 198 43.76 23.82 2.25
C THR B 198 44.18 24.66 3.47
N ASP B 199 43.49 25.78 3.70
CA ASP B 199 43.72 26.62 4.89
C ASP B 199 43.26 25.96 6.19
N TRP B 200 42.07 25.35 6.16
CA TRP B 200 41.53 24.70 7.35
C TRP B 200 42.21 23.37 7.66
N MET B 201 42.90 22.81 6.67
CA MET B 201 43.64 21.58 6.87
C MET B 201 45.00 21.85 7.50
N LYS B 202 45.59 23.00 7.16
CA LYS B 202 46.85 23.45 7.76
C LYS B 202 46.71 23.55 9.28
N PHE B 203 45.58 24.10 9.72
CA PHE B 203 45.24 24.15 11.15
C PHE B 203 44.82 22.78 11.64
N GLY B 204 43.71 22.29 11.10
CA GLY B 204 42.98 21.14 11.64
C GLY B 204 43.70 19.80 11.69
N LEU B 205 44.30 19.38 10.58
CA LEU B 205 44.90 18.05 10.48
C LEU B 205 45.99 17.78 11.53
N PRO B 206 46.96 18.71 11.69
CA PRO B 206 47.92 18.57 12.79
C PRO B 206 47.26 18.38 14.16
N THR B 207 46.12 19.04 14.38
CA THR B 207 45.38 18.92 15.64
C THR B 207 44.76 17.53 15.80
N ALA B 208 44.23 16.98 14.71
CA ALA B 208 43.68 15.63 14.73
C ALA B 208 44.78 14.59 14.86
N MET B 209 45.92 14.85 14.21
CA MET B 209 47.12 14.00 14.31
C MET B 209 47.55 13.87 15.77
N MET B 210 47.45 14.98 16.49
CA MET B 210 47.85 15.06 17.88
C MET B 210 46.78 14.48 18.80
N MET B 211 45.52 14.79 18.51
CA MET B 211 44.43 14.54 19.44
C MET B 211 43.99 13.09 19.55
N LEU B 212 43.97 12.39 18.41
CA LEU B 212 43.53 10.99 18.37
C LEU B 212 44.40 10.05 19.24
N PRO B 213 45.74 10.16 19.16
CA PRO B 213 46.58 9.36 20.07
C PRO B 213 46.32 9.75 21.52
N MET B 214 46.28 11.05 21.79
CA MET B 214 46.03 11.59 23.12
C MET B 214 44.69 11.13 23.70
N ALA B 215 43.72 10.87 22.84
CA ALA B 215 42.40 10.42 23.26
C ALA B 215 42.38 8.94 23.56
N ILE B 216 43.09 8.16 22.73
CA ILE B 216 43.23 6.72 22.95
C ILE B 216 44.06 6.45 24.20
N ALA B 217 45.18 7.17 24.33
CA ALA B 217 46.05 7.07 25.51
C ALA B 217 45.30 7.30 26.82
N ILE B 218 44.33 8.21 26.82
CA ILE B 218 43.52 8.50 28.01
C ILE B 218 42.44 7.42 28.25
N LEU B 219 41.84 6.93 27.18
CA LEU B 219 40.88 5.84 27.27
C LEU B 219 41.59 4.54 27.66
N TYR B 220 42.77 4.34 27.09
CA TYR B 220 43.65 3.20 27.37
C TYR B 220 44.03 3.14 28.84
N PHE B 221 44.66 4.23 29.31
CA PHE B 221 45.16 4.31 30.67
C PHE B 221 44.04 4.53 31.69
N LEU B 222 42.87 3.95 31.42
CA LEU B 222 41.85 3.81 32.45
C LEU B 222 41.59 2.35 32.80
N LEU B 223 40.69 1.66 32.09
CA LEU B 223 40.41 0.26 32.41
C LEU B 223 40.46 -0.66 31.19
N LYS B 224 41.63 -0.78 30.57
CA LYS B 224 41.77 -1.64 29.38
C LYS B 224 42.39 -3.01 29.71
N PRO B 225 41.68 -4.10 29.37
CA PRO B 225 42.22 -5.45 29.35
C PRO B 225 42.05 -6.11 27.97
N THR B 226 42.55 -5.42 26.94
CA THR B 226 42.28 -5.78 25.54
C THR B 226 43.46 -6.45 24.82
N LEU B 227 44.61 -6.53 25.50
CA LEU B 227 45.80 -7.21 24.95
C LEU B 227 45.55 -8.72 24.77
N ASN B 228 44.32 -9.15 25.07
CA ASN B 228 43.86 -10.52 24.89
C ASN B 228 42.63 -10.65 24.00
N GLY B 229 42.44 -11.85 23.43
CA GLY B 229 41.29 -12.14 22.57
C GLY B 229 41.68 -12.57 21.17
N MET B 230 40.69 -12.99 20.39
CA MET B 230 40.88 -13.36 18.99
C MET B 230 39.80 -12.77 18.08
N PHE B 231 40.00 -12.91 16.78
CA PHE B 231 39.12 -12.29 15.78
C PHE B 231 38.01 -13.24 15.32
N GLU B 232 37.04 -12.67 14.61
CA GLU B 232 36.06 -13.45 13.85
C GLU B 232 35.66 -12.68 12.59
N LEU B 233 36.49 -12.79 11.55
CA LEU B 233 36.27 -12.10 10.27
C LEU B 233 35.05 -12.65 9.51
N ASP B 234 33.86 -12.43 10.06
CA ASP B 234 32.63 -13.10 9.59
C ASP B 234 31.69 -12.21 8.76
N ARG B 235 31.71 -12.46 7.45
CA ARG B 235 30.85 -11.84 6.44
C ARG B 235 31.53 -12.00 5.08
N ALA B 236 30.78 -11.80 4.00
CA ALA B 236 31.32 -11.92 2.64
C ALA B 236 32.44 -10.91 2.39
N PRO B 237 33.58 -11.37 1.86
CA PRO B 237 34.71 -10.49 1.53
C PRO B 237 34.37 -9.47 0.44
N VAL B 238 35.15 -8.39 0.38
CA VAL B 238 34.90 -7.30 -0.57
C VAL B 238 35.83 -7.38 -1.80
N ASN B 239 35.45 -6.67 -2.86
CA ASN B 239 36.20 -6.66 -4.13
C ASN B 239 35.84 -5.46 -5.01
N TRP B 240 36.87 -4.76 -5.49
CA TRP B 240 36.70 -3.56 -6.33
C TRP B 240 35.91 -3.87 -7.60
N ASP B 241 34.67 -3.38 -7.67
CA ASP B 241 33.77 -3.64 -8.82
C ASP B 241 33.76 -2.51 -9.86
N LYS B 242 32.60 -2.24 -10.47
CA LYS B 242 32.48 -1.22 -11.53
C LYS B 242 32.95 0.16 -11.05
N GLY B 243 34.26 0.39 -11.22
CA GLY B 243 34.88 1.64 -10.82
C GLY B 243 34.56 2.12 -9.42
N LYS B 244 34.79 1.27 -8.42
CA LYS B 244 35.01 1.78 -7.06
C LYS B 244 36.35 2.50 -7.17
N VAL B 245 37.14 2.04 -8.16
CA VAL B 245 38.37 2.67 -8.59
C VAL B 245 38.08 4.03 -9.23
N VAL B 246 36.93 4.13 -9.90
CA VAL B 246 36.48 5.40 -10.51
C VAL B 246 36.03 6.41 -9.44
N THR B 247 35.19 5.95 -8.50
CA THR B 247 34.81 6.78 -7.36
C THR B 247 36.07 7.21 -6.58
N LEU B 248 36.98 6.26 -6.34
CA LEU B 248 38.29 6.57 -5.74
C LEU B 248 39.07 7.55 -6.62
N GLY B 249 38.98 7.36 -7.94
CA GLY B 249 39.65 8.20 -8.92
C GLY B 249 39.19 9.65 -8.85
N ILE B 250 37.88 9.85 -8.93
CA ILE B 250 37.28 11.17 -8.79
C ILE B 250 37.61 11.78 -7.43
N PHE B 251 37.30 11.04 -6.37
CA PHE B 251 37.61 11.42 -4.99
C PHE B 251 39.06 11.87 -4.86
N GLY B 252 40.00 11.04 -5.33
CA GLY B 252 41.42 11.34 -5.29
C GLY B 252 41.77 12.63 -6.00
N LEU B 253 41.28 12.75 -7.23
CA LEU B 253 41.47 13.96 -8.04
C LEU B 253 40.91 15.20 -7.32
N THR B 254 39.69 15.07 -6.79
CA THR B 254 39.02 16.14 -6.04
C THR B 254 39.83 16.62 -4.84
N VAL B 255 40.27 15.68 -4.01
CA VAL B 255 41.10 15.98 -2.85
C VAL B 255 42.44 16.59 -3.28
N PHE B 256 43.03 16.05 -4.35
CA PHE B 256 44.29 16.56 -4.90
C PHE B 256 44.18 18.04 -5.28
N LEU B 257 43.11 18.37 -6.00
CA LEU B 257 42.85 19.75 -6.41
C LEU B 257 42.55 20.66 -5.23
N TRP B 258 41.90 20.10 -4.20
CA TRP B 258 41.60 20.87 -2.98
C TRP B 258 42.87 21.26 -2.23
N ILE B 259 43.82 20.33 -2.18
CA ILE B 259 45.11 20.56 -1.52
C ILE B 259 45.95 21.53 -2.33
N PHE B 260 46.12 21.23 -3.62
CA PHE B 260 46.96 22.03 -4.49
C PHE B 260 46.21 23.23 -5.08
N SER B 261 45.11 23.62 -4.44
CA SER B 261 44.23 24.68 -4.96
C SER B 261 44.94 26.01 -5.16
N SER B 262 45.81 26.36 -4.23
CA SER B 262 46.54 27.63 -4.28
C SER B 262 47.36 27.84 -5.59
N PRO B 263 48.30 26.92 -5.91
CA PRO B 263 49.11 27.09 -7.12
C PRO B 263 48.37 26.76 -8.42
N ILE B 264 47.44 25.81 -8.37
CA ILE B 264 46.61 25.46 -9.52
C ILE B 264 45.73 26.64 -9.93
N ASN B 265 45.02 27.22 -8.96
CA ASN B 265 44.18 28.38 -9.21
C ASN B 265 44.99 29.60 -9.64
N ALA B 266 46.06 29.87 -8.90
CA ALA B 266 46.94 30.99 -9.22
C ALA B 266 47.46 30.86 -10.66
N ALA B 267 47.90 29.66 -11.02
CA ALA B 267 48.36 29.36 -12.37
C ALA B 267 47.20 28.98 -13.32
N LEU B 268 46.04 29.55 -13.06
CA LEU B 268 44.86 29.38 -13.91
C LEU B 268 44.18 30.71 -14.17
N GLY B 269 44.68 31.77 -13.52
CA GLY B 269 44.11 33.10 -13.66
C GLY B 269 43.43 33.58 -12.41
N GLY B 270 43.42 32.72 -11.39
CA GLY B 270 42.90 33.06 -10.07
C GLY B 270 41.39 33.22 -10.02
N PHE B 271 40.68 32.10 -10.21
CA PHE B 271 39.23 32.08 -10.06
C PHE B 271 38.84 32.29 -8.60
N LYS B 272 37.61 32.75 -8.38
CA LYS B 272 37.26 33.31 -7.08
C LYS B 272 37.21 32.32 -5.90
N SER B 273 36.24 31.42 -5.86
CA SER B 273 36.20 30.44 -4.79
C SER B 273 36.57 29.08 -5.34
N PHE B 274 37.82 28.95 -5.75
CA PHE B 274 38.29 27.76 -6.44
C PHE B 274 37.91 26.43 -5.78
N ASP B 275 37.93 26.38 -4.46
CA ASP B 275 37.56 25.15 -3.72
C ASP B 275 36.10 24.76 -3.94
N THR B 276 35.22 25.76 -3.96
CA THR B 276 33.80 25.56 -4.23
C THR B 276 33.62 25.03 -5.64
N LEU B 277 34.35 25.62 -6.58
CA LEU B 277 34.32 25.17 -7.98
C LEU B 277 34.78 23.72 -8.09
N VAL B 278 35.87 23.38 -7.38
CA VAL B 278 36.35 22.00 -7.30
C VAL B 278 35.25 21.09 -6.75
N ALA B 279 34.56 21.56 -5.71
CA ALA B 279 33.47 20.80 -5.08
C ALA B 279 32.31 20.56 -6.05
N LEU B 280 31.93 21.61 -6.78
CA LEU B 280 30.89 21.48 -7.79
C LEU B 280 31.35 20.61 -8.96
N GLY B 281 32.64 20.70 -9.27
CA GLY B 281 33.25 19.88 -10.31
C GLY B 281 33.12 18.40 -9.96
N ALA B 282 33.40 18.07 -8.71
CA ALA B 282 33.21 16.73 -8.20
C ALA B 282 31.76 16.24 -8.43
N ILE B 283 30.77 17.07 -8.10
CA ILE B 283 29.35 16.74 -8.34
C ILE B 283 29.09 16.40 -9.82
N LEU B 284 29.81 17.09 -10.71
CA LEU B 284 29.64 16.86 -12.16
C LEU B 284 30.38 15.60 -12.63
N MET B 285 31.69 15.52 -12.31
CA MET B 285 32.49 14.34 -12.62
C MET B 285 31.82 13.05 -12.12
N LEU B 286 31.24 13.10 -10.92
CA LEU B 286 30.56 11.95 -10.36
C LEU B 286 29.29 11.60 -11.12
N SER B 287 28.69 12.58 -11.78
CA SER B 287 27.45 12.35 -12.51
C SER B 287 27.69 11.95 -13.96
N PHE B 288 28.67 12.60 -14.60
CA PHE B 288 29.05 12.25 -15.97
C PHE B 288 29.62 10.84 -15.98
N ALA B 289 30.51 10.53 -15.03
CA ALA B 289 31.03 9.17 -14.86
C ALA B 289 30.00 8.21 -14.26
N ARG B 290 28.73 8.65 -14.22
CA ARG B 290 27.58 7.80 -13.89
C ARG B 290 27.64 7.06 -12.53
N VAL B 291 28.69 7.32 -11.75
CA VAL B 291 29.01 6.53 -10.56
C VAL B 291 27.99 6.66 -9.41
N VAL B 292 27.19 7.73 -9.44
CA VAL B 292 26.17 8.00 -8.42
C VAL B 292 25.02 8.81 -9.03
N HIS B 293 23.79 8.44 -8.67
CA HIS B 293 22.59 9.12 -9.17
C HIS B 293 22.32 10.36 -8.33
N TRP B 294 21.38 11.22 -8.76
CA TRP B 294 21.10 12.44 -7.98
C TRP B 294 20.26 12.18 -6.73
N LYS B 295 19.21 11.37 -6.85
CA LYS B 295 18.35 11.05 -5.71
C LYS B 295 19.17 10.60 -4.50
N GLU B 296 20.28 9.90 -4.79
CA GLU B 296 21.25 9.48 -3.77
C GLU B 296 21.86 10.65 -3.02
N ILE B 297 22.31 11.66 -3.77
CA ILE B 297 22.88 12.87 -3.19
C ILE B 297 21.83 13.67 -2.41
N GLN B 298 20.60 13.68 -2.91
CA GLN B 298 19.51 14.39 -2.24
C GLN B 298 19.14 13.75 -0.89
N LYS B 299 19.32 12.43 -0.78
CA LYS B 299 19.15 11.73 0.50
C LYS B 299 20.33 11.96 1.44
N THR B 300 21.55 11.79 0.93
CA THR B 300 22.78 12.02 1.70
C THR B 300 22.96 13.46 2.19
N ALA B 301 22.58 14.42 1.34
CA ALA B 301 22.74 15.84 1.67
C ALA B 301 21.92 16.23 2.89
N ASP B 302 22.57 16.88 3.84
CA ASP B 302 21.87 17.42 5.01
C ASP B 302 21.57 18.89 4.74
N TRP B 303 20.53 19.11 3.94
CA TRP B 303 20.08 20.44 3.54
C TRP B 303 19.75 21.31 4.76
N GLY B 304 19.32 20.66 5.83
CA GLY B 304 19.10 21.34 7.10
C GLY B 304 20.35 22.06 7.58
N VAL B 305 21.49 21.37 7.50
CA VAL B 305 22.79 21.95 7.83
C VAL B 305 23.14 23.07 6.84
N LEU B 306 22.84 22.86 5.56
CA LEU B 306 23.16 23.84 4.53
C LEU B 306 22.40 25.15 4.73
N LEU B 307 21.17 25.05 5.21
CA LEU B 307 20.38 26.21 5.54
C LEU B 307 20.91 26.88 6.80
N LEU B 308 21.30 26.07 7.79
CA LEU B 308 21.90 26.56 9.03
C LEU B 308 23.08 27.48 8.73
N PHE B 309 23.92 27.07 7.77
CA PHE B 309 25.07 27.85 7.38
C PHE B 309 24.69 29.29 7.09
N GLY B 310 23.77 29.47 6.16
CA GLY B 310 23.29 30.77 5.71
C GLY B 310 22.63 31.59 6.80
N GLY B 311 21.77 30.95 7.59
CA GLY B 311 21.12 31.60 8.73
C GLY B 311 22.11 32.18 9.75
N GLY B 312 23.24 31.49 9.92
CA GLY B 312 24.29 31.90 10.85
C GLY B 312 25.13 33.03 10.28
N LEU B 313 25.25 33.07 8.96
CA LEU B 313 25.91 34.19 8.29
C LEU B 313 25.01 35.41 8.35
N CYS B 314 23.71 35.19 8.14
CA CYS B 314 22.73 36.23 8.26
C CYS B 314 22.85 36.88 9.64
N LEU B 315 23.04 36.04 10.64
CA LEU B 315 23.19 36.53 12.01
C LEU B 315 24.44 37.40 12.13
N SER B 316 25.57 36.85 11.69
CA SER B 316 26.86 37.55 11.72
C SER B 316 26.71 38.96 11.17
N ASN B 317 26.02 39.08 10.04
CA ASN B 317 25.74 40.36 9.42
C ASN B 317 24.79 41.21 10.23
N VAL B 318 23.79 40.58 10.84
CA VAL B 318 22.86 41.30 11.71
C VAL B 318 23.64 42.02 12.83
N LEU B 319 24.61 41.32 13.42
CA LEU B 319 25.45 41.90 14.46
C LEU B 319 26.21 43.14 13.99
N LYS B 320 26.82 43.08 12.79
CA LYS B 320 27.59 44.20 12.25
C LYS B 320 26.69 45.40 11.95
N GLN B 321 25.64 45.14 11.17
CA GLN B 321 24.69 46.16 10.71
C GLN B 321 24.01 46.92 11.84
N THR B 322 23.73 46.24 12.95
CA THR B 322 23.12 46.87 14.12
C THR B 322 24.16 47.46 15.06
N GLY B 323 25.44 47.16 14.78
CA GLY B 323 26.57 47.69 15.55
C GLY B 323 26.77 47.01 16.89
N THR B 324 26.07 45.90 17.08
CA THR B 324 26.16 45.12 18.30
C THR B 324 27.58 44.54 18.46
N SER B 325 28.27 44.28 17.36
CA SER B 325 29.65 43.80 17.38
C SER B 325 30.56 44.81 18.04
N VAL B 326 30.39 46.07 17.63
CA VAL B 326 31.20 47.18 18.13
C VAL B 326 30.83 47.49 19.59
N PHE B 327 29.55 47.36 19.90
CA PHE B 327 29.05 47.65 21.25
C PHE B 327 29.61 46.66 22.27
N LEU B 328 29.67 45.39 21.90
CA LEU B 328 30.22 44.37 22.78
C LEU B 328 31.73 44.55 22.90
N ALA B 329 32.40 44.85 21.79
CA ALA B 329 33.84 45.12 21.80
C ALA B 329 34.18 46.27 22.74
N ASN B 330 33.33 47.30 22.76
CA ASN B 330 33.48 48.41 23.69
C ASN B 330 33.29 47.99 25.13
N ALA B 331 32.31 47.13 25.37
CA ALA B 331 32.00 46.64 26.71
C ALA B 331 33.09 45.71 27.23
N LEU B 332 33.63 44.85 26.35
CA LEU B 332 34.66 43.90 26.75
C LEU B 332 36.05 44.54 26.76
N SER B 333 36.14 45.77 26.25
CA SER B 333 37.42 46.46 26.05
C SER B 333 38.34 46.44 27.26
N ASP B 334 37.79 46.77 28.42
CA ASP B 334 38.56 46.81 29.66
C ASP B 334 38.91 45.40 30.13
N MET B 335 37.97 44.49 30.01
CA MET B 335 38.14 43.10 30.43
C MET B 335 39.26 42.41 29.67
N VAL B 336 39.35 42.70 28.37
CA VAL B 336 40.30 42.04 27.48
C VAL B 336 41.67 42.69 27.49
N SER B 337 41.74 43.98 27.85
CA SER B 337 43.03 44.66 28.01
C SER B 337 43.70 44.25 29.32
N HIS B 338 42.89 43.95 30.33
CA HIS B 338 43.39 43.41 31.60
C HIS B 338 43.80 41.94 31.45
N MET B 339 43.16 41.22 30.52
CA MET B 339 43.47 39.81 30.24
C MET B 339 44.59 39.69 29.22
N GLY B 340 45.56 38.82 29.49
CA GLY B 340 46.60 38.51 28.52
C GLY B 340 46.01 37.71 27.38
N ILE B 341 46.70 37.67 26.24
CA ILE B 341 46.22 36.91 25.08
C ILE B 341 46.13 35.40 25.36
N PHE B 342 47.03 34.92 26.23
CA PHE B 342 46.93 33.57 26.75
C PHE B 342 45.61 33.43 27.50
N VAL B 343 45.43 34.27 28.51
CA VAL B 343 44.23 34.29 29.36
C VAL B 343 42.95 34.23 28.51
N VAL B 344 42.88 35.11 27.52
CA VAL B 344 41.72 35.19 26.63
C VAL B 344 41.45 33.85 25.93
N ILE B 345 42.43 33.32 25.22
CA ILE B 345 42.24 32.09 24.45
C ILE B 345 42.10 30.84 25.34
N LEU B 346 42.60 30.92 26.58
CA LEU B 346 42.38 29.87 27.56
C LEU B 346 40.93 29.91 28.03
N VAL B 347 40.42 31.13 28.24
CA VAL B 347 39.01 31.36 28.60
C VAL B 347 38.05 30.96 27.47
N VAL B 348 38.37 31.37 26.24
CA VAL B 348 37.58 30.99 25.07
C VAL B 348 37.56 29.47 24.93
N ALA B 349 38.74 28.87 24.79
CA ALA B 349 38.89 27.42 24.65
C ALA B 349 38.17 26.61 25.73
N THR B 350 38.33 27.01 26.99
CA THR B 350 37.62 26.35 28.09
C THR B 350 36.12 26.49 27.94
N PHE B 351 35.66 27.70 27.65
CA PHE B 351 34.24 27.97 27.53
C PHE B 351 33.52 27.00 26.58
N VAL B 352 33.96 26.99 25.32
CA VAL B 352 33.34 26.12 24.30
C VAL B 352 33.40 24.64 24.66
N VAL B 353 34.60 24.16 24.98
CA VAL B 353 34.84 22.73 25.26
C VAL B 353 33.84 22.16 26.28
N PHE B 354 33.45 22.98 27.24
CA PHE B 354 32.45 22.61 28.23
C PHE B 354 31.02 22.94 27.78
N LEU B 355 30.85 24.06 27.08
CA LEU B 355 29.54 24.40 26.53
C LEU B 355 29.06 23.33 25.55
N THR B 356 29.98 22.84 24.71
CA THR B 356 29.66 21.85 23.69
C THR B 356 29.19 20.49 24.25
N GLU B 357 29.33 20.31 25.56
CA GLU B 357 28.83 19.11 26.23
C GLU B 357 27.31 19.18 26.36
N PHE B 358 26.83 20.41 26.53
CA PHE B 358 25.41 20.66 26.79
C PHE B 358 24.56 20.74 25.52
N ALA B 359 25.17 21.19 24.42
CA ALA B 359 24.46 21.35 23.15
C ALA B 359 25.24 20.86 21.93
N SER B 360 24.50 20.63 20.84
CA SER B 360 25.02 20.21 19.53
C SER B 360 26.33 20.90 19.15
N ASN B 361 27.24 20.17 18.50
CA ASN B 361 28.50 20.74 18.01
C ASN B 361 28.24 21.97 17.16
N THR B 362 27.47 21.77 16.09
CA THR B 362 27.20 22.81 15.10
C THR B 362 26.39 23.94 15.72
N ALA B 363 25.36 23.58 16.48
CA ALA B 363 24.52 24.56 17.18
C ALA B 363 25.34 25.50 18.05
N SER B 364 26.43 24.99 18.61
CA SER B 364 27.36 25.79 19.41
C SER B 364 28.18 26.74 18.55
N ALA B 365 28.74 26.19 17.47
CA ALA B 365 29.53 26.99 16.53
C ALA B 365 28.65 28.04 15.85
N ALA B 366 27.44 27.63 15.46
CA ALA B 366 26.47 28.54 14.82
C ALA B 366 26.24 29.80 15.63
N LEU B 367 26.25 29.67 16.96
CA LEU B 367 26.07 30.81 17.84
C LEU B 367 27.35 31.57 18.08
N LEU B 368 28.44 30.84 18.33
CA LEU B 368 29.65 31.48 18.84
C LEU B 368 30.62 32.09 17.81
N ILE B 369 30.79 31.40 16.68
CA ILE B 369 31.70 31.89 15.63
C ILE B 369 31.33 33.33 15.20
N PRO B 370 30.03 33.61 14.92
CA PRO B 370 29.68 34.99 14.54
C PRO B 370 29.99 35.99 15.64
N VAL B 371 29.40 35.82 16.82
CA VAL B 371 29.64 36.72 17.95
C VAL B 371 31.12 37.05 18.14
N PHE B 372 31.98 36.04 18.18
CA PHE B 372 33.40 36.24 18.41
C PHE B 372 34.14 36.89 17.24
N ALA B 373 34.05 36.26 16.06
CA ALA B 373 34.72 36.77 14.87
C ALA B 373 34.44 38.24 14.61
N THR B 374 33.19 38.65 14.82
CA THR B 374 32.78 40.03 14.56
C THR B 374 33.32 40.98 15.62
N VAL B 375 33.26 40.56 16.87
CA VAL B 375 33.82 41.33 17.98
C VAL B 375 35.34 41.43 17.81
N ALA B 376 35.98 40.33 17.42
CA ALA B 376 37.40 40.31 17.04
C ALA B 376 37.72 41.39 15.99
N GLU B 377 36.84 41.51 14.99
CA GLU B 377 37.01 42.50 13.94
C GLU B 377 36.84 43.93 14.45
N ALA B 378 35.91 44.10 15.40
CA ALA B 378 35.71 45.41 16.01
C ALA B 378 36.97 45.85 16.75
N PHE B 379 37.66 44.89 17.36
CA PHE B 379 38.97 45.14 17.98
C PHE B 379 40.07 45.30 16.94
N GLY B 380 39.73 45.12 15.67
CA GLY B 380 40.70 45.24 14.60
C GLY B 380 41.73 44.14 14.58
N MET B 381 41.35 42.96 15.05
CA MET B 381 42.20 41.78 14.93
C MET B 381 41.61 40.82 13.90
N SER B 382 42.43 39.91 13.39
CA SER B 382 42.00 38.90 12.43
C SER B 382 41.05 37.91 13.09
N PRO B 383 39.82 37.81 12.56
CA PRO B 383 38.78 36.96 13.14
C PRO B 383 39.06 35.47 12.95
N VAL B 384 40.14 35.15 12.25
CA VAL B 384 40.46 33.77 11.92
C VAL B 384 40.79 32.92 13.15
N LEU B 385 41.76 33.36 13.95
CA LEU B 385 42.22 32.57 15.09
C LEU B 385 41.07 32.14 15.98
N LEU B 386 40.29 33.10 16.46
CA LEU B 386 39.18 32.82 17.36
C LEU B 386 38.16 31.86 16.73
N SER B 387 37.86 32.10 15.45
CA SER B 387 36.92 31.27 14.71
C SER B 387 37.39 29.81 14.59
N VAL B 388 38.59 29.62 14.03
CA VAL B 388 39.17 28.28 13.93
C VAL B 388 39.28 27.59 15.30
N LEU B 389 39.60 28.37 16.33
CA LEU B 389 39.64 27.87 17.70
C LEU B 389 38.27 27.30 18.11
N ILE B 390 37.24 28.15 18.07
CA ILE B 390 35.87 27.75 18.39
C ILE B 390 35.41 26.54 17.56
N ALA B 391 35.72 26.56 16.26
CA ALA B 391 35.40 25.46 15.33
C ALA B 391 35.90 24.09 15.80
N VAL B 392 37.15 24.06 16.28
CA VAL B 392 37.76 22.84 16.76
C VAL B 392 37.16 22.47 18.12
N ALA B 393 37.11 23.46 19.01
CA ALA B 393 36.62 23.26 20.36
C ALA B 393 35.18 22.76 20.43
N ALA B 394 34.33 23.21 19.51
CA ALA B 394 32.95 22.76 19.47
C ALA B 394 32.83 21.26 19.15
N SER B 395 33.83 20.73 18.45
CA SER B 395 33.88 19.31 18.11
C SER B 395 34.60 18.49 19.20
N CYS B 396 34.78 19.10 20.37
CA CYS B 396 35.36 18.39 21.52
C CYS B 396 34.31 18.02 22.57
N ALA B 397 33.33 17.22 22.13
CA ALA B 397 32.27 16.72 23.02
C ALA B 397 32.61 15.30 23.47
N PHE B 398 33.06 15.18 24.72
CA PHE B 398 33.57 13.91 25.23
C PHE B 398 32.92 13.41 26.52
N MET B 399 32.23 14.30 27.24
CA MET B 399 31.62 13.93 28.52
C MET B 399 30.35 13.09 28.38
N LEU B 400 29.18 13.74 28.36
CA LEU B 400 27.92 13.00 28.30
C LEU B 400 27.47 12.73 26.85
N PRO B 401 26.38 11.93 26.66
CA PRO B 401 25.76 11.93 25.34
C PRO B 401 24.99 13.24 25.18
N VAL B 402 24.06 13.31 24.24
CA VAL B 402 23.33 14.56 23.92
C VAL B 402 24.30 15.69 23.49
N ALA B 403 25.57 15.53 23.85
CA ALA B 403 26.65 16.41 23.41
C ALA B 403 26.82 16.32 21.89
N THR B 404 26.88 15.09 21.39
CA THR B 404 26.96 14.80 19.97
C THR B 404 26.19 13.51 19.73
N PRO B 405 25.58 13.36 18.55
CA PRO B 405 25.01 12.06 18.20
C PRO B 405 25.99 10.86 18.32
N PRO B 406 27.26 10.98 17.82
CA PRO B 406 28.24 9.91 18.00
C PRO B 406 28.40 9.39 19.43
N ASN B 407 28.17 10.25 20.42
CA ASN B 407 28.14 9.83 21.82
C ASN B 407 26.87 9.05 22.14
N ALA B 408 25.71 9.58 21.74
CA ALA B 408 24.43 8.93 21.96
C ALA B 408 24.21 7.65 21.12
N ILE B 409 25.06 7.46 20.11
CA ILE B 409 25.00 6.27 19.25
C ILE B 409 25.66 5.06 19.91
N VAL B 410 26.85 5.25 20.48
CA VAL B 410 27.53 4.17 21.23
C VAL B 410 26.95 3.99 22.63
N PHE B 411 26.02 4.86 23.00
CA PHE B 411 25.38 4.82 24.30
C PHE B 411 24.14 3.93 24.30
N ALA B 412 23.31 4.07 23.26
CA ALA B 412 22.12 3.23 23.08
C ALA B 412 22.48 1.75 23.00
N SER B 413 23.78 1.48 22.86
CA SER B 413 24.33 0.12 22.90
C SER B 413 24.10 -0.56 24.25
N GLY B 414 23.18 0.01 25.03
CA GLY B 414 22.76 -0.52 26.32
C GLY B 414 23.84 -1.27 27.06
N HIS B 415 24.94 -0.58 27.34
CA HIS B 415 26.09 -1.20 27.97
C HIS B 415 26.95 -0.21 28.76
N ILE B 416 27.27 0.92 28.13
CA ILE B 416 28.14 1.93 28.76
C ILE B 416 27.36 2.78 29.77
N LYS B 417 27.93 2.94 30.96
CA LYS B 417 27.29 3.69 32.03
C LYS B 417 27.51 5.19 31.89
N GLN B 418 26.51 5.96 32.33
CA GLN B 418 26.55 7.42 32.32
C GLN B 418 27.82 7.96 32.99
N SER B 419 28.09 7.45 34.19
CA SER B 419 29.22 7.87 35.01
C SER B 419 30.57 7.64 34.34
N GLU B 420 30.69 6.48 33.68
CA GLU B 420 31.95 6.06 33.06
C GLU B 420 32.44 7.08 32.03
N MET B 421 31.63 7.32 30.99
CA MET B 421 31.94 8.27 29.93
C MET B 421 32.19 9.68 30.47
N MET B 422 31.37 10.08 31.44
CA MET B 422 31.43 11.41 32.05
C MET B 422 32.79 11.78 32.65
N ARG B 423 33.59 10.78 33.01
CA ARG B 423 34.87 11.05 33.67
C ARG B 423 36.09 10.87 32.76
N VAL B 424 35.94 10.07 31.70
CA VAL B 424 36.96 10.01 30.66
C VAL B 424 36.89 11.32 29.88
N GLY B 425 35.67 11.78 29.64
CA GLY B 425 35.39 13.04 28.96
C GLY B 425 35.84 14.25 29.74
N LEU B 426 35.70 14.20 31.07
CA LEU B 426 36.14 15.27 31.95
C LEU B 426 37.67 15.42 31.90
N TYR B 427 38.36 14.30 31.74
CA TYR B 427 39.81 14.29 31.58
C TYR B 427 40.22 14.77 30.20
N LEU B 428 39.63 14.18 29.17
CA LEU B 428 39.94 14.51 27.78
C LEU B 428 39.64 15.97 27.46
N ASN B 429 38.59 16.54 28.06
CA ASN B 429 38.25 17.95 27.91
C ASN B 429 39.38 18.88 28.38
N ILE B 430 39.85 18.65 29.59
CA ILE B 430 40.99 19.39 30.13
C ILE B 430 42.23 19.14 29.27
N ALA B 431 42.48 17.87 28.95
CA ALA B 431 43.58 17.46 28.08
C ALA B 431 43.56 18.24 26.77
N CYS B 432 42.37 18.42 26.22
CA CYS B 432 42.17 19.18 24.99
C CYS B 432 42.44 20.67 25.18
N ILE B 433 41.80 21.28 26.18
CA ILE B 433 41.98 22.71 26.46
C ILE B 433 43.47 23.05 26.52
N GLY B 434 44.27 22.11 27.04
CA GLY B 434 45.73 22.21 27.02
C GLY B 434 46.25 22.25 25.60
N LEU B 435 46.03 21.16 24.86
CA LEU B 435 46.50 21.04 23.47
C LEU B 435 46.07 22.20 22.57
N LEU B 436 44.82 22.62 22.68
CA LEU B 436 44.29 23.74 21.89
C LEU B 436 44.98 25.05 22.22
N THR B 437 44.88 25.49 23.48
CA THR B 437 45.56 26.70 23.93
C THR B 437 47.06 26.63 23.56
N ALA B 438 47.64 25.44 23.66
CA ALA B 438 49.03 25.18 23.25
C ALA B 438 49.25 25.47 21.77
N ILE B 439 48.52 24.76 20.91
CA ILE B 439 48.60 24.95 19.46
C ILE B 439 48.20 26.36 19.02
N ALA B 440 47.16 26.91 19.64
CA ALA B 440 46.68 28.26 19.35
C ALA B 440 47.73 29.32 19.71
N MET B 441 48.53 29.03 20.72
CA MET B 441 49.66 29.87 21.06
C MET B 441 50.76 29.73 20.00
N LEU B 442 51.02 28.49 19.58
CA LEU B 442 52.06 28.19 18.59
C LEU B 442 51.79 28.82 17.22
N PHE B 443 50.56 28.68 16.73
CA PHE B 443 50.14 29.33 15.48
C PHE B 443 49.76 30.80 15.72
N TRP B 444 50.74 31.58 16.18
CA TRP B 444 50.54 33.02 16.39
C TRP B 444 51.56 33.79 15.53
N GLN B 445 52.84 33.42 15.66
CA GLN B 445 53.91 33.97 14.83
C GLN B 445 54.95 32.90 14.49
N LEU C 1 7.37 -6.73 8.86
CA LEU C 1 7.43 -5.24 8.96
C LEU C 1 6.11 -4.62 9.45
N HIS C 2 4.99 -5.27 9.13
CA HIS C 2 3.66 -4.77 9.51
C HIS C 2 3.27 -5.10 10.96
N ARG C 3 2.32 -4.35 11.49
CA ARG C 3 1.79 -4.54 12.85
C ARG C 3 1.36 -5.98 13.09
N ASN C 4 0.50 -6.47 12.18
CA ASN C 4 -0.12 -7.79 12.33
C ASN C 4 0.87 -8.94 12.18
N SER C 5 1.84 -8.76 11.29
CA SER C 5 2.92 -9.74 11.12
C SER C 5 3.71 -9.93 12.42
N LEU C 6 3.85 -8.84 13.17
CA LEU C 6 4.51 -8.88 14.47
C LEU C 6 3.63 -9.57 15.50
N ILE C 7 2.35 -9.19 15.55
CA ILE C 7 1.39 -9.86 16.42
C ILE C 7 1.48 -11.37 16.19
N VAL C 8 1.45 -11.78 14.94
CA VAL C 8 1.57 -13.17 14.55
C VAL C 8 2.90 -13.77 15.03
N LEU C 9 4.01 -13.09 14.75
CA LEU C 9 5.31 -13.56 15.19
C LEU C 9 5.41 -13.68 16.71
N ALA C 10 4.86 -12.68 17.40
CA ALA C 10 4.79 -12.68 18.86
C ALA C 10 3.99 -13.88 19.36
N ASP C 11 2.91 -14.18 18.65
CA ASP C 11 2.03 -15.29 19.00
C ASP C 11 2.76 -16.61 18.83
N VAL C 12 3.49 -16.74 17.73
CA VAL C 12 4.34 -17.90 17.46
C VAL C 12 5.38 -18.10 18.57
N ALA C 13 5.99 -17.00 19.01
CA ALA C 13 6.87 -17.03 20.17
C ALA C 13 6.13 -17.51 21.42
N LEU C 14 4.95 -16.92 21.68
CA LEU C 14 4.12 -17.27 22.84
C LEU C 14 3.81 -18.75 22.90
N PHE C 15 3.39 -19.29 21.76
CA PHE C 15 3.14 -20.72 21.64
C PHE C 15 4.39 -21.52 21.99
N LEU C 16 5.46 -21.26 21.25
CA LEU C 16 6.73 -21.93 21.46
C LEU C 16 7.18 -21.91 22.91
N ALA C 17 6.89 -20.79 23.58
CA ALA C 17 7.20 -20.61 25.00
C ALA C 17 6.32 -21.49 25.88
N LEU C 18 5.00 -21.33 25.74
CA LEU C 18 4.02 -22.13 26.47
C LEU C 18 4.22 -23.63 26.24
N TYR C 19 4.55 -24.00 25.00
CA TYR C 19 4.76 -25.39 24.63
C TYR C 19 5.95 -26.00 25.37
N HIS C 20 7.06 -25.28 25.40
CA HIS C 20 8.30 -25.78 26.01
C HIS C 20 8.43 -25.54 27.50
N PHE C 21 7.50 -24.77 28.07
CA PHE C 21 7.65 -24.29 29.45
C PHE C 21 6.57 -24.71 30.45
N LEU C 22 5.36 -25.01 29.96
CA LEU C 22 4.30 -25.46 30.85
C LEU C 22 4.62 -26.86 31.39
N PRO C 23 4.27 -27.11 32.68
CA PRO C 23 4.66 -28.34 33.37
C PRO C 23 3.52 -29.35 33.56
N PHE C 24 2.88 -29.77 32.46
CA PHE C 24 1.76 -30.69 32.55
C PHE C 24 1.91 -31.87 31.61
N GLU C 25 1.02 -32.85 31.78
CA GLU C 25 0.87 -33.96 30.85
C GLU C 25 0.81 -33.37 29.44
N HIS C 26 1.58 -33.97 28.53
CA HIS C 26 1.85 -33.39 27.21
C HIS C 26 0.61 -32.85 26.45
N ASN C 27 -0.47 -33.61 26.47
CA ASN C 27 -1.73 -33.24 25.80
C ASN C 27 -2.27 -31.90 26.26
N VAL C 28 -2.29 -31.69 27.57
CA VAL C 28 -2.78 -30.46 28.17
C VAL C 28 -1.93 -29.27 27.77
N VAL C 29 -0.61 -29.47 27.74
CA VAL C 29 0.34 -28.46 27.26
C VAL C 29 -0.04 -28.04 25.85
N LEU C 30 -0.10 -29.02 24.95
CA LEU C 30 -0.44 -28.81 23.55
C LEU C 30 -1.78 -28.08 23.40
N GLY C 31 -2.79 -28.58 24.11
CA GLY C 31 -4.12 -27.98 24.09
C GLY C 31 -4.14 -26.55 24.58
N ILE C 32 -3.47 -26.29 25.71
CA ILE C 32 -3.38 -24.95 26.27
C ILE C 32 -2.63 -24.03 25.30
N SER C 33 -1.49 -24.50 24.83
CA SER C 33 -0.65 -23.73 23.91
C SER C 33 -1.42 -23.33 22.65
N MET C 34 -2.19 -24.28 22.11
CA MET C 34 -3.08 -24.00 20.98
C MET C 34 -4.17 -23.02 21.34
N LEU C 35 -4.87 -23.29 22.45
CA LEU C 35 -5.97 -22.44 22.87
C LEU C 35 -5.54 -20.98 22.96
N ALA C 36 -4.35 -20.78 23.55
CA ALA C 36 -3.76 -19.45 23.69
C ALA C 36 -3.49 -18.84 22.33
N PHE C 37 -2.85 -19.62 21.45
CA PHE C 37 -2.48 -19.19 20.10
C PHE C 37 -3.70 -18.65 19.33
N ILE C 38 -4.73 -19.49 19.21
CA ILE C 38 -5.94 -19.13 18.49
C ILE C 38 -6.64 -17.95 19.15
N ALA C 39 -6.69 -17.97 20.49
CA ALA C 39 -7.32 -16.90 21.26
C ALA C 39 -6.86 -15.53 20.78
N VAL C 40 -5.54 -15.41 20.67
CA VAL C 40 -4.85 -14.20 20.21
C VAL C 40 -5.25 -13.84 18.78
N LEU C 41 -5.09 -14.80 17.87
CA LEU C 41 -5.34 -14.58 16.45
C LEU C 41 -6.79 -14.22 16.12
N TRP C 42 -7.72 -14.51 17.03
CA TRP C 42 -9.12 -14.18 16.79
C TRP C 42 -9.51 -12.86 17.45
N LEU C 43 -8.89 -12.58 18.59
CA LEU C 43 -9.17 -11.33 19.28
C LEU C 43 -8.43 -10.15 18.64
N THR C 44 -7.17 -10.38 18.24
CA THR C 44 -6.40 -9.38 17.51
C THR C 44 -6.89 -9.24 16.06
N GLU C 45 -7.23 -10.36 15.45
CA GLU C 45 -7.54 -10.41 14.02
C GLU C 45 -6.35 -10.02 13.18
N ALA C 46 -5.16 -10.41 13.64
CA ALA C 46 -3.90 -10.25 12.91
C ALA C 46 -3.95 -11.00 11.59
N LEU C 47 -4.48 -12.22 11.63
CA LEU C 47 -4.92 -12.94 10.43
C LEU C 47 -6.44 -12.85 10.38
N HIS C 48 -7.02 -13.01 9.19
CA HIS C 48 -8.47 -12.98 9.08
C HIS C 48 -9.11 -14.08 9.94
N VAL C 49 -10.16 -13.70 10.66
CA VAL C 49 -11.07 -14.62 11.32
C VAL C 49 -11.15 -16.00 10.63
N THR C 50 -11.26 -16.01 9.30
CA THR C 50 -11.41 -17.25 8.55
C THR C 50 -10.09 -18.00 8.35
N VAL C 51 -9.03 -17.25 8.07
CA VAL C 51 -7.71 -17.85 7.94
C VAL C 51 -7.31 -18.55 9.26
N THR C 52 -7.60 -17.91 10.38
CA THR C 52 -7.35 -18.50 11.70
C THR C 52 -8.14 -19.78 11.85
N ALA C 53 -9.37 -19.77 11.33
CA ALA C 53 -10.26 -20.91 11.48
C ALA C 53 -9.75 -22.10 10.69
N ILE C 54 -9.18 -21.83 9.50
CA ILE C 54 -8.56 -22.85 8.67
C ILE C 54 -7.29 -23.37 9.35
N LEU C 55 -6.72 -22.52 10.20
CA LEU C 55 -5.49 -22.87 10.91
C LEU C 55 -5.71 -23.95 11.97
N VAL C 56 -6.94 -24.01 12.48
CA VAL C 56 -7.28 -24.93 13.58
C VAL C 56 -7.10 -26.42 13.17
N PRO C 57 -7.75 -26.84 12.08
CA PRO C 57 -7.62 -28.24 11.67
C PRO C 57 -6.19 -28.57 11.34
N VAL C 58 -5.54 -27.67 10.60
CA VAL C 58 -4.16 -27.91 10.13
C VAL C 58 -3.20 -28.14 11.31
N MET C 59 -3.40 -27.39 12.40
CA MET C 59 -2.63 -27.61 13.63
C MET C 59 -3.00 -28.94 14.25
N ALA C 60 -4.30 -29.09 14.53
CA ALA C 60 -4.86 -30.32 15.09
C ALA C 60 -4.27 -31.54 14.40
N VAL C 61 -4.29 -31.51 13.08
CA VAL C 61 -3.84 -32.62 12.26
C VAL C 61 -2.35 -32.85 12.36
N PHE C 62 -1.58 -31.76 12.28
CA PHE C 62 -0.13 -31.86 12.33
C PHE C 62 0.36 -32.29 13.70
N PHE C 63 -0.28 -31.79 14.76
CA PHE C 63 0.04 -32.24 16.11
C PHE C 63 -0.70 -33.51 16.54
N GLY C 64 -1.06 -34.33 15.55
CA GLY C 64 -1.71 -35.63 15.77
C GLY C 64 -2.93 -35.71 16.67
N ILE C 65 -3.59 -34.58 16.93
CA ILE C 65 -4.81 -34.58 17.73
C ILE C 65 -5.94 -35.33 16.98
N PHE C 66 -6.05 -35.08 15.69
CA PHE C 66 -7.03 -35.75 14.83
C PHE C 66 -6.38 -36.16 13.51
N GLU C 67 -7.09 -36.98 12.74
CA GLU C 67 -6.66 -37.29 11.37
C GLU C 67 -7.30 -36.31 10.41
N THR C 68 -6.61 -36.01 9.31
CA THR C 68 -6.98 -34.90 8.43
C THR C 68 -8.50 -34.83 8.18
N GLN C 69 -9.08 -35.96 7.78
CA GLN C 69 -10.49 -36.04 7.38
C GLN C 69 -11.43 -35.78 8.56
N ALA C 70 -11.11 -36.39 9.70
CA ALA C 70 -11.89 -36.25 10.92
C ALA C 70 -11.99 -34.78 11.28
N ALA C 71 -10.84 -34.08 11.26
CA ALA C 71 -10.78 -32.68 11.59
C ALA C 71 -11.58 -31.85 10.59
N LEU C 72 -11.54 -32.26 9.33
CA LEU C 72 -12.18 -31.51 8.26
C LEU C 72 -13.69 -31.65 8.32
N ASN C 73 -14.15 -32.83 8.73
CA ASN C 73 -15.56 -33.14 8.81
C ASN C 73 -16.31 -32.12 9.65
N ASN C 74 -15.58 -31.53 10.60
CA ASN C 74 -16.07 -30.44 11.43
C ASN C 74 -16.78 -29.35 10.62
N PHE C 75 -16.39 -29.21 9.37
CA PHE C 75 -16.85 -28.14 8.53
C PHE C 75 -18.18 -28.42 7.86
N ALA C 76 -18.58 -29.69 7.85
CA ALA C 76 -19.85 -30.11 7.25
C ALA C 76 -20.96 -30.26 8.27
N ASN C 77 -20.74 -29.74 9.48
CA ASN C 77 -21.79 -29.73 10.51
C ASN C 77 -23.10 -29.26 9.92
N SER C 78 -24.21 -29.89 10.33
CA SER C 78 -25.55 -29.48 9.85
C SER C 78 -25.95 -27.99 10.03
N ILE C 79 -25.52 -27.35 11.13
CA ILE C 79 -25.83 -25.94 11.35
C ILE C 79 -25.25 -25.04 10.27
N ILE C 80 -24.05 -25.37 9.81
CA ILE C 80 -23.40 -24.59 8.75
C ILE C 80 -24.31 -24.49 7.53
N PHE C 81 -24.93 -25.61 7.19
CA PHE C 81 -25.90 -25.66 6.10
C PHE C 81 -27.19 -24.94 6.44
N LEU C 82 -27.62 -25.00 7.69
CA LEU C 82 -28.79 -24.24 8.11
C LEU C 82 -28.53 -22.74 7.91
N PHE C 83 -27.27 -22.33 8.16
CA PHE C 83 -26.92 -20.94 8.01
C PHE C 83 -26.80 -20.56 6.55
N LEU C 84 -26.40 -21.51 5.71
CA LEU C 84 -26.34 -21.27 4.26
C LEU C 84 -27.74 -21.05 3.71
N GLY C 85 -28.71 -21.77 4.27
CA GLY C 85 -30.12 -21.55 3.95
C GLY C 85 -30.54 -20.13 4.25
N GLY C 86 -30.04 -19.59 5.35
CA GLY C 86 -30.31 -18.22 5.74
C GLY C 86 -29.79 -17.23 4.73
N PHE C 87 -28.56 -17.47 4.25
CA PHE C 87 -27.92 -16.63 3.24
C PHE C 87 -28.70 -16.63 1.93
N ALA C 88 -29.21 -17.80 1.55
CA ALA C 88 -30.00 -17.96 0.32
C ALA C 88 -31.35 -17.30 0.46
N LEU C 89 -31.97 -17.45 1.62
CA LEU C 89 -33.26 -16.83 1.89
C LEU C 89 -33.16 -15.31 1.84
N ALA C 90 -32.07 -14.76 2.37
CA ALA C 90 -31.78 -13.34 2.31
C ALA C 90 -31.45 -12.89 0.89
N ALA C 91 -30.56 -13.64 0.24
CA ALA C 91 -30.15 -13.38 -1.15
C ALA C 91 -31.36 -13.12 -2.04
N ALA C 92 -32.39 -13.94 -1.85
CA ALA C 92 -33.61 -13.90 -2.62
C ALA C 92 -34.37 -12.61 -2.40
N MET C 93 -34.71 -12.33 -1.14
CA MET C 93 -35.55 -11.18 -0.86
C MET C 93 -34.82 -9.84 -0.97
N HIS C 94 -33.50 -9.86 -1.12
CA HIS C 94 -32.77 -8.63 -1.45
C HIS C 94 -32.84 -8.37 -2.95
N HIS C 95 -32.45 -9.37 -3.74
CA HIS C 95 -32.46 -9.30 -5.20
C HIS C 95 -33.88 -9.09 -5.73
N GLN C 96 -34.86 -9.68 -5.04
CA GLN C 96 -36.26 -9.50 -5.39
C GLN C 96 -36.75 -8.10 -5.01
N GLY C 97 -36.13 -7.51 -3.99
CA GLY C 97 -36.48 -6.17 -3.55
C GLY C 97 -37.53 -6.14 -2.46
N LEU C 98 -37.87 -7.31 -1.93
CA LEU C 98 -38.82 -7.45 -0.84
C LEU C 98 -38.40 -6.67 0.42
N ASP C 99 -37.10 -6.37 0.54
CA ASP C 99 -36.57 -5.61 1.67
C ASP C 99 -36.84 -4.13 1.51
N LYS C 100 -36.97 -3.70 0.26
CA LYS C 100 -37.33 -2.33 -0.08
C LYS C 100 -38.80 -2.07 0.20
N VAL C 101 -39.66 -3.01 -0.21
CA VAL C 101 -41.09 -2.84 -0.06
C VAL C 101 -41.52 -2.89 1.42
N ILE C 102 -40.85 -3.72 2.21
CA ILE C 102 -41.11 -3.82 3.64
C ILE C 102 -40.67 -2.54 4.34
N ALA C 103 -39.69 -1.85 3.75
CA ALA C 103 -39.22 -0.57 4.26
C ALA C 103 -40.25 0.54 3.99
N ASP C 104 -40.67 0.68 2.74
CA ASP C 104 -41.60 1.74 2.34
C ASP C 104 -42.97 1.57 2.96
N LYS C 105 -43.57 0.39 2.76
CA LYS C 105 -44.89 0.09 3.29
C LYS C 105 -44.98 0.46 4.78
N VAL C 106 -43.97 0.09 5.56
CA VAL C 106 -43.96 0.40 7.00
C VAL C 106 -43.51 1.85 7.28
N LEU C 107 -42.67 2.40 6.42
CA LEU C 107 -42.21 3.77 6.60
C LEU C 107 -43.25 4.81 6.19
N ALA C 108 -44.01 4.50 5.14
CA ALA C 108 -45.09 5.38 4.69
C ALA C 108 -46.34 5.24 5.57
N MET C 109 -46.38 4.18 6.40
CA MET C 109 -47.43 4.02 7.42
C MET C 109 -47.43 5.25 8.31
N ALA C 110 -46.23 5.77 8.58
CA ALA C 110 -46.06 7.08 9.16
C ALA C 110 -46.37 8.11 8.07
N GLN C 111 -47.43 8.89 8.30
CA GLN C 111 -47.94 9.81 7.29
C GLN C 111 -46.92 10.87 6.88
N GLY C 112 -46.18 11.39 7.85
CA GLY C 112 -45.20 12.44 7.59
C GLY C 112 -44.60 13.00 8.86
N LYS C 113 -44.63 12.20 9.93
CA LYS C 113 -44.20 12.64 11.25
C LYS C 113 -42.86 12.01 11.63
N MET C 114 -41.94 12.87 12.10
CA MET C 114 -40.62 12.43 12.55
C MET C 114 -40.66 11.63 13.84
N SER C 115 -41.64 11.94 14.70
CA SER C 115 -41.86 11.19 15.94
C SER C 115 -42.09 9.71 15.64
N VAL C 116 -42.94 9.43 14.64
CA VAL C 116 -43.28 8.06 14.28
C VAL C 116 -42.52 7.62 13.01
N ALA C 117 -41.49 8.38 12.66
CA ALA C 117 -40.60 8.04 11.55
C ALA C 117 -39.45 7.18 12.02
N VAL C 118 -38.66 7.70 12.96
CA VAL C 118 -37.50 7.01 13.50
C VAL C 118 -37.89 5.82 14.38
N PHE C 119 -39.03 5.94 15.06
CA PHE C 119 -39.59 4.86 15.85
C PHE C 119 -40.04 3.68 14.98
N MET C 120 -40.38 3.98 13.72
CA MET C 120 -40.67 2.96 12.73
C MET C 120 -39.43 2.56 11.93
N LEU C 121 -38.34 3.29 12.12
CA LEU C 121 -37.06 2.92 11.52
C LEU C 121 -36.36 1.85 12.33
N PHE C 122 -36.43 1.99 13.66
CA PHE C 122 -35.83 1.02 14.56
C PHE C 122 -36.54 -0.32 14.49
N GLY C 123 -37.87 -0.27 14.42
CA GLY C 123 -38.71 -1.47 14.32
C GLY C 123 -38.48 -2.23 13.03
N VAL C 124 -38.16 -1.51 11.96
CA VAL C 124 -37.88 -2.11 10.67
C VAL C 124 -36.46 -2.66 10.62
N THR C 125 -35.50 -1.90 11.12
CA THR C 125 -34.11 -2.35 11.19
C THR C 125 -34.01 -3.67 11.94
N ALA C 126 -34.66 -3.73 13.10
CA ALA C 126 -34.67 -4.92 13.93
C ALA C 126 -35.38 -6.11 13.27
N LEU C 127 -36.56 -5.86 12.70
CA LEU C 127 -37.32 -6.90 12.00
C LEU C 127 -36.56 -7.44 10.80
N LEU C 128 -35.98 -6.54 10.01
CA LEU C 128 -35.18 -6.91 8.85
C LEU C 128 -33.94 -7.64 9.28
N SER C 129 -33.42 -7.27 10.44
CA SER C 129 -32.19 -7.87 10.96
C SER C 129 -32.34 -9.34 11.31
N MET C 130 -33.53 -9.72 11.79
CA MET C 130 -33.80 -11.08 12.25
C MET C 130 -33.42 -12.17 11.26
N TRP C 131 -33.38 -11.83 9.97
CA TRP C 131 -33.29 -12.82 8.91
C TRP C 131 -32.11 -12.60 7.98
N ILE C 132 -31.60 -11.37 7.97
CA ILE C 132 -30.61 -10.96 6.97
C ILE C 132 -29.17 -11.08 7.48
N SER C 133 -28.80 -10.20 8.42
CA SER C 133 -27.44 -10.09 8.92
C SER C 133 -27.42 -8.87 9.82
N ASN C 134 -26.27 -8.52 10.39
CA ASN C 134 -26.16 -7.26 11.12
C ASN C 134 -25.56 -6.17 10.25
N THR C 135 -24.40 -6.46 9.68
CA THR C 135 -23.66 -5.57 8.81
C THR C 135 -24.47 -5.24 7.55
N ALA C 136 -25.15 -6.24 7.01
CA ALA C 136 -25.94 -6.06 5.80
C ALA C 136 -27.12 -5.16 6.08
N THR C 137 -27.76 -5.37 7.23
CA THR C 137 -28.93 -4.60 7.61
C THR C 137 -28.54 -3.17 7.96
N ALA C 138 -27.32 -2.99 8.47
CA ALA C 138 -26.81 -1.66 8.79
C ALA C 138 -26.53 -0.85 7.53
N ALA C 139 -25.73 -1.40 6.63
CA ALA C 139 -25.37 -0.72 5.37
C ALA C 139 -26.60 -0.49 4.49
N MET C 140 -27.58 -1.38 4.57
CA MET C 140 -28.82 -1.23 3.82
C MET C 140 -29.71 -0.13 4.45
N MET C 141 -29.62 0.05 5.76
CA MET C 141 -30.44 1.06 6.44
C MET C 141 -29.91 2.49 6.36
N LEU C 142 -28.60 2.64 6.18
CA LEU C 142 -27.96 3.96 6.26
C LEU C 142 -28.56 5.03 5.33
N PRO C 143 -28.68 4.73 4.00
CA PRO C 143 -29.28 5.71 3.09
C PRO C 143 -30.74 6.09 3.43
N LEU C 144 -31.48 5.11 3.93
CA LEU C 144 -32.88 5.30 4.30
C LEU C 144 -33.01 6.15 5.57
N VAL C 145 -31.96 6.15 6.38
CA VAL C 145 -31.92 6.96 7.61
C VAL C 145 -31.51 8.39 7.26
N LEU C 146 -30.47 8.54 6.44
CA LEU C 146 -30.02 9.86 5.98
C LEU C 146 -31.04 10.53 5.08
N GLY C 147 -31.86 9.72 4.41
CA GLY C 147 -32.97 10.21 3.61
C GLY C 147 -33.98 10.96 4.46
N VAL C 148 -34.42 10.32 5.55
CA VAL C 148 -35.38 10.90 6.46
C VAL C 148 -34.79 12.10 7.22
N LEU C 149 -33.56 11.96 7.69
CA LEU C 149 -32.89 13.00 8.46
C LEU C 149 -32.28 14.08 7.58
N SER C 150 -33.09 14.59 6.66
CA SER C 150 -32.67 15.63 5.72
C SER C 150 -33.63 16.82 5.76
N LYS C 151 -34.80 16.62 6.38
CA LYS C 151 -35.74 17.71 6.64
C LYS C 151 -35.32 18.49 7.89
N VAL C 152 -35.05 17.78 8.99
CA VAL C 152 -34.33 18.34 10.13
C VAL C 152 -32.85 18.19 9.80
N ASP C 153 -32.42 19.00 8.84
CA ASP C 153 -31.09 18.90 8.25
C ASP C 153 -30.04 19.58 9.11
N ALA C 154 -30.41 20.66 9.78
CA ALA C 154 -29.51 21.39 10.67
C ALA C 154 -28.72 20.40 11.51
N ASP C 155 -27.43 20.26 11.18
CA ASP C 155 -26.54 19.36 11.93
C ASP C 155 -25.85 20.09 13.08
N LYS C 156 -26.14 21.39 13.20
CA LYS C 156 -25.90 22.12 14.45
C LYS C 156 -26.94 21.61 15.45
N GLN C 157 -28.07 21.16 14.90
CA GLN C 157 -29.06 20.36 15.63
C GLN C 157 -28.72 18.86 15.45
N ARG C 158 -27.63 18.43 16.09
CA ARG C 158 -27.06 17.08 15.96
C ARG C 158 -27.87 15.98 16.63
N SER C 159 -28.23 16.21 17.89
CA SER C 159 -28.81 15.19 18.74
C SER C 159 -30.19 14.70 18.29
N THR C 160 -30.79 15.41 17.33
CA THR C 160 -32.01 14.94 16.66
C THR C 160 -31.60 13.83 15.68
N TYR C 161 -30.40 13.97 15.13
CA TYR C 161 -29.94 13.17 14.01
C TYR C 161 -28.77 12.23 14.42
N VAL C 162 -28.48 12.18 15.72
CA VAL C 162 -27.54 11.20 16.29
C VAL C 162 -28.27 10.07 17.03
N PHE C 163 -29.44 10.41 17.58
CA PHE C 163 -30.33 9.44 18.22
C PHE C 163 -30.85 8.48 17.16
N VAL C 164 -31.11 9.02 15.97
CA VAL C 164 -31.64 8.23 14.87
C VAL C 164 -30.58 7.35 14.21
N LEU C 165 -29.33 7.80 14.23
CA LEU C 165 -28.22 7.01 13.65
C LEU C 165 -27.77 5.88 14.57
N LEU C 166 -27.46 6.22 15.80
CA LEU C 166 -27.02 5.25 16.80
C LEU C 166 -28.15 4.29 17.17
N GLY C 167 -29.38 4.71 16.88
CA GLY C 167 -30.56 3.90 17.15
C GLY C 167 -30.60 2.67 16.27
N VAL C 168 -30.46 2.88 14.96
CA VAL C 168 -30.49 1.77 14.01
C VAL C 168 -29.26 0.87 14.14
N ALA C 169 -28.14 1.46 14.49
CA ALA C 169 -26.89 0.73 14.70
C ALA C 169 -27.05 -0.34 15.77
N TYR C 170 -27.79 -0.01 16.82
CA TYR C 170 -28.05 -0.96 17.88
C TYR C 170 -29.18 -1.89 17.47
N SER C 171 -30.22 -1.33 16.84
CA SER C 171 -31.40 -2.09 16.41
C SER C 171 -31.01 -3.24 15.49
N ALA C 172 -29.92 -3.06 14.76
CA ALA C 172 -29.37 -4.10 13.90
C ALA C 172 -28.67 -5.18 14.72
N SER C 173 -28.03 -4.79 15.82
CA SER C 173 -27.37 -5.77 16.68
C SER C 173 -28.36 -6.52 17.57
N ILE C 174 -29.36 -5.80 18.08
CA ILE C 174 -30.41 -6.39 18.94
C ILE C 174 -31.37 -7.29 18.14
N GLY C 175 -31.61 -6.91 16.89
CA GLY C 175 -32.45 -7.69 16.00
C GLY C 175 -31.81 -9.00 15.61
N GLY C 176 -30.49 -9.09 15.79
CA GLY C 176 -29.72 -10.30 15.49
C GLY C 176 -29.90 -11.38 16.55
N ILE C 177 -30.27 -10.96 17.74
CA ILE C 177 -30.45 -11.85 18.88
C ILE C 177 -31.83 -12.50 18.86
N ALA C 178 -32.62 -12.26 17.81
CA ALA C 178 -33.97 -12.81 17.75
C ALA C 178 -34.01 -14.28 17.40
N THR C 179 -33.26 -14.68 16.36
CA THR C 179 -33.32 -16.05 15.81
C THR C 179 -31.95 -16.64 15.49
N LEU C 180 -31.94 -17.94 15.22
CA LEU C 180 -30.71 -18.71 14.98
C LEU C 180 -29.93 -18.23 13.75
N VAL C 181 -30.65 -17.90 12.67
CA VAL C 181 -30.07 -17.12 11.57
C VAL C 181 -30.20 -15.67 12.01
N GLY C 182 -29.20 -14.86 11.67
CA GLY C 182 -29.23 -13.47 12.06
C GLY C 182 -27.88 -12.92 12.48
N SER C 183 -27.12 -13.71 13.22
CA SER C 183 -25.76 -13.35 13.59
C SER C 183 -24.99 -14.58 13.97
N PRO C 184 -23.76 -14.73 13.46
CA PRO C 184 -22.96 -15.94 13.66
C PRO C 184 -22.85 -16.46 15.11
N PRO C 185 -22.69 -15.56 16.12
CA PRO C 185 -22.57 -16.11 17.47
C PRO C 185 -23.69 -17.09 17.82
N ASN C 186 -24.92 -16.73 17.43
CA ASN C 186 -26.09 -17.53 17.70
C ASN C 186 -25.98 -18.92 17.08
N ALA C 187 -25.44 -18.95 15.87
CA ALA C 187 -25.22 -20.20 15.15
C ALA C 187 -24.12 -21.01 15.83
N ILE C 188 -23.09 -20.32 16.32
CA ILE C 188 -21.99 -21.01 16.99
C ILE C 188 -22.51 -21.73 18.24
N ALA C 189 -23.30 -21.01 19.03
CA ALA C 189 -23.95 -21.59 20.20
C ALA C 189 -24.77 -22.82 19.81
N ALA C 190 -25.55 -22.70 18.74
CA ALA C 190 -26.42 -23.78 18.30
C ALA C 190 -25.63 -25.03 17.90
N ALA C 191 -24.51 -24.83 17.21
CA ALA C 191 -23.68 -25.92 16.73
C ALA C 191 -22.92 -26.58 17.87
N GLU C 192 -22.56 -25.78 18.87
CA GLU C 192 -21.87 -26.29 20.03
C GLU C 192 -22.78 -27.15 20.89
N VAL C 193 -24.01 -26.68 21.12
CA VAL C 193 -24.91 -27.38 22.05
C VAL C 193 -26.08 -28.11 21.38
N GLY C 194 -26.15 -28.06 20.06
CA GLY C 194 -27.18 -28.76 19.29
C GLY C 194 -28.59 -28.20 19.41
N LEU C 195 -28.72 -26.87 19.30
CA LEU C 195 -30.01 -26.19 19.39
C LEU C 195 -30.80 -26.28 18.09
N SER C 196 -32.11 -26.36 18.20
CA SER C 196 -32.98 -26.26 17.05
C SER C 196 -33.28 -24.78 16.81
N PHE C 197 -33.77 -24.44 15.62
CA PHE C 197 -34.08 -23.04 15.30
C PHE C 197 -35.10 -22.47 16.28
N THR C 198 -36.11 -23.30 16.57
CA THR C 198 -37.16 -22.95 17.50
C THR C 198 -36.66 -22.87 18.96
N ASP C 199 -35.59 -23.60 19.27
CA ASP C 199 -34.94 -23.55 20.59
C ASP C 199 -34.26 -22.21 20.85
N TRP C 200 -33.52 -21.71 19.87
CA TRP C 200 -32.81 -20.43 20.03
C TRP C 200 -33.74 -19.24 19.97
N MET C 201 -34.94 -19.44 19.44
CA MET C 201 -35.93 -18.37 19.42
C MET C 201 -36.65 -18.25 20.75
N LYS C 202 -36.83 -19.39 21.44
CA LYS C 202 -37.43 -19.43 22.76
C LYS C 202 -36.62 -18.57 23.73
N PHE C 203 -35.30 -18.68 23.65
CA PHE C 203 -34.40 -17.85 24.41
C PHE C 203 -34.36 -16.44 23.84
N GLY C 204 -33.84 -16.33 22.62
CA GLY C 204 -33.48 -15.06 22.02
C GLY C 204 -34.55 -14.00 21.80
N LEU C 205 -35.68 -14.38 21.20
CA LEU C 205 -36.71 -13.41 20.84
C LEU C 205 -37.24 -12.59 22.04
N PRO C 206 -37.61 -13.27 23.16
CA PRO C 206 -37.98 -12.52 24.36
C PRO C 206 -36.92 -11.51 24.81
N THR C 207 -35.64 -11.85 24.64
CA THR C 207 -34.55 -10.95 24.99
C THR C 207 -34.50 -9.73 24.08
N ALA C 208 -34.74 -9.94 22.78
CA ALA C 208 -34.78 -8.84 21.82
C ALA C 208 -36.03 -7.97 22.03
N MET C 209 -37.14 -8.63 22.36
CA MET C 209 -38.39 -7.95 22.71
C MET C 209 -38.16 -6.99 23.87
N MET C 210 -37.35 -7.44 24.82
CA MET C 210 -37.03 -6.68 26.02
C MET C 210 -35.98 -5.61 25.74
N MET C 211 -34.96 -5.97 24.96
CA MET C 211 -33.75 -5.16 24.84
C MET C 211 -33.89 -3.93 23.96
N LEU C 212 -34.63 -4.05 22.86
CA LEU C 212 -34.82 -2.95 21.91
C LEU C 212 -35.51 -1.70 22.53
N PRO C 213 -36.60 -1.90 23.30
CA PRO C 213 -37.19 -0.77 24.01
C PRO C 213 -36.22 -0.16 25.01
N MET C 214 -35.58 -1.02 25.81
CA MET C 214 -34.59 -0.61 26.81
C MET C 214 -33.45 0.18 26.18
N ALA C 215 -33.12 -0.13 24.93
CA ALA C 215 -32.02 0.54 24.24
C ALA C 215 -32.45 1.90 23.72
N ILE C 216 -33.67 1.97 23.20
CA ILE C 216 -34.22 3.25 22.73
C ILE C 216 -34.46 4.19 23.91
N ALA C 217 -35.05 3.65 24.98
CA ALA C 217 -35.28 4.41 26.21
C ALA C 217 -34.00 5.07 26.75
N ILE C 218 -32.87 4.37 26.65
CA ILE C 218 -31.58 4.91 27.11
C ILE C 218 -31.01 5.96 26.15
N LEU C 219 -31.17 5.73 24.84
CA LEU C 219 -30.76 6.69 23.82
C LEU C 219 -31.65 7.92 23.88
N TYR C 220 -32.95 7.68 24.07
CA TYR C 220 -33.96 8.72 24.20
C TYR C 220 -33.68 9.64 25.38
N PHE C 221 -33.57 9.04 26.56
CA PHE C 221 -33.35 9.78 27.80
C PHE C 221 -31.91 10.27 27.94
N LEU C 222 -31.28 10.61 26.81
CA LEU C 222 -30.07 11.40 26.84
C LEU C 222 -30.27 12.78 26.22
N LEU C 223 -30.10 12.91 24.90
CA LEU C 223 -30.26 14.24 24.29
C LEU C 223 -31.17 14.22 23.06
N LYS C 224 -32.45 13.89 23.26
CA LYS C 224 -33.39 13.83 22.14
C LYS C 224 -34.26 15.09 22.05
N PRO C 225 -34.24 15.77 20.89
CA PRO C 225 -35.20 16.81 20.54
C PRO C 225 -35.92 16.50 19.22
N THR C 226 -36.52 15.31 19.15
CA THR C 226 -37.04 14.76 17.89
C THR C 226 -38.57 14.81 17.77
N LEU C 227 -39.25 15.24 18.84
CA LEU C 227 -40.71 15.37 18.84
C LEU C 227 -41.15 16.47 17.85
N ASN C 228 -40.18 17.04 17.13
CA ASN C 228 -40.40 18.04 16.10
C ASN C 228 -39.82 17.65 14.74
N GLY C 229 -40.37 18.24 13.67
CA GLY C 229 -39.92 17.98 12.31
C GLY C 229 -41.02 17.48 11.39
N MET C 230 -40.70 17.38 10.09
CA MET C 230 -41.62 16.82 9.09
C MET C 230 -40.90 15.87 8.15
N PHE C 231 -41.68 15.17 7.33
CA PHE C 231 -41.15 14.10 6.47
C PHE C 231 -40.80 14.61 5.08
N GLU C 232 -40.10 13.78 4.33
CA GLU C 232 -39.93 13.97 2.89
C GLU C 232 -39.85 12.61 2.19
N LEU C 233 -41.02 12.03 1.91
CA LEU C 233 -41.13 10.70 1.29
C LEU C 233 -40.69 10.72 -0.18
N ASP C 234 -39.38 10.94 -0.41
CA ASP C 234 -38.85 11.24 -1.74
C ASP C 234 -38.10 10.07 -2.40
N ARG C 235 -38.78 9.46 -3.38
CA ARG C 235 -38.27 8.39 -4.25
C ARG C 235 -39.48 7.66 -4.83
N ALA C 236 -39.26 6.88 -5.88
CA ALA C 236 -40.33 6.11 -6.53
C ALA C 236 -40.96 5.11 -5.55
N PRO C 237 -42.32 5.12 -5.47
CA PRO C 237 -43.05 4.16 -4.62
C PRO C 237 -42.85 2.71 -5.05
N VAL C 238 -43.11 1.78 -4.14
CA VAL C 238 -42.91 0.34 -4.39
C VAL C 238 -44.22 -0.37 -4.70
N ASN C 239 -44.11 -1.58 -5.27
CA ASN C 239 -45.26 -2.39 -5.68
C ASN C 239 -44.92 -3.85 -5.90
N TRP C 240 -45.70 -4.75 -5.30
CA TRP C 240 -45.47 -6.19 -5.38
C TRP C 240 -45.49 -6.70 -6.83
N ASP C 241 -44.32 -7.09 -7.35
CA ASP C 241 -44.19 -7.53 -8.75
C ASP C 241 -44.21 -9.05 -8.90
N LYS C 242 -43.43 -9.59 -9.85
CA LYS C 242 -43.39 -11.03 -10.12
C LYS C 242 -43.05 -11.86 -8.87
N GLY C 243 -44.11 -12.20 -8.12
CA GLY C 243 -43.96 -12.97 -6.91
C GLY C 243 -42.91 -12.48 -5.93
N LYS C 244 -42.98 -11.22 -5.54
CA LYS C 244 -42.39 -10.81 -4.27
C LYS C 244 -43.25 -11.51 -3.24
N VAL C 245 -44.49 -11.77 -3.66
CA VAL C 245 -45.46 -12.58 -2.93
C VAL C 245 -44.97 -14.02 -2.86
N VAL C 246 -44.31 -14.48 -3.92
CA VAL C 246 -43.71 -15.82 -3.97
C VAL C 246 -42.50 -15.94 -3.04
N THR C 247 -41.58 -14.98 -3.12
CA THR C 247 -40.47 -14.94 -2.19
C THR C 247 -41.01 -14.84 -0.74
N LEU C 248 -42.00 -13.98 -0.52
CA LEU C 248 -42.69 -13.91 0.76
C LEU C 248 -43.32 -15.27 1.10
N GLY C 249 -43.89 -15.90 0.08
CA GLY C 249 -44.56 -17.19 0.23
C GLY C 249 -43.60 -18.25 0.73
N ILE C 250 -42.48 -18.39 0.02
CA ILE C 250 -41.45 -19.37 0.39
C ILE C 250 -40.90 -19.05 1.78
N PHE C 251 -40.48 -17.80 1.95
CA PHE C 251 -39.99 -17.28 3.23
C PHE C 251 -40.94 -17.61 4.38
N GLY C 252 -42.22 -17.29 4.20
CA GLY C 252 -43.25 -17.55 5.19
C GLY C 252 -43.36 -19.02 5.53
N LEU C 253 -43.44 -19.85 4.50
CA LEU C 253 -43.49 -21.30 4.64
C LEU C 253 -42.25 -21.82 5.39
N THR C 254 -41.07 -21.34 4.98
CA THR C 254 -39.81 -21.71 5.59
C THR C 254 -39.79 -21.40 7.08
N VAL C 255 -40.11 -20.16 7.43
CA VAL C 255 -40.18 -19.73 8.83
C VAL C 255 -41.22 -20.53 9.62
N PHE C 256 -42.36 -20.78 8.97
CA PHE C 256 -43.44 -21.56 9.58
C PHE C 256 -42.96 -22.96 9.98
N LEU C 257 -42.27 -23.62 9.05
CA LEU C 257 -41.71 -24.95 9.28
C LEU C 257 -40.61 -24.96 10.32
N TRP C 258 -39.85 -23.86 10.38
CA TRP C 258 -38.80 -23.72 11.39
C TRP C 258 -39.37 -23.63 12.80
N ILE C 259 -40.48 -22.90 12.93
CA ILE C 259 -41.14 -22.71 14.22
C ILE C 259 -41.80 -24.03 14.63
N PHE C 260 -42.64 -24.57 13.75
CA PHE C 260 -43.40 -25.77 14.04
C PHE C 260 -42.58 -27.05 13.78
N SER C 261 -41.25 -26.93 13.77
CA SER C 261 -40.37 -28.05 13.40
C SER C 261 -40.54 -29.25 14.31
N SER C 262 -40.71 -28.99 15.60
CA SER C 262 -40.85 -30.06 16.60
C SER C 262 -41.99 -31.06 16.29
N PRO C 263 -43.25 -30.58 16.20
CA PRO C 263 -44.36 -31.49 15.94
C PRO C 263 -44.45 -31.99 14.49
N ILE C 264 -44.00 -31.16 13.55
CA ILE C 264 -43.99 -31.54 12.13
C ILE C 264 -43.02 -32.69 11.94
N ASN C 265 -41.80 -32.52 12.44
CA ASN C 265 -40.77 -33.55 12.34
C ASN C 265 -41.15 -34.81 13.12
N ALA C 266 -41.61 -34.63 14.34
CA ALA C 266 -42.06 -35.74 15.16
C ALA C 266 -43.15 -36.52 14.44
N ALA C 267 -44.10 -35.81 13.86
CA ALA C 267 -45.18 -36.41 13.10
C ALA C 267 -44.79 -36.62 11.64
N LEU C 268 -43.51 -36.90 11.42
CA LEU C 268 -43.02 -37.25 10.10
C LEU C 268 -42.08 -38.46 10.17
N GLY C 269 -41.80 -38.91 11.39
CA GLY C 269 -40.88 -40.02 11.62
C GLY C 269 -39.61 -39.61 12.29
N GLY C 270 -39.47 -38.29 12.52
CA GLY C 270 -38.32 -37.75 13.26
C GLY C 270 -37.01 -37.76 12.51
N PHE C 271 -36.92 -36.98 11.45
CA PHE C 271 -35.68 -36.80 10.70
C PHE C 271 -34.65 -36.04 11.53
N LYS C 272 -33.38 -36.23 11.22
CA LYS C 272 -32.32 -35.86 12.15
C LYS C 272 -32.15 -34.36 12.42
N SER C 273 -31.67 -33.58 11.46
CA SER C 273 -31.54 -32.14 11.68
C SER C 273 -32.59 -31.39 10.90
N PHE C 274 -33.83 -31.60 11.28
CA PHE C 274 -34.98 -31.11 10.51
C PHE C 274 -34.87 -29.65 10.08
N ASP C 275 -34.35 -28.80 10.95
CA ASP C 275 -34.22 -27.37 10.64
C ASP C 275 -33.27 -27.13 9.46
N THR C 276 -32.18 -27.90 9.43
CA THR C 276 -31.20 -27.85 8.34
C THR C 276 -31.89 -28.29 7.04
N LEU C 277 -32.71 -29.33 7.16
CA LEU C 277 -33.43 -29.84 6.00
C LEU C 277 -34.38 -28.77 5.48
N VAL C 278 -35.09 -28.13 6.40
CA VAL C 278 -35.96 -26.99 6.07
C VAL C 278 -35.15 -25.91 5.33
N ALA C 279 -33.98 -25.60 5.88
CA ALA C 279 -33.09 -24.60 5.29
C ALA C 279 -32.67 -24.97 3.87
N LEU C 280 -32.27 -26.22 3.68
CA LEU C 280 -31.88 -26.68 2.37
C LEU C 280 -33.08 -26.71 1.44
N GLY C 281 -34.23 -27.06 2.01
CA GLY C 281 -35.50 -27.04 1.29
C GLY C 281 -35.78 -25.67 0.71
N ALA C 282 -35.61 -24.64 1.54
CA ALA C 282 -35.75 -23.26 1.11
C ALA C 282 -34.85 -22.94 -0.10
N ILE C 283 -33.58 -23.36 -0.05
CA ILE C 283 -32.65 -23.19 -1.18
C ILE C 283 -33.23 -23.82 -2.45
N LEU C 284 -33.94 -24.94 -2.31
CA LEU C 284 -34.50 -25.62 -3.48
C LEU C 284 -35.78 -24.95 -3.97
N MET C 285 -36.74 -24.72 -3.06
CA MET C 285 -37.99 -24.01 -3.36
C MET C 285 -37.72 -22.66 -4.02
N LEU C 286 -36.71 -21.96 -3.54
CA LEU C 286 -36.34 -20.69 -4.11
C LEU C 286 -35.78 -20.81 -5.53
N SER C 287 -35.19 -21.96 -5.84
CA SER C 287 -34.59 -22.16 -7.15
C SER C 287 -35.57 -22.73 -8.16
N PHE C 288 -36.39 -23.68 -7.71
CA PHE C 288 -37.42 -24.25 -8.56
C PHE C 288 -38.42 -23.16 -8.92
N ALA C 289 -38.84 -22.38 -7.91
CA ALA C 289 -39.71 -21.22 -8.15
C ALA C 289 -38.96 -20.05 -8.80
N ARG C 290 -37.76 -20.32 -9.31
CA ARG C 290 -37.01 -19.41 -10.17
C ARG C 290 -36.75 -18.01 -9.59
N VAL C 291 -37.18 -17.77 -8.35
CA VAL C 291 -37.21 -16.43 -7.76
C VAL C 291 -35.83 -15.78 -7.51
N VAL C 292 -34.79 -16.62 -7.47
CA VAL C 292 -33.40 -16.16 -7.25
C VAL C 292 -32.40 -17.12 -7.92
N HIS C 293 -31.38 -16.56 -8.57
CA HIS C 293 -30.37 -17.36 -9.27
C HIS C 293 -29.31 -17.83 -8.28
N TRP C 294 -28.41 -18.72 -8.69
CA TRP C 294 -27.39 -19.21 -7.74
C TRP C 294 -26.25 -18.23 -7.52
N LYS C 295 -25.77 -17.59 -8.59
CA LYS C 295 -24.68 -16.61 -8.48
C LYS C 295 -25.00 -15.54 -7.44
N GLU C 296 -26.28 -15.19 -7.32
CA GLU C 296 -26.80 -14.29 -6.29
C GLU C 296 -26.54 -14.78 -4.86
N ILE C 297 -26.86 -16.06 -4.62
CA ILE C 297 -26.60 -16.73 -3.34
C ILE C 297 -25.09 -16.85 -3.05
N GLN C 298 -24.30 -17.12 -4.08
CA GLN C 298 -22.86 -17.19 -3.93
C GLN C 298 -22.23 -15.84 -3.55
N LYS C 299 -22.80 -14.74 -4.03
CA LYS C 299 -22.39 -13.40 -3.59
C LYS C 299 -22.86 -13.07 -2.18
N THR C 300 -24.15 -13.28 -1.91
CA THR C 300 -24.73 -13.06 -0.58
C THR C 300 -24.09 -13.91 0.53
N ALA C 301 -23.75 -15.16 0.20
CA ALA C 301 -23.23 -16.10 1.20
C ALA C 301 -21.88 -15.65 1.73
N ASP C 302 -21.76 -15.62 3.06
CA ASP C 302 -20.49 -15.29 3.70
C ASP C 302 -19.79 -16.58 4.07
N TRP C 303 -19.23 -17.22 3.05
CA TRP C 303 -18.52 -18.49 3.16
C TRP C 303 -17.39 -18.43 4.19
N GLY C 304 -16.83 -17.23 4.35
CA GLY C 304 -15.84 -16.96 5.39
C GLY C 304 -16.39 -17.32 6.76
N VAL C 305 -17.60 -16.83 7.04
CA VAL C 305 -18.31 -17.16 8.27
C VAL C 305 -18.61 -18.67 8.39
N LEU C 306 -19.00 -19.29 7.28
CA LEU C 306 -19.35 -20.71 7.26
C LEU C 306 -18.14 -21.60 7.56
N LEU C 307 -16.96 -21.19 7.09
CA LEU C 307 -15.72 -21.86 7.43
C LEU C 307 -15.35 -21.64 8.89
N LEU C 308 -15.52 -20.40 9.37
CA LEU C 308 -15.30 -20.05 10.78
C LEU C 308 -16.07 -21.01 11.70
N PHE C 309 -17.32 -21.30 11.35
CA PHE C 309 -18.15 -22.19 12.14
C PHE C 309 -17.42 -23.50 12.42
N GLY C 310 -17.02 -24.18 11.33
CA GLY C 310 -16.33 -25.46 11.40
C GLY C 310 -15.00 -25.39 12.14
N GLY C 311 -14.24 -24.34 11.89
CA GLY C 311 -12.94 -24.15 12.57
C GLY C 311 -13.05 -24.04 14.08
N GLY C 312 -14.19 -23.49 14.52
CA GLY C 312 -14.45 -23.31 15.95
C GLY C 312 -14.99 -24.57 16.61
N LEU C 313 -15.66 -25.40 15.81
CA LEU C 313 -16.06 -26.71 16.27
C LEU C 313 -14.82 -27.59 16.38
N CYS C 314 -13.94 -27.49 15.38
CA CYS C 314 -12.69 -28.21 15.39
C CYS C 314 -11.95 -27.90 16.68
N LEU C 315 -11.96 -26.63 17.07
CA LEU C 315 -11.30 -26.19 18.30
C LEU C 315 -11.96 -26.83 19.51
N SER C 316 -13.28 -26.75 19.56
CA SER C 316 -14.07 -27.31 20.66
C SER C 316 -13.63 -28.75 20.90
N ASN C 317 -13.53 -29.52 19.83
CA ASN C 317 -13.08 -30.90 19.89
C ASN C 317 -11.63 -31.03 20.29
N VAL C 318 -10.79 -30.11 19.81
CA VAL C 318 -9.37 -30.11 20.19
C VAL C 318 -9.23 -30.04 21.72
N LEU C 319 -10.03 -29.16 22.34
CA LEU C 319 -10.08 -29.03 23.79
C LEU C 319 -10.45 -30.33 24.53
N LYS C 320 -11.47 -31.05 24.05
CA LYS C 320 -11.91 -32.29 24.69
C LYS C 320 -10.84 -33.37 24.52
N GLN C 321 -10.44 -33.59 23.27
CA GLN C 321 -9.48 -34.64 22.91
C GLN C 321 -8.14 -34.53 23.64
N THR C 322 -7.69 -33.29 23.89
CA THR C 322 -6.43 -33.06 24.61
C THR C 322 -6.66 -33.01 26.12
N GLY C 323 -7.94 -32.96 26.51
CA GLY C 323 -8.33 -32.99 27.92
C GLY C 323 -8.18 -31.65 28.60
N THR C 324 -7.95 -30.62 27.80
CA THR C 324 -7.78 -29.26 28.28
C THR C 324 -9.08 -28.75 28.93
N SER C 325 -10.22 -29.27 28.46
CA SER C 325 -11.52 -28.91 29.03
C SER C 325 -11.61 -29.36 30.48
N VAL C 326 -11.14 -30.60 30.72
CA VAL C 326 -11.17 -31.21 32.05
C VAL C 326 -10.13 -30.57 32.95
N PHE C 327 -9.00 -30.20 32.37
CA PHE C 327 -7.90 -29.58 33.11
C PHE C 327 -8.28 -28.20 33.64
N LEU C 328 -8.95 -27.40 32.82
CA LEU C 328 -9.42 -26.09 33.25
C LEU C 328 -10.53 -26.24 34.29
N ALA C 329 -11.45 -27.17 34.06
CA ALA C 329 -12.52 -27.45 35.01
C ALA C 329 -11.96 -27.81 36.38
N ASN C 330 -10.89 -28.59 36.41
CA ASN C 330 -10.19 -28.91 37.66
C ASN C 330 -9.56 -27.68 38.30
N ALA C 331 -8.96 -26.82 37.47
CA ALA C 331 -8.32 -25.61 37.95
C ALA C 331 -9.34 -24.60 38.46
N LEU C 332 -10.48 -24.48 37.77
CA LEU C 332 -11.53 -23.53 38.17
C LEU C 332 -12.42 -24.08 39.27
N SER C 333 -12.23 -25.36 39.60
CA SER C 333 -13.10 -26.08 40.54
C SER C 333 -13.34 -25.34 41.85
N ASP C 334 -12.26 -24.89 42.46
CA ASP C 334 -12.34 -24.19 43.75
C ASP C 334 -12.97 -22.82 43.60
N MET C 335 -12.59 -22.11 42.54
CA MET C 335 -13.08 -20.77 42.25
C MET C 335 -14.59 -20.75 42.06
N VAL C 336 -15.09 -21.77 41.37
CA VAL C 336 -16.51 -21.82 41.01
C VAL C 336 -17.39 -22.40 42.13
N SER C 337 -16.80 -23.20 43.02
CA SER C 337 -17.52 -23.71 44.18
C SER C 337 -17.66 -22.61 45.24
N HIS C 338 -16.66 -21.73 45.31
CA HIS C 338 -16.71 -20.53 46.15
C HIS C 338 -17.67 -19.47 45.59
N MET C 339 -17.83 -19.44 44.27
CA MET C 339 -18.74 -18.53 43.59
C MET C 339 -20.15 -19.10 43.49
N GLY C 340 -21.15 -18.30 43.83
CA GLY C 340 -22.54 -18.69 43.62
C GLY C 340 -22.84 -18.74 42.14
N ILE C 341 -23.93 -19.41 41.76
CA ILE C 341 -24.33 -19.48 40.34
C ILE C 341 -24.72 -18.12 39.76
N PHE C 342 -25.26 -17.25 40.63
CA PHE C 342 -25.46 -15.85 40.28
C PHE C 342 -24.11 -15.22 39.94
N VAL C 343 -23.20 -15.24 40.91
CA VAL C 343 -21.84 -14.70 40.78
C VAL C 343 -21.18 -15.12 39.46
N VAL C 344 -21.21 -16.42 39.17
CA VAL C 344 -20.61 -16.98 37.96
C VAL C 344 -21.20 -16.34 36.71
N ILE C 345 -22.52 -16.40 36.56
CA ILE C 345 -23.16 -15.88 35.35
C ILE C 345 -23.13 -14.35 35.26
N LEU C 346 -22.99 -13.68 36.40
CA LEU C 346 -22.76 -12.25 36.42
C LEU C 346 -21.37 -11.94 35.90
N VAL C 347 -20.39 -12.73 36.35
CA VAL C 347 -19.00 -12.62 35.88
C VAL C 347 -18.87 -12.94 34.38
N VAL C 348 -19.50 -14.05 33.96
CA VAL C 348 -19.50 -14.43 32.54
C VAL C 348 -20.13 -13.32 31.71
N ALA C 349 -21.38 -12.97 32.03
CA ALA C 349 -22.11 -11.91 31.31
C ALA C 349 -21.35 -10.58 31.24
N THR C 350 -20.78 -10.14 32.35
CA THR C 350 -19.98 -8.91 32.36
C THR C 350 -18.76 -9.05 31.44
N PHE C 351 -18.05 -10.17 31.57
CA PHE C 351 -16.84 -10.38 30.81
C PHE C 351 -17.06 -10.17 29.32
N VAL C 352 -17.97 -10.93 28.73
CA VAL C 352 -18.23 -10.86 27.28
C VAL C 352 -18.69 -9.49 26.84
N VAL C 353 -19.68 -8.94 27.54
CA VAL C 353 -20.30 -7.66 27.16
C VAL C 353 -19.26 -6.53 26.98
N PHE C 354 -18.20 -6.60 27.77
CA PHE C 354 -17.10 -5.65 27.66
C PHE C 354 -16.00 -6.12 26.72
N LEU C 355 -15.73 -7.42 26.69
CA LEU C 355 -14.78 -7.98 25.73
C LEU C 355 -15.22 -7.70 24.31
N THR C 356 -16.51 -7.89 24.04
CA THR C 356 -17.10 -7.70 22.71
C THR C 356 -17.00 -6.25 22.17
N GLU C 357 -16.58 -5.32 23.02
CA GLU C 357 -16.34 -3.94 22.58
C GLU C 357 -15.02 -3.87 21.83
N PHE C 358 -14.07 -4.71 22.24
CA PHE C 358 -12.71 -4.68 21.72
C PHE C 358 -12.54 -5.49 20.43
N ALA C 359 -13.35 -6.54 20.27
CA ALA C 359 -13.26 -7.42 19.09
C ALA C 359 -14.61 -7.82 18.49
N SER C 360 -14.56 -8.28 17.24
CA SER C 360 -15.70 -8.75 16.49
C SER C 360 -16.69 -9.58 17.34
N ASN C 361 -17.99 -9.43 17.07
CA ASN C 361 -19.01 -10.24 17.74
C ASN C 361 -18.71 -11.71 17.61
N THR C 362 -18.62 -12.16 16.36
CA THR C 362 -18.44 -13.59 16.04
C THR C 362 -17.08 -14.08 16.54
N ALA C 363 -16.03 -13.32 16.26
CA ALA C 363 -14.67 -13.63 16.74
C ALA C 363 -14.62 -13.89 18.25
N SER C 364 -15.46 -13.17 19.00
CA SER C 364 -15.56 -13.34 20.45
C SER C 364 -16.26 -14.64 20.80
N ALA C 365 -17.39 -14.89 20.13
CA ALA C 365 -18.13 -16.12 20.33
C ALA C 365 -17.32 -17.33 19.87
N ALA C 366 -16.63 -17.18 18.74
CA ALA C 366 -15.79 -18.24 18.18
C ALA C 366 -14.79 -18.76 19.20
N LEU C 367 -14.25 -17.85 20.01
CA LEU C 367 -13.30 -18.22 21.03
C LEU C 367 -13.96 -18.75 22.31
N LEU C 368 -15.02 -18.08 22.75
CA LEU C 368 -15.53 -18.31 24.10
C LEU C 368 -16.53 -19.45 24.25
N ILE C 369 -17.42 -19.63 23.27
CA ILE C 369 -18.44 -20.68 23.34
C ILE C 369 -17.79 -22.06 23.52
N PRO C 370 -16.74 -22.39 22.73
CA PRO C 370 -16.10 -23.70 22.94
C PRO C 370 -15.49 -23.83 24.33
N VAL C 371 -14.58 -22.93 24.69
CA VAL C 371 -13.95 -22.96 26.01
C VAL C 371 -14.95 -23.19 27.16
N PHE C 372 -16.03 -22.40 27.17
CA PHE C 372 -17.01 -22.48 28.25
C PHE C 372 -17.88 -23.72 28.19
N ALA C 373 -18.53 -23.94 27.05
CA ALA C 373 -19.42 -25.10 26.89
C ALA C 373 -18.74 -26.40 27.30
N THR C 374 -17.48 -26.55 26.92
CA THR C 374 -16.73 -27.77 27.15
C THR C 374 -16.36 -27.92 28.63
N VAL C 375 -15.93 -26.80 29.23
CA VAL C 375 -15.62 -26.77 30.65
C VAL C 375 -16.89 -27.05 31.45
N ALA C 376 -18.00 -26.44 31.02
CA ALA C 376 -19.33 -26.71 31.59
C ALA C 376 -19.64 -28.21 31.60
N GLU C 377 -19.29 -28.89 30.49
CA GLU C 377 -19.53 -30.32 30.37
C GLU C 377 -18.61 -31.12 31.28
N ALA C 378 -17.38 -30.65 31.45
CA ALA C 378 -16.45 -31.29 32.38
C ALA C 378 -17.02 -31.23 33.79
N PHE C 379 -17.66 -30.12 34.14
CA PHE C 379 -18.37 -30.00 35.42
C PHE C 379 -19.65 -30.84 35.46
N GLY C 380 -19.99 -31.46 34.33
CA GLY C 380 -21.21 -32.24 34.21
C GLY C 380 -22.48 -31.42 34.27
N MET C 381 -22.41 -30.17 33.81
CA MET C 381 -23.62 -29.35 33.67
C MET C 381 -23.93 -29.18 32.19
N SER C 382 -25.17 -28.81 31.89
CA SER C 382 -25.61 -28.57 30.50
C SER C 382 -24.94 -27.35 29.90
N PRO C 383 -24.21 -27.55 28.81
CA PRO C 383 -23.42 -26.49 28.20
C PRO C 383 -24.29 -25.43 27.53
N VAL C 384 -25.59 -25.64 27.53
CA VAL C 384 -26.52 -24.78 26.81
C VAL C 384 -26.58 -23.37 27.38
N LEU C 385 -26.82 -23.27 28.69
CA LEU C 385 -27.01 -21.96 29.34
C LEU C 385 -25.87 -21.01 29.06
N LEU C 386 -24.66 -21.42 29.44
CA LEU C 386 -23.47 -20.60 29.24
C LEU C 386 -23.28 -20.20 27.77
N SER C 387 -23.48 -21.16 26.87
CA SER C 387 -23.35 -20.93 25.42
C SER C 387 -24.34 -19.90 24.92
N VAL C 388 -25.63 -20.12 25.15
CA VAL C 388 -26.65 -19.15 24.75
C VAL C 388 -26.41 -17.78 25.40
N LEU C 389 -25.94 -17.78 26.65
CA LEU C 389 -25.57 -16.53 27.32
C LEU C 389 -24.50 -15.78 26.53
N ILE C 390 -23.36 -16.44 26.32
CA ILE C 390 -22.24 -15.87 25.57
C ILE C 390 -22.68 -15.38 24.17
N ALA C 391 -23.48 -16.21 23.50
CA ALA C 391 -24.03 -15.89 22.17
C ALA C 391 -24.74 -14.52 22.14
N VAL C 392 -25.56 -14.27 23.15
CA VAL C 392 -26.33 -13.04 23.23
C VAL C 392 -25.40 -11.90 23.61
N ALA C 393 -24.58 -12.14 24.63
CA ALA C 393 -23.69 -11.13 25.16
C ALA C 393 -22.67 -10.64 24.14
N ALA C 394 -22.22 -11.53 23.27
CA ALA C 394 -21.26 -11.13 22.23
C ALA C 394 -21.87 -10.14 21.25
N SER C 395 -23.19 -10.18 21.10
CA SER C 395 -23.92 -9.29 20.22
C SER C 395 -24.31 -7.99 20.95
N CYS C 396 -23.73 -7.77 22.12
CA CYS C 396 -23.97 -6.55 22.86
C CYS C 396 -22.81 -5.59 22.76
N ALA C 397 -22.50 -5.20 21.52
CA ALA C 397 -21.47 -4.18 21.27
C ALA C 397 -22.08 -2.80 21.08
N PHE C 398 -21.94 -1.96 22.11
CA PHE C 398 -22.61 -0.66 22.13
C PHE C 398 -21.70 0.55 22.37
N MET C 399 -20.49 0.31 22.89
CA MET C 399 -19.59 1.42 23.22
C MET C 399 -18.92 2.08 21.99
N LEU C 400 -17.74 1.60 21.61
CA LEU C 400 -17.00 2.19 20.50
C LEU C 400 -17.36 1.53 19.15
N PRO C 401 -16.87 2.09 18.01
CA PRO C 401 -16.94 1.31 16.78
C PRO C 401 -15.88 0.21 16.86
N VAL C 402 -15.50 -0.38 15.73
CA VAL C 402 -14.58 -1.54 15.73
C VAL C 402 -15.12 -2.72 16.54
N ALA C 403 -16.05 -2.43 17.44
CA ALA C 403 -16.79 -3.44 18.19
C ALA C 403 -17.62 -4.30 17.22
N THR C 404 -18.36 -3.64 16.34
CA THR C 404 -19.17 -4.28 15.30
C THR C 404 -19.13 -3.37 14.08
N PRO C 405 -19.21 -3.95 12.87
CA PRO C 405 -19.38 -3.10 11.69
C PRO C 405 -20.58 -2.14 11.75
N PRO C 406 -21.77 -2.58 12.23
CA PRO C 406 -22.89 -1.65 12.37
C PRO C 406 -22.59 -0.38 13.15
N ASN C 407 -21.67 -0.45 14.10
CA ASN C 407 -21.20 0.74 14.81
C ASN C 407 -20.34 1.61 13.91
N ALA C 408 -19.36 0.99 13.25
CA ALA C 408 -18.45 1.70 12.35
C ALA C 408 -19.13 2.20 11.07
N ILE C 409 -20.34 1.71 10.80
CA ILE C 409 -21.11 2.11 9.63
C ILE C 409 -21.81 3.45 9.86
N VAL C 410 -22.47 3.60 11.00
CA VAL C 410 -23.11 4.86 11.35
C VAL C 410 -22.09 5.90 11.86
N PHE C 411 -20.84 5.46 12.00
CA PHE C 411 -19.76 6.32 12.47
C PHE C 411 -19.10 7.08 11.33
N ALA C 412 -18.82 6.37 10.24
CA ALA C 412 -18.25 6.96 9.02
C ALA C 412 -19.13 8.08 8.48
N SER C 413 -20.36 8.17 9.00
CA SER C 413 -21.29 9.23 8.68
C SER C 413 -20.77 10.60 9.12
N GLY C 414 -19.47 10.66 9.38
CA GLY C 414 -18.76 11.88 9.74
C GLY C 414 -19.61 12.88 10.49
N HIS C 415 -20.15 12.44 11.63
CA HIS C 415 -21.03 13.28 12.41
C HIS C 415 -21.02 12.93 13.91
N ILE C 416 -21.13 11.65 14.22
CA ILE C 416 -21.17 11.20 15.61
C ILE C 416 -19.78 11.17 16.25
N LYS C 417 -19.68 11.76 17.44
CA LYS C 417 -18.40 11.84 18.15
C LYS C 417 -18.07 10.56 18.91
N GLN C 418 -16.78 10.25 18.98
CA GLN C 418 -16.27 9.09 19.71
C GLN C 418 -16.79 9.03 21.14
N SER C 419 -16.69 10.16 21.85
CA SER C 419 -17.09 10.28 23.25
C SER C 419 -18.57 10.00 23.46
N GLU C 420 -19.39 10.51 22.55
CA GLU C 420 -20.85 10.40 22.65
C GLU C 420 -21.31 8.94 22.73
N MET C 421 -21.00 8.17 21.69
CA MET C 421 -21.37 6.75 21.62
C MET C 421 -20.80 5.95 22.79
N MET C 422 -19.56 6.25 23.14
CA MET C 422 -18.85 5.58 24.23
C MET C 422 -19.56 5.59 25.58
N ARG C 423 -20.41 6.59 25.81
CA ARG C 423 -21.09 6.71 27.11
C ARG C 423 -22.55 6.24 27.11
N VAL C 424 -23.19 6.24 25.94
CA VAL C 424 -24.50 5.60 25.82
C VAL C 424 -24.29 4.09 25.90
N GLY C 425 -23.20 3.66 25.26
CA GLY C 425 -22.80 2.25 25.25
C GLY C 425 -22.37 1.75 26.61
N LEU C 426 -21.69 2.60 27.38
CA LEU C 426 -21.29 2.26 28.74
C LEU C 426 -22.50 2.06 29.65
N TYR C 427 -23.57 2.81 29.39
CA TYR C 427 -24.82 2.64 30.12
C TYR C 427 -25.58 1.42 29.67
N LEU C 428 -25.76 1.28 28.36
CA LEU C 428 -26.49 0.15 27.78
C LEU C 428 -25.84 -1.19 28.10
N ASN C 429 -24.50 -1.21 28.16
CA ASN C 429 -23.76 -2.43 28.54
C ASN C 429 -24.12 -2.93 29.94
N ILE C 430 -24.08 -2.01 30.92
CA ILE C 430 -24.49 -2.31 32.29
C ILE C 430 -25.98 -2.67 32.33
N ALA C 431 -26.81 -1.86 31.66
CA ALA C 431 -28.23 -2.14 31.49
C ALA C 431 -28.48 -3.57 30.99
N CYS C 432 -27.67 -3.98 30.02
CA CYS C 432 -27.76 -5.33 29.46
C CYS C 432 -27.36 -6.38 30.46
N ILE C 433 -26.17 -6.23 31.06
CA ILE C 433 -25.64 -7.21 32.02
C ILE C 433 -26.70 -7.52 33.08
N GLY C 434 -27.49 -6.50 33.43
CA GLY C 434 -28.64 -6.68 34.30
C GLY C 434 -29.67 -7.60 33.68
N LEU C 435 -30.21 -7.16 32.55
CA LEU C 435 -31.24 -7.91 31.82
C LEU C 435 -30.85 -9.36 31.52
N LEU C 436 -29.61 -9.58 31.09
CA LEU C 436 -29.11 -10.93 30.80
C LEU C 436 -29.03 -11.78 32.05
N THR C 437 -28.26 -11.34 33.04
CA THR C 437 -28.15 -12.06 34.32
C THR C 437 -29.56 -12.29 34.88
N ALA C 438 -30.44 -11.31 34.70
CA ALA C 438 -31.84 -11.43 35.11
C ALA C 438 -32.54 -12.59 34.40
N ILE C 439 -32.59 -12.52 33.06
CA ILE C 439 -33.25 -13.53 32.25
C ILE C 439 -32.57 -14.91 32.40
N ALA C 440 -31.24 -14.90 32.49
CA ALA C 440 -30.46 -16.14 32.66
C ALA C 440 -30.76 -16.80 34.00
N MET C 441 -31.10 -15.98 35.00
CA MET C 441 -31.55 -16.50 36.28
C MET C 441 -32.95 -17.08 36.14
N LEU C 442 -33.83 -16.37 35.43
CA LEU C 442 -35.22 -16.78 35.22
C LEU C 442 -35.34 -18.10 34.47
N PHE C 443 -34.61 -18.25 33.36
CA PHE C 443 -34.58 -19.49 32.61
C PHE C 443 -33.61 -20.49 33.26
N TRP C 444 -33.90 -20.87 34.49
CA TRP C 444 -33.11 -21.87 35.20
C TRP C 444 -34.02 -23.05 35.60
N GLN C 445 -35.15 -22.74 36.23
CA GLN C 445 -36.18 -23.72 36.55
C GLN C 445 -37.58 -23.12 36.40
N LEU D 1 -44.23 -22.32 -16.39
CA LEU D 1 -44.34 -21.63 -17.72
C LEU D 1 -43.03 -21.68 -18.53
N HIS D 2 -41.89 -21.71 -17.84
CA HIS D 2 -40.57 -21.72 -18.48
C HIS D 2 -40.15 -23.12 -18.94
N ARG D 3 -39.20 -23.17 -19.87
CA ARG D 3 -38.65 -24.41 -20.41
C ARG D 3 -38.14 -25.35 -19.32
N ASN D 4 -37.27 -24.82 -18.47
CA ASN D 4 -36.62 -25.60 -17.42
C ASN D 4 -37.57 -26.06 -16.32
N SER D 5 -38.57 -25.25 -16.01
CA SER D 5 -39.63 -25.64 -15.08
C SER D 5 -40.37 -26.87 -15.58
N LEU D 6 -40.52 -26.96 -16.90
CA LEU D 6 -41.16 -28.12 -17.53
C LEU D 6 -40.25 -29.33 -17.51
N ILE D 7 -38.98 -29.15 -17.88
CA ILE D 7 -37.97 -30.21 -17.74
C ILE D 7 -37.97 -30.78 -16.33
N VAL D 8 -37.99 -29.91 -15.33
CA VAL D 8 -38.08 -30.30 -13.93
C VAL D 8 -39.37 -31.08 -13.64
N LEU D 9 -40.51 -30.52 -14.04
CA LEU D 9 -41.80 -31.17 -13.87
C LEU D 9 -41.87 -32.55 -14.55
N ALA D 10 -41.37 -32.62 -15.78
CA ALA D 10 -41.23 -33.88 -16.53
C ALA D 10 -40.35 -34.88 -15.77
N ASP D 11 -39.26 -34.37 -15.18
CA ASP D 11 -38.37 -35.22 -14.41
C ASP D 11 -39.04 -35.79 -13.17
N VAL D 12 -39.79 -34.92 -12.48
CA VAL D 12 -40.60 -35.33 -11.33
C VAL D 12 -41.59 -36.43 -11.74
N ALA D 13 -42.24 -36.26 -12.89
CA ALA D 13 -43.11 -37.28 -13.43
C ALA D 13 -42.33 -38.57 -13.72
N LEU D 14 -41.16 -38.45 -14.36
CA LEU D 14 -40.31 -39.61 -14.68
C LEU D 14 -39.95 -40.42 -13.44
N PHE D 15 -39.51 -39.73 -12.39
CA PHE D 15 -39.19 -40.36 -11.10
C PHE D 15 -40.41 -41.10 -10.55
N LEU D 16 -41.51 -40.38 -10.36
CA LEU D 16 -42.76 -40.95 -9.86
C LEU D 16 -43.19 -42.18 -10.65
N ALA D 17 -42.93 -42.16 -11.96
CA ALA D 17 -43.21 -43.29 -12.85
C ALA D 17 -42.27 -44.46 -12.56
N LEU D 18 -40.96 -44.21 -12.67
CA LEU D 18 -39.94 -45.21 -12.36
C LEU D 18 -40.09 -45.79 -10.96
N TYR D 19 -40.46 -44.93 -10.01
CA TYR D 19 -40.62 -45.33 -8.63
C TYR D 19 -41.76 -46.33 -8.46
N HIS D 20 -42.90 -46.04 -9.08
CA HIS D 20 -44.10 -46.85 -8.93
C HIS D 20 -44.20 -48.02 -9.90
N PHE D 21 -43.28 -48.09 -10.86
CA PHE D 21 -43.43 -49.02 -11.98
C PHE D 21 -42.31 -50.05 -12.14
N LEU D 22 -41.10 -49.73 -11.70
CA LEU D 22 -39.99 -50.69 -11.76
C LEU D 22 -40.25 -51.90 -10.84
N PRO D 23 -39.88 -53.11 -11.30
CA PRO D 23 -40.21 -54.34 -10.60
C PRO D 23 -39.02 -54.98 -9.88
N PHE D 24 -38.42 -54.25 -8.96
CA PHE D 24 -37.28 -54.75 -8.23
C PHE D 24 -37.41 -54.56 -6.71
N GLU D 25 -36.50 -55.19 -5.98
CA GLU D 25 -36.32 -54.95 -4.54
C GLU D 25 -36.29 -53.45 -4.30
N HIS D 26 -37.06 -53.01 -3.31
CA HIS D 26 -37.35 -51.59 -3.12
C HIS D 26 -36.17 -50.61 -3.19
N ASN D 27 -35.04 -50.98 -2.59
CA ASN D 27 -33.84 -50.15 -2.60
C ASN D 27 -33.34 -49.83 -4.01
N VAL D 28 -33.30 -50.86 -4.85
CA VAL D 28 -32.84 -50.73 -6.22
C VAL D 28 -33.74 -49.78 -7.00
N VAL D 29 -35.05 -49.92 -6.79
CA VAL D 29 -36.03 -49.01 -7.39
C VAL D 29 -35.72 -47.55 -7.03
N LEU D 30 -35.63 -47.28 -5.73
CA LEU D 30 -35.30 -45.96 -5.23
C LEU D 30 -33.99 -45.43 -5.82
N GLY D 31 -32.95 -46.26 -5.75
CA GLY D 31 -31.63 -45.91 -6.29
C GLY D 31 -31.66 -45.59 -7.77
N ILE D 32 -32.31 -46.44 -8.55
CA ILE D 32 -32.48 -46.23 -9.99
C ILE D 32 -33.27 -44.95 -10.26
N SER D 33 -34.41 -44.82 -9.58
CA SER D 33 -35.29 -43.67 -9.72
C SER D 33 -34.56 -42.37 -9.42
N MET D 34 -33.76 -42.37 -8.36
CA MET D 34 -32.91 -41.22 -8.06
C MET D 34 -31.85 -40.99 -9.12
N LEU D 35 -31.10 -42.04 -9.45
CA LEU D 35 -30.00 -41.91 -10.41
C LEU D 35 -30.47 -41.28 -11.69
N ALA D 36 -31.66 -41.69 -12.14
CA ALA D 36 -32.29 -41.14 -13.34
C ALA D 36 -32.63 -39.67 -13.17
N PHE D 37 -33.27 -39.34 -12.05
CA PHE D 37 -33.70 -37.99 -11.72
C PHE D 37 -32.51 -37.03 -11.80
N ILE D 38 -31.47 -37.34 -11.06
CA ILE D 38 -30.28 -36.49 -10.99
C ILE D 38 -29.60 -36.40 -12.36
N ALA D 39 -29.51 -37.54 -13.06
CA ALA D 39 -28.88 -37.61 -14.39
C ALA D 39 -29.43 -36.55 -15.31
N VAL D 40 -30.77 -36.46 -15.35
CA VAL D 40 -31.51 -35.46 -16.10
C VAL D 40 -31.12 -34.04 -15.67
N LEU D 41 -31.27 -33.75 -14.38
CA LEU D 41 -31.07 -32.42 -13.83
C LEU D 41 -29.64 -31.88 -14.00
N TRP D 42 -28.69 -32.78 -14.24
CA TRP D 42 -27.31 -32.36 -14.43
C TRP D 42 -26.97 -32.22 -15.90
N LEU D 43 -27.58 -33.06 -16.72
CA LEU D 43 -27.32 -33.01 -18.14
C LEU D 43 -28.12 -31.89 -18.80
N THR D 44 -29.37 -31.71 -18.38
CA THR D 44 -30.18 -30.60 -18.85
C THR D 44 -29.73 -29.27 -18.22
N GLU D 45 -29.38 -29.31 -16.94
CA GLU D 45 -29.09 -28.09 -16.18
C GLU D 45 -30.34 -27.20 -16.10
N ALA D 46 -31.50 -27.84 -15.96
CA ALA D 46 -32.76 -27.15 -15.71
C ALA D 46 -32.70 -26.42 -14.37
N LEU D 47 -32.13 -27.09 -13.37
CA LEU D 47 -31.69 -26.45 -12.13
C LEU D 47 -30.17 -26.33 -12.18
N HIS D 48 -29.62 -25.33 -11.48
CA HIS D 48 -28.17 -25.17 -11.47
C HIS D 48 -27.47 -26.44 -10.98
N VAL D 49 -26.40 -26.79 -11.68
CA VAL D 49 -25.45 -27.82 -11.26
C VAL D 49 -25.33 -27.94 -9.72
N THR D 50 -25.25 -26.80 -9.03
CA THR D 50 -25.10 -26.78 -7.57
C THR D 50 -26.40 -27.07 -6.83
N VAL D 51 -27.50 -26.46 -7.29
CA VAL D 51 -28.81 -26.70 -6.70
C VAL D 51 -29.14 -28.20 -6.77
N THR D 52 -28.85 -28.82 -7.90
CA THR D 52 -29.02 -30.27 -8.08
C THR D 52 -28.16 -31.04 -7.08
N ALA D 53 -26.95 -30.57 -6.85
CA ALA D 53 -26.02 -31.22 -5.94
C ALA D 53 -26.53 -31.17 -4.49
N ILE D 54 -27.12 -30.04 -4.11
CA ILE D 54 -27.76 -29.87 -2.79
C ILE D 54 -28.99 -30.79 -2.65
N LEU D 55 -29.62 -31.05 -3.78
CA LEU D 55 -30.80 -31.91 -3.84
C LEU D 55 -30.48 -33.40 -3.51
N VAL D 56 -29.25 -33.82 -3.76
CA VAL D 56 -28.86 -35.22 -3.51
C VAL D 56 -28.94 -35.65 -2.04
N PRO D 57 -28.32 -34.88 -1.12
CA PRO D 57 -28.45 -35.25 0.29
C PRO D 57 -29.88 -35.13 0.78
N VAL D 58 -30.56 -34.05 0.41
CA VAL D 58 -31.93 -33.87 0.86
C VAL D 58 -32.83 -35.07 0.46
N MET D 59 -32.68 -35.55 -0.76
CA MET D 59 -33.36 -36.79 -1.19
C MET D 59 -32.92 -38.00 -0.38
N ALA D 60 -31.62 -38.29 -0.42
CA ALA D 60 -31.02 -39.36 0.35
C ALA D 60 -31.61 -39.44 1.74
N VAL D 61 -31.64 -38.29 2.42
CA VAL D 61 -32.07 -38.18 3.82
C VAL D 61 -33.56 -38.43 3.97
N PHE D 62 -34.35 -37.80 3.10
CA PHE D 62 -35.78 -37.97 3.19
C PHE D 62 -36.22 -39.39 2.86
N PHE D 63 -35.57 -40.01 1.89
CA PHE D 63 -35.85 -41.41 1.56
C PHE D 63 -35.06 -42.38 2.42
N GLY D 64 -34.65 -41.92 3.60
CA GLY D 64 -33.96 -42.73 4.60
C GLY D 64 -32.74 -43.53 4.18
N ILE D 65 -32.11 -43.13 3.08
CA ILE D 65 -30.89 -43.82 2.64
C ILE D 65 -29.76 -43.54 3.64
N PHE D 66 -29.69 -42.28 4.10
CA PHE D 66 -28.71 -41.83 5.09
C PHE D 66 -29.38 -40.92 6.12
N GLU D 67 -28.67 -40.68 7.23
CA GLU D 67 -29.08 -39.68 8.22
C GLU D 67 -28.48 -38.33 7.89
N THR D 68 -29.23 -37.26 8.19
CA THR D 68 -28.91 -35.92 7.67
C THR D 68 -27.43 -35.63 7.71
N GLN D 69 -26.83 -35.86 8.88
CA GLN D 69 -25.43 -35.51 9.11
C GLN D 69 -24.45 -36.32 8.28
N ALA D 70 -24.73 -37.63 8.21
CA ALA D 70 -23.93 -38.58 7.46
C ALA D 70 -23.85 -38.22 6.00
N ALA D 71 -25.02 -37.83 5.45
CA ALA D 71 -25.14 -37.29 4.07
C ALA D 71 -24.42 -35.97 3.91
N LEU D 72 -24.36 -35.20 4.98
CA LEU D 72 -23.83 -33.86 4.83
C LEU D 72 -22.34 -33.84 4.88
N ASN D 73 -21.81 -34.72 5.73
CA ASN D 73 -20.37 -35.01 5.84
C ASN D 73 -19.69 -35.20 4.50
N ASN D 74 -20.44 -35.72 3.52
CA ASN D 74 -19.98 -35.82 2.14
C ASN D 74 -19.35 -34.55 1.59
N PHE D 75 -19.71 -33.43 2.20
CA PHE D 75 -19.29 -32.15 1.69
C PHE D 75 -17.97 -31.68 2.26
N ALA D 76 -17.56 -32.26 3.37
CA ALA D 76 -16.26 -31.92 3.95
C ALA D 76 -15.09 -32.83 3.51
N ASN D 77 -15.32 -33.72 2.53
CA ASN D 77 -14.26 -34.49 1.93
C ASN D 77 -12.97 -33.66 1.76
N SER D 78 -11.83 -34.29 2.06
CA SER D 78 -10.52 -33.63 1.96
C SER D 78 -10.20 -33.00 0.59
N ILE D 79 -10.64 -33.63 -0.49
CA ILE D 79 -10.35 -33.12 -1.84
C ILE D 79 -10.98 -31.74 -2.06
N ILE D 80 -12.20 -31.57 -1.56
CA ILE D 80 -12.87 -30.29 -1.64
C ILE D 80 -12.00 -29.17 -1.08
N PHE D 81 -11.31 -29.48 0.03
CA PHE D 81 -10.37 -28.52 0.64
C PHE D 81 -9.08 -28.35 -0.17
N LEU D 82 -8.63 -29.43 -0.79
CA LEU D 82 -7.48 -29.34 -1.69
C LEU D 82 -7.80 -28.41 -2.86
N PHE D 83 -9.05 -28.47 -3.32
CA PHE D 83 -9.47 -27.62 -4.42
C PHE D 83 -9.67 -26.16 -3.97
N LEU D 84 -10.08 -25.96 -2.72
CA LEU D 84 -10.15 -24.62 -2.17
C LEU D 84 -8.76 -24.00 -2.13
N GLY D 85 -7.76 -24.79 -1.76
CA GLY D 85 -6.36 -24.35 -1.84
C GLY D 85 -6.00 -23.85 -3.24
N GLY D 86 -6.48 -24.57 -4.26
CA GLY D 86 -6.27 -24.17 -5.64
C GLY D 86 -6.85 -22.80 -5.96
N PHE D 87 -8.08 -22.55 -5.48
CA PHE D 87 -8.76 -21.27 -5.66
C PHE D 87 -8.00 -20.14 -4.99
N ALA D 88 -7.49 -20.38 -3.79
CA ALA D 88 -6.72 -19.39 -3.04
C ALA D 88 -5.39 -19.12 -3.72
N LEU D 89 -4.75 -20.17 -4.20
CA LEU D 89 -3.48 -20.06 -4.88
C LEU D 89 -3.62 -19.23 -6.16
N ALA D 90 -4.74 -19.42 -6.87
CA ALA D 90 -5.04 -18.63 -8.08
C ALA D 90 -5.44 -17.20 -7.74
N ALA D 91 -6.31 -17.07 -6.73
CA ALA D 91 -6.77 -15.77 -6.24
C ALA D 91 -5.59 -14.84 -6.03
N ALA D 92 -4.54 -15.39 -5.41
CA ALA D 92 -3.33 -14.65 -5.08
C ALA D 92 -2.61 -14.16 -6.33
N MET D 93 -2.27 -15.07 -7.21
CA MET D 93 -1.46 -14.70 -8.37
C MET D 93 -2.23 -13.94 -9.43
N HIS D 94 -3.55 -13.87 -9.30
CA HIS D 94 -4.32 -12.97 -10.16
C HIS D 94 -4.29 -11.55 -9.60
N HIS D 95 -4.67 -11.41 -8.34
CA HIS D 95 -4.69 -10.11 -7.66
C HIS D 95 -3.29 -9.49 -7.60
N GLN D 96 -2.27 -10.34 -7.47
CA GLN D 96 -0.88 -9.90 -7.45
C GLN D 96 -0.44 -9.48 -8.86
N GLY D 97 -1.05 -10.08 -9.88
CA GLY D 97 -0.75 -9.76 -11.26
C GLY D 97 0.33 -10.65 -11.85
N LEU D 98 0.69 -11.73 -11.15
CA LEU D 98 1.69 -12.70 -11.61
C LEU D 98 1.26 -13.44 -12.88
N ASP D 99 -0.04 -13.43 -13.17
CA ASP D 99 -0.55 -13.98 -14.42
C ASP D 99 -0.32 -13.05 -15.62
N LYS D 100 -0.24 -11.73 -15.34
CA LYS D 100 0.05 -10.72 -16.35
C LYS D 100 1.51 -10.77 -16.75
N VAL D 101 2.42 -10.84 -15.76
CA VAL D 101 3.85 -10.85 -16.01
C VAL D 101 4.31 -12.13 -16.71
N ILE D 102 3.68 -13.25 -16.39
CA ILE D 102 3.98 -14.52 -17.05
C ILE D 102 3.52 -14.46 -18.51
N ALA D 103 2.50 -13.65 -18.78
CA ALA D 103 2.00 -13.43 -20.14
C ALA D 103 2.96 -12.59 -20.99
N ASP D 104 3.36 -11.43 -20.47
CA ASP D 104 4.26 -10.51 -21.18
C ASP D 104 5.66 -11.08 -21.38
N LYS D 105 6.29 -11.48 -20.29
CA LYS D 105 7.63 -12.06 -20.31
C LYS D 105 7.75 -13.13 -21.40
N VAL D 106 6.78 -14.03 -21.47
CA VAL D 106 6.77 -15.12 -22.47
C VAL D 106 6.27 -14.63 -23.84
N LEU D 107 5.39 -13.64 -23.85
CA LEU D 107 4.87 -13.10 -25.11
C LEU D 107 5.87 -12.16 -25.81
N ALA D 108 6.63 -11.41 -25.02
CA ALA D 108 7.68 -10.54 -25.56
C ALA D 108 8.95 -11.31 -25.91
N MET D 109 9.06 -12.56 -25.44
CA MET D 109 10.13 -13.48 -25.85
C MET D 109 10.12 -13.60 -27.38
N ALA D 110 8.90 -13.61 -27.93
CA ALA D 110 8.69 -13.44 -29.36
C ALA D 110 8.94 -11.96 -29.67
N GLN D 111 9.97 -11.71 -30.48
CA GLN D 111 10.44 -10.35 -30.75
C GLN D 111 9.38 -9.47 -31.44
N GLY D 112 8.64 -10.07 -32.38
CA GLY D 112 7.62 -9.35 -33.12
C GLY D 112 7.03 -10.18 -34.23
N LYS D 113 7.10 -11.51 -34.08
CA LYS D 113 6.68 -12.43 -35.13
C LYS D 113 5.37 -13.13 -34.78
N MET D 114 4.44 -13.12 -35.73
CA MET D 114 3.14 -13.78 -35.57
C MET D 114 3.24 -15.29 -35.54
N SER D 115 4.22 -15.83 -36.27
CA SER D 115 4.51 -17.28 -36.28
C SER D 115 4.79 -17.78 -34.86
N VAL D 116 5.62 -17.05 -34.13
CA VAL D 116 5.99 -17.42 -32.77
C VAL D 116 5.22 -16.58 -31.73
N ALA D 117 4.15 -15.93 -32.18
CA ALA D 117 3.24 -15.19 -31.30
C ALA D 117 2.14 -16.09 -30.79
N VAL D 118 1.34 -16.63 -31.70
CA VAL D 118 0.23 -17.51 -31.36
C VAL D 118 0.71 -18.86 -30.80
N PHE D 119 1.85 -19.33 -31.28
CA PHE D 119 2.49 -20.54 -30.78
C PHE D 119 2.96 -20.39 -29.33
N MET D 120 3.22 -19.15 -28.93
CA MET D 120 3.52 -18.83 -27.54
C MET D 120 2.26 -18.39 -26.78
N LEU D 121 1.15 -18.20 -27.48
CA LEU D 121 -0.12 -17.93 -26.82
C LEU D 121 -0.75 -19.22 -26.32
N PHE D 122 -0.64 -20.27 -27.12
CA PHE D 122 -1.21 -21.58 -26.76
C PHE D 122 -0.44 -22.19 -25.59
N GLY D 123 0.89 -22.05 -25.63
CA GLY D 123 1.75 -22.55 -24.57
C GLY D 123 1.52 -21.84 -23.24
N VAL D 124 1.16 -20.57 -23.30
CA VAL D 124 0.87 -19.78 -22.10
C VAL D 124 -0.54 -20.07 -21.57
N THR D 125 -1.53 -20.12 -22.47
CA THR D 125 -2.90 -20.46 -22.08
C THR D 125 -2.93 -21.79 -21.35
N ALA D 126 -2.26 -22.80 -21.91
CA ALA D 126 -2.19 -24.14 -21.31
C ALA D 126 -1.43 -24.16 -19.98
N LEU D 127 -0.27 -23.49 -19.94
CA LEU D 127 0.51 -23.40 -18.68
C LEU D 127 -0.26 -22.67 -17.59
N LEU D 128 -0.87 -21.54 -17.96
CA LEU D 128 -1.70 -20.78 -17.02
C LEU D 128 -2.93 -21.59 -16.59
N SER D 129 -3.43 -22.42 -17.50
CA SER D 129 -4.63 -23.20 -17.22
C SER D 129 -4.42 -24.27 -16.13
N MET D 130 -3.21 -24.84 -16.11
CA MET D 130 -2.88 -25.93 -15.17
C MET D 130 -3.24 -25.63 -13.72
N TRP D 131 -3.31 -24.35 -13.36
CA TRP D 131 -3.39 -23.97 -11.97
C TRP D 131 -4.59 -23.11 -11.68
N ILE D 132 -5.15 -22.49 -12.71
CA ILE D 132 -6.17 -21.46 -12.51
C ILE D 132 -7.59 -22.01 -12.65
N SER D 133 -7.96 -22.37 -13.87
CA SER D 133 -9.34 -22.76 -14.21
C SER D 133 -9.37 -22.91 -15.71
N ASN D 134 -10.51 -23.28 -16.27
CA ASN D 134 -10.66 -23.28 -17.72
C ASN D 134 -11.33 -22.00 -18.18
N THR D 135 -12.48 -21.70 -17.60
CA THR D 135 -13.27 -20.51 -17.90
C THR D 135 -12.52 -19.23 -17.53
N ALA D 136 -11.81 -19.25 -16.40
CA ALA D 136 -11.03 -18.10 -15.96
C ALA D 136 -9.89 -17.83 -16.91
N THR D 137 -9.19 -18.89 -17.33
CA THR D 137 -8.05 -18.77 -18.24
C THR D 137 -8.49 -18.35 -19.64
N ALA D 138 -9.70 -18.72 -20.04
CA ALA D 138 -10.24 -18.33 -21.33
C ALA D 138 -10.60 -16.84 -21.37
N ALA D 139 -11.39 -16.39 -20.41
CA ALA D 139 -11.81 -14.99 -20.33
C ALA D 139 -10.62 -14.07 -20.11
N MET D 140 -9.60 -14.55 -19.40
CA MET D 140 -8.37 -13.79 -19.18
C MET D 140 -7.50 -13.73 -20.43
N MET D 141 -7.57 -14.76 -21.27
CA MET D 141 -6.76 -14.79 -22.49
C MET D 141 -7.35 -14.00 -23.67
N LEU D 142 -8.67 -13.82 -23.70
CA LEU D 142 -9.36 -13.23 -24.86
C LEU D 142 -8.82 -11.85 -25.30
N PRO D 143 -8.73 -10.87 -24.37
CA PRO D 143 -8.18 -9.56 -24.75
C PRO D 143 -6.73 -9.62 -25.25
N LEU D 144 -5.93 -10.52 -24.69
CA LEU D 144 -4.54 -10.70 -25.07
C LEU D 144 -4.41 -11.36 -26.44
N VAL D 145 -5.44 -12.10 -26.85
CA VAL D 145 -5.49 -12.72 -28.17
C VAL D 145 -5.96 -11.69 -29.20
N LEU D 146 -7.01 -10.95 -28.87
CA LEU D 146 -7.52 -9.90 -29.75
C LEU D 146 -6.52 -8.74 -29.90
N GLY D 147 -5.70 -8.54 -28.87
CA GLY D 147 -4.63 -7.56 -28.90
C GLY D 147 -3.63 -7.87 -30.01
N VAL D 148 -3.14 -9.11 -30.03
CA VAL D 148 -2.18 -9.56 -31.03
C VAL D 148 -2.79 -9.60 -32.43
N LEU D 149 -4.00 -10.14 -32.54
CA LEU D 149 -4.70 -10.29 -33.82
C LEU D 149 -5.37 -8.99 -34.26
N SER D 150 -4.59 -7.91 -34.25
CA SER D 150 -5.08 -6.59 -34.64
C SER D 150 -4.15 -5.96 -35.69
N LYS D 151 -2.96 -6.55 -35.87
CA LYS D 151 -2.06 -6.19 -36.97
C LYS D 151 -2.48 -6.87 -38.27
N VAL D 152 -2.70 -8.19 -38.21
CA VAL D 152 -3.40 -8.90 -39.27
C VAL D 152 -4.89 -8.75 -38.93
N ASP D 153 -5.39 -7.53 -39.13
CA ASP D 153 -6.72 -7.12 -38.72
C ASP D 153 -7.79 -7.55 -39.72
N ALA D 154 -7.43 -7.55 -41.00
CA ALA D 154 -8.33 -7.96 -42.07
C ALA D 154 -9.07 -9.22 -41.65
N ASP D 155 -10.35 -9.07 -41.33
CA ASP D 155 -11.20 -10.19 -40.93
C ASP D 155 -11.88 -10.83 -42.14
N LYS D 156 -11.63 -10.27 -43.31
CA LYS D 156 -11.87 -10.96 -44.57
C LYS D 156 -10.78 -12.02 -44.68
N GLN D 157 -9.65 -11.74 -44.02
CA GLN D 157 -8.62 -12.75 -43.73
C GLN D 157 -8.91 -13.38 -42.34
N ARG D 158 -9.98 -14.19 -42.29
CA ARG D 158 -10.50 -14.82 -41.05
C ARG D 158 -9.62 -15.92 -40.49
N SER D 159 -9.27 -16.87 -41.34
CA SER D 159 -8.61 -18.11 -40.93
C SER D 159 -7.21 -17.92 -40.30
N THR D 160 -6.67 -16.71 -40.41
CA THR D 160 -5.46 -16.33 -39.68
C THR D 160 -5.84 -16.09 -38.21
N TYR D 161 -7.05 -15.58 -38.02
CA TYR D 161 -7.51 -15.07 -36.74
C TYR D 161 -8.63 -15.94 -36.13
N VAL D 162 -8.90 -17.08 -36.76
CA VAL D 162 -9.80 -18.12 -36.21
C VAL D 162 -8.99 -19.29 -35.65
N PHE D 163 -7.83 -19.53 -36.24
CA PHE D 163 -6.90 -20.55 -35.78
C PHE D 163 -6.36 -20.13 -34.42
N VAL D 164 -6.16 -18.82 -34.26
CA VAL D 164 -5.64 -18.27 -33.02
C VAL D 164 -6.68 -18.20 -31.90
N LEU D 165 -7.95 -18.05 -32.26
CA LEU D 165 -9.03 -17.99 -31.26
C LEU D 165 -9.43 -19.37 -30.75
N LEU D 166 -9.72 -20.27 -31.67
CA LEU D 166 -10.11 -21.64 -31.36
C LEU D 166 -8.94 -22.40 -30.74
N GLY D 167 -7.73 -21.88 -30.98
CA GLY D 167 -6.52 -22.48 -30.47
C GLY D 167 -6.44 -22.37 -28.96
N VAL D 168 -6.58 -21.15 -28.44
CA VAL D 168 -6.54 -20.92 -26.99
C VAL D 168 -7.75 -21.56 -26.28
N ALA D 169 -8.89 -21.57 -26.96
CA ALA D 169 -10.12 -22.16 -26.42
C ALA D 169 -9.88 -23.61 -26.05
N TYR D 170 -9.14 -24.33 -26.89
CA TYR D 170 -8.81 -25.73 -26.65
C TYR D 170 -7.65 -25.83 -25.66
N SER D 171 -6.66 -24.96 -25.83
CA SER D 171 -5.48 -24.94 -24.97
C SER D 171 -5.85 -24.77 -23.51
N ALA D 172 -6.96 -24.07 -23.26
CA ALA D 172 -7.47 -23.89 -21.91
C ALA D 172 -8.10 -25.18 -21.38
N SER D 173 -8.74 -25.95 -22.26
CA SER D 173 -9.36 -27.21 -21.88
C SER D 173 -8.31 -28.31 -21.71
N ILE D 174 -7.34 -28.34 -22.62
CA ILE D 174 -6.27 -29.35 -22.59
C ILE D 174 -5.30 -29.08 -21.44
N GLY D 175 -5.12 -27.80 -21.11
CA GLY D 175 -4.28 -27.40 -19.97
C GLY D 175 -4.89 -27.77 -18.63
N GLY D 176 -6.20 -28.02 -18.64
CA GLY D 176 -6.92 -28.43 -17.44
C GLY D 176 -6.63 -29.85 -17.04
N ILE D 177 -6.29 -30.66 -18.04
CA ILE D 177 -6.05 -32.09 -17.87
C ILE D 177 -4.63 -32.38 -17.32
N ALA D 178 -3.88 -31.33 -17.01
CA ALA D 178 -2.51 -31.52 -16.54
C ALA D 178 -2.41 -31.97 -15.09
N THR D 179 -3.17 -31.32 -14.20
CA THR D 179 -3.07 -31.54 -12.75
C THR D 179 -4.42 -31.63 -12.04
N LEU D 180 -4.38 -32.06 -10.78
CA LEU D 180 -5.58 -32.29 -9.95
C LEU D 180 -6.42 -31.01 -9.73
N VAL D 181 -5.76 -29.89 -9.46
CA VAL D 181 -6.40 -28.59 -9.57
C VAL D 181 -6.36 -28.23 -11.04
N GLY D 182 -7.38 -27.56 -11.54
CA GLY D 182 -7.38 -27.15 -12.92
C GLY D 182 -8.72 -27.28 -13.60
N SER D 183 -9.42 -28.37 -13.31
CA SER D 183 -10.78 -28.54 -13.78
C SER D 183 -11.52 -29.54 -12.89
N PRO D 184 -12.76 -29.19 -12.49
CA PRO D 184 -13.49 -30.02 -11.54
C PRO D 184 -13.58 -31.53 -11.83
N PRO D 185 -13.72 -31.95 -13.11
CA PRO D 185 -13.77 -33.40 -13.38
C PRO D 185 -12.61 -34.17 -12.74
N ASN D 186 -11.41 -33.62 -12.89
CA ASN D 186 -10.19 -34.22 -12.32
C ASN D 186 -10.29 -34.40 -10.81
N ALA D 187 -10.84 -33.38 -10.14
CA ALA D 187 -11.05 -33.42 -8.69
C ALA D 187 -12.10 -34.47 -8.34
N ILE D 188 -13.16 -34.55 -9.15
CA ILE D 188 -14.22 -35.52 -8.89
C ILE D 188 -13.66 -36.94 -8.94
N ALA D 189 -12.88 -37.23 -9.97
CA ALA D 189 -12.17 -38.52 -10.07
C ALA D 189 -11.27 -38.78 -8.86
N ALA D 190 -10.54 -37.77 -8.42
CA ALA D 190 -9.64 -37.92 -7.29
C ALA D 190 -10.39 -38.25 -6.01
N ALA D 191 -11.51 -37.58 -5.78
CA ALA D 191 -12.32 -37.78 -4.57
C ALA D 191 -13.00 -39.14 -4.58
N GLU D 192 -13.41 -39.58 -5.77
CA GLU D 192 -14.06 -40.87 -5.94
C GLU D 192 -13.10 -42.05 -5.68
N VAL D 193 -11.87 -41.97 -6.21
CA VAL D 193 -10.97 -43.11 -6.10
C VAL D 193 -9.78 -42.86 -5.17
N GLY D 194 -9.74 -41.67 -4.56
CA GLY D 194 -8.72 -41.33 -3.57
C GLY D 194 -7.32 -41.07 -4.13
N LEU D 195 -7.25 -40.28 -5.20
CA LEU D 195 -5.98 -39.96 -5.86
C LEU D 195 -5.22 -38.85 -5.13
N SER D 196 -3.89 -38.95 -5.14
CA SER D 196 -3.03 -37.87 -4.65
C SER D 196 -2.79 -36.90 -5.80
N PHE D 197 -2.35 -35.68 -5.49
CA PHE D 197 -2.09 -34.68 -6.53
C PHE D 197 -1.08 -35.19 -7.54
N THR D 198 -0.02 -35.79 -7.01
CA THR D 198 1.04 -36.39 -7.81
C THR D 198 0.56 -37.62 -8.60
N ASP D 199 -0.49 -38.28 -8.12
CA ASP D 199 -1.09 -39.42 -8.83
C ASP D 199 -1.82 -38.98 -10.10
N TRP D 200 -2.58 -37.89 -10.02
CA TRP D 200 -3.36 -37.42 -11.16
C TRP D 200 -2.47 -36.73 -12.18
N MET D 201 -1.28 -36.33 -11.76
CA MET D 201 -0.32 -35.73 -12.67
C MET D 201 0.44 -36.79 -13.48
N LYS D 202 0.70 -37.93 -12.87
CA LYS D 202 1.33 -39.08 -13.56
C LYS D 202 0.51 -39.50 -14.78
N PHE D 203 -0.81 -39.53 -14.60
CA PHE D 203 -1.74 -39.80 -15.70
C PHE D 203 -1.84 -38.58 -16.60
N GLY D 204 -2.37 -37.48 -16.04
CA GLY D 204 -2.82 -36.33 -16.81
C GLY D 204 -1.80 -35.54 -17.62
N LEU D 205 -0.68 -35.19 -17.01
CA LEU D 205 0.32 -34.35 -17.68
C LEU D 205 0.85 -34.95 -18.99
N PRO D 206 1.28 -36.23 -18.99
CA PRO D 206 1.64 -36.88 -20.26
C PRO D 206 0.56 -36.78 -21.34
N THR D 207 -0.71 -36.82 -20.94
CA THR D 207 -1.84 -36.71 -21.88
C THR D 207 -1.97 -35.30 -22.44
N ALA D 208 -1.75 -34.29 -21.60
CA ALA D 208 -1.76 -32.90 -22.06
C ALA D 208 -0.54 -32.62 -22.94
N MET D 209 0.61 -33.18 -22.57
CA MET D 209 1.85 -33.07 -23.35
C MET D 209 1.62 -33.58 -24.77
N MET D 210 0.86 -34.66 -24.87
CA MET D 210 0.54 -35.31 -26.13
C MET D 210 -0.55 -34.54 -26.87
N MET D 211 -1.57 -34.11 -26.13
CA MET D 211 -2.81 -33.62 -26.73
C MET D 211 -2.71 -32.22 -27.33
N LEU D 212 -2.00 -31.33 -26.67
CA LEU D 212 -1.87 -29.94 -27.13
C LEU D 212 -1.23 -29.81 -28.53
N PRO D 213 -0.11 -30.53 -28.78
CA PRO D 213 0.45 -30.55 -30.14
C PRO D 213 -0.54 -31.13 -31.15
N MET D 214 -1.13 -32.27 -30.80
CA MET D 214 -2.11 -32.94 -31.64
C MET D 214 -3.31 -32.05 -31.97
N ALA D 215 -3.66 -31.15 -31.06
CA ALA D 215 -4.78 -30.24 -31.27
C ALA D 215 -4.41 -29.07 -32.18
N ILE D 216 -3.21 -28.54 -31.99
CA ILE D 216 -2.71 -27.47 -32.85
C ILE D 216 -2.49 -28.00 -34.26
N ALA D 217 -1.85 -29.16 -34.37
CA ALA D 217 -1.60 -29.80 -35.66
C ALA D 217 -2.88 -29.97 -36.47
N ILE D 218 -4.00 -30.29 -35.81
CA ILE D 218 -5.28 -30.46 -36.48
C ILE D 218 -5.92 -29.12 -36.88
N LEU D 219 -5.80 -28.11 -36.01
CA LEU D 219 -6.26 -26.76 -36.30
C LEU D 219 -5.42 -26.14 -37.42
N TYR D 220 -4.11 -26.39 -37.32
CA TYR D 220 -3.11 -25.92 -38.29
C TYR D 220 -3.42 -26.46 -39.68
N PHE D 221 -3.48 -27.78 -39.78
CA PHE D 221 -3.69 -28.48 -41.05
C PHE D 221 -5.16 -28.40 -41.48
N LEU D 222 -5.81 -27.28 -41.19
CA LEU D 222 -7.05 -26.94 -41.85
C LEU D 222 -6.93 -25.69 -42.73
N LEU D 223 -7.13 -24.49 -42.17
CA LEU D 223 -7.01 -23.28 -43.00
C LEU D 223 -6.13 -22.20 -42.38
N LYS D 224 -4.84 -22.50 -42.21
CA LYS D 224 -3.92 -21.54 -41.59
C LYS D 224 -3.09 -20.79 -42.64
N PRO D 225 -3.16 -19.44 -42.62
CA PRO D 225 -2.25 -18.57 -43.36
C PRO D 225 -1.55 -17.58 -42.41
N THR D 226 -0.91 -18.10 -41.38
CA THR D 226 -0.40 -17.29 -40.27
C THR D 226 1.12 -17.11 -40.27
N LEU D 227 1.81 -17.79 -41.18
CA LEU D 227 3.26 -17.64 -41.33
C LEU D 227 3.65 -16.21 -41.74
N ASN D 228 2.65 -15.35 -41.86
CA ASN D 228 2.81 -13.92 -42.20
C ASN D 228 2.24 -12.98 -41.13
N GLY D 229 2.72 -11.75 -41.13
CA GLY D 229 2.25 -10.73 -40.21
C GLY D 229 3.33 -10.17 -39.30
N MET D 230 2.99 -9.12 -38.55
CA MET D 230 3.89 -8.53 -37.57
C MET D 230 3.20 -8.25 -36.24
N PHE D 231 3.98 -7.87 -35.23
CA PHE D 231 3.47 -7.70 -33.88
C PHE D 231 3.07 -6.26 -33.58
N GLU D 232 2.39 -6.07 -32.46
CA GLU D 232 2.16 -4.75 -31.88
C GLU D 232 2.12 -4.85 -30.35
N LEU D 233 3.30 -4.87 -29.73
CA LEU D 233 3.44 -5.02 -28.28
C LEU D 233 2.96 -3.76 -27.52
N ASP D 234 1.65 -3.50 -27.59
CA ASP D 234 1.08 -2.23 -27.14
C ASP D 234 0.36 -2.28 -25.79
N ARG D 235 1.02 -1.71 -24.78
CA ARG D 235 0.53 -1.55 -23.40
C ARG D 235 1.75 -1.38 -22.50
N ALA D 236 1.54 -0.91 -21.27
CA ALA D 236 2.63 -0.72 -20.32
C ALA D 236 3.32 -2.05 -19.99
N PRO D 237 4.67 -2.08 -20.06
CA PRO D 237 5.45 -3.27 -19.70
C PRO D 237 5.29 -3.66 -18.22
N VAL D 238 5.59 -4.91 -17.89
CA VAL D 238 5.45 -5.43 -16.53
C VAL D 238 6.78 -5.48 -15.77
N ASN D 239 6.69 -5.65 -14.45
CA ASN D 239 7.87 -5.66 -13.59
C ASN D 239 7.56 -6.25 -12.21
N TRP D 240 8.39 -7.19 -11.78
CA TRP D 240 8.21 -7.87 -10.49
C TRP D 240 8.20 -6.90 -9.30
N ASP D 241 7.03 -6.71 -8.69
CA ASP D 241 6.88 -5.75 -7.58
C ASP D 241 6.94 -6.41 -6.19
N LYS D 242 6.19 -5.87 -5.21
CA LYS D 242 6.20 -6.38 -3.83
C LYS D 242 5.91 -7.88 -3.80
N GLY D 243 6.99 -8.65 -3.92
CA GLY D 243 6.91 -10.10 -3.89
C GLY D 243 5.88 -10.74 -4.79
N LYS D 244 5.90 -10.39 -6.08
CA LYS D 244 5.33 -11.30 -7.06
C LYS D 244 6.25 -12.50 -7.02
N VAL D 245 7.49 -12.24 -6.62
CA VAL D 245 8.48 -13.26 -6.30
C VAL D 245 8.05 -14.07 -5.05
N VAL D 246 7.36 -13.41 -4.11
CA VAL D 246 6.83 -14.08 -2.93
C VAL D 246 5.64 -14.97 -3.30
N THR D 247 4.72 -14.45 -4.12
CA THR D 247 3.61 -15.26 -4.62
C THR D 247 4.17 -16.44 -5.41
N LEU D 248 5.15 -16.17 -6.28
CA LEU D 248 5.84 -17.24 -6.99
C LEU D 248 6.54 -18.17 -6.03
N GLY D 249 7.10 -17.62 -4.96
CA GLY D 249 7.82 -18.39 -3.95
C GLY D 249 6.93 -19.40 -3.24
N ILE D 250 5.80 -18.91 -2.73
CA ILE D 250 4.80 -19.77 -2.08
C ILE D 250 4.27 -20.80 -3.07
N PHE D 251 3.81 -20.32 -4.23
CA PHE D 251 3.33 -21.16 -5.32
C PHE D 251 4.31 -22.28 -5.66
N GLY D 252 5.57 -21.92 -5.88
CA GLY D 252 6.62 -22.88 -6.18
C GLY D 252 6.80 -23.90 -5.08
N LEU D 253 6.91 -23.43 -3.84
CA LEU D 253 7.01 -24.30 -2.68
C LEU D 253 5.80 -25.26 -2.63
N THR D 254 4.60 -24.71 -2.78
CA THR D 254 3.35 -25.47 -2.75
C THR D 254 3.35 -26.59 -3.79
N VAL D 255 3.69 -26.23 -5.02
CA VAL D 255 3.75 -27.18 -6.12
C VAL D 255 4.82 -28.23 -5.85
N PHE D 256 5.97 -27.77 -5.32
CA PHE D 256 7.08 -28.65 -4.99
C PHE D 256 6.65 -29.74 -4.00
N LEU D 257 5.97 -29.32 -2.94
CA LEU D 257 5.46 -30.23 -1.92
C LEU D 257 4.40 -31.17 -2.45
N TRP D 258 3.60 -30.68 -3.41
CA TRP D 258 2.55 -31.49 -4.03
C TRP D 258 3.15 -32.62 -4.84
N ILE D 259 4.23 -32.31 -5.54
CA ILE D 259 4.95 -33.29 -6.36
C ILE D 259 5.67 -34.29 -5.47
N PHE D 260 6.48 -33.77 -4.56
CA PHE D 260 7.27 -34.62 -3.68
C PHE D 260 6.51 -35.10 -2.44
N SER D 261 5.18 -35.09 -2.52
CA SER D 261 4.32 -35.40 -1.37
C SER D 261 4.56 -36.79 -0.80
N SER D 262 4.75 -37.76 -1.70
CA SER D 262 4.96 -39.15 -1.30
C SER D 262 6.13 -39.37 -0.32
N PRO D 263 7.37 -38.99 -0.71
CA PRO D 263 8.50 -39.21 0.19
C PRO D 263 8.57 -38.21 1.35
N ILE D 264 8.08 -36.98 1.14
CA ILE D 264 8.04 -35.97 2.21
C ILE D 264 7.09 -36.43 3.32
N ASN D 265 5.88 -36.81 2.93
CA ASN D 265 4.89 -37.31 3.89
C ASN D 265 5.31 -38.60 4.56
N ALA D 266 5.81 -39.55 3.76
CA ALA D 266 6.32 -40.82 4.29
C ALA D 266 7.43 -40.58 5.32
N ALA D 267 8.36 -39.67 4.99
CA ALA D 267 9.43 -39.30 5.91
C ALA D 267 9.03 -38.17 6.86
N LEU D 268 7.75 -38.15 7.22
CA LEU D 268 7.22 -37.20 8.20
C LEU D 268 6.32 -37.91 9.20
N GLY D 269 6.07 -39.19 8.96
CA GLY D 269 5.18 -39.99 9.81
C GLY D 269 3.89 -40.40 9.12
N GLY D 270 3.73 -39.95 7.88
CA GLY D 270 2.61 -40.35 7.05
C GLY D 270 1.28 -39.76 7.50
N PHE D 271 1.15 -38.44 7.39
CA PHE D 271 -0.13 -37.77 7.62
C PHE D 271 -1.16 -38.15 6.56
N LYS D 272 -2.44 -37.98 6.89
CA LYS D 272 -3.48 -38.65 6.12
C LYS D 272 -3.69 -38.12 4.68
N SER D 273 -4.24 -36.92 4.53
CA SER D 273 -4.41 -36.35 3.20
C SER D 273 -3.41 -35.25 2.95
N PHE D 274 -2.14 -35.65 2.90
CA PHE D 274 -1.03 -34.70 2.85
C PHE D 274 -1.21 -33.58 1.82
N ASP D 275 -1.79 -33.92 0.67
CA ASP D 275 -1.96 -32.94 -0.39
C ASP D 275 -2.94 -31.85 -0.01
N THR D 276 -4.00 -32.23 0.69
CA THR D 276 -5.00 -31.28 1.22
C THR D 276 -4.37 -30.39 2.29
N LEU D 277 -3.53 -30.98 3.15
CA LEU D 277 -2.76 -30.23 4.13
C LEU D 277 -1.86 -29.19 3.46
N VAL D 278 -1.13 -29.62 2.42
CA VAL D 278 -0.30 -28.71 1.63
C VAL D 278 -1.16 -27.57 1.08
N ALA D 279 -2.32 -27.90 0.52
CA ALA D 279 -3.23 -26.92 -0.04
C ALA D 279 -3.71 -25.93 1.01
N LEU D 280 -4.03 -26.44 2.20
CA LEU D 280 -4.44 -25.57 3.29
C LEU D 280 -3.26 -24.75 3.77
N GLY D 281 -2.08 -25.37 3.74
CA GLY D 281 -0.84 -24.71 4.12
C GLY D 281 -0.62 -23.50 3.24
N ALA D 282 -0.83 -23.68 1.94
CA ALA D 282 -0.78 -22.59 0.98
C ALA D 282 -1.70 -21.42 1.37
N ILE D 283 -2.96 -21.72 1.71
CA ILE D 283 -3.90 -20.68 2.13
C ILE D 283 -3.33 -19.88 3.32
N LEU D 284 -2.59 -20.56 4.19
CA LEU D 284 -2.01 -19.89 5.36
C LEU D 284 -0.76 -19.08 5.00
N MET D 285 0.21 -19.72 4.33
CA MET D 285 1.43 -19.04 3.88
C MET D 285 1.09 -17.79 3.09
N LEU D 286 0.08 -17.87 2.23
CA LEU D 286 -0.35 -16.72 1.43
C LEU D 286 -0.97 -15.60 2.27
N SER D 287 -1.52 -15.95 3.43
CA SER D 287 -2.14 -14.95 4.28
C SER D 287 -1.17 -14.35 5.28
N PHE D 288 -0.30 -15.19 5.83
CA PHE D 288 0.74 -14.74 6.77
C PHE D 288 1.70 -13.83 6.02
N ALA D 289 2.13 -14.27 4.83
CA ALA D 289 2.95 -13.44 3.96
C ALA D 289 2.13 -12.31 3.31
N ARG D 290 0.93 -12.06 3.82
CA ARG D 290 0.11 -10.88 3.48
C ARG D 290 -0.19 -10.66 1.99
N VAL D 291 0.27 -11.57 1.13
CA VAL D 291 0.27 -11.41 -0.34
C VAL D 291 -1.14 -11.34 -1.00
N VAL D 292 -2.16 -11.84 -0.29
CA VAL D 292 -3.55 -11.85 -0.76
C VAL D 292 -4.53 -11.82 0.42
N HIS D 293 -5.58 -11.01 0.29
CA HIS D 293 -6.58 -10.87 1.36
C HIS D 293 -7.59 -12.01 1.26
N TRP D 294 -8.45 -12.16 2.27
CA TRP D 294 -9.44 -13.24 2.21
C TRP D 294 -10.60 -12.94 1.25
N LYS D 295 -11.16 -11.73 1.31
CA LYS D 295 -12.28 -11.37 0.43
C LYS D 295 -11.97 -11.71 -1.02
N GLU D 296 -10.70 -11.59 -1.39
CA GLU D 296 -10.19 -11.96 -2.71
C GLU D 296 -10.40 -13.44 -3.01
N ILE D 297 -10.04 -14.30 -2.06
CA ILE D 297 -10.21 -15.75 -2.22
C ILE D 297 -11.70 -16.12 -2.24
N GLN D 298 -12.51 -15.40 -1.47
CA GLN D 298 -13.95 -15.65 -1.43
C GLN D 298 -14.65 -15.26 -2.75
N LYS D 299 -14.11 -14.28 -3.47
CA LYS D 299 -14.57 -13.99 -4.83
C LYS D 299 -14.08 -15.00 -5.85
N THR D 300 -12.78 -15.30 -5.84
CA THR D 300 -12.17 -16.30 -6.75
C THR D 300 -12.74 -17.71 -6.56
N ALA D 301 -13.03 -18.09 -5.32
CA ALA D 301 -13.51 -19.42 -5.01
C ALA D 301 -14.86 -19.70 -5.66
N ASP D 302 -14.94 -20.78 -6.42
CA ASP D 302 -16.21 -21.26 -6.95
C ASP D 302 -16.82 -22.28 -5.98
N TRP D 303 -17.41 -21.75 -4.89
CA TRP D 303 -18.07 -22.55 -3.86
C TRP D 303 -19.16 -23.43 -4.44
N GLY D 304 -19.80 -22.95 -5.51
CA GLY D 304 -20.77 -23.74 -6.27
C GLY D 304 -20.19 -25.08 -6.71
N VAL D 305 -18.95 -25.03 -7.22
CA VAL D 305 -18.22 -26.23 -7.61
C VAL D 305 -17.87 -27.06 -6.38
N LEU D 306 -17.49 -26.40 -5.30
CA LEU D 306 -17.10 -27.09 -4.07
C LEU D 306 -18.26 -27.89 -3.47
N LEU D 307 -19.47 -27.33 -3.59
CA LEU D 307 -20.70 -28.03 -3.17
C LEU D 307 -21.02 -29.19 -4.11
N LEU D 308 -20.88 -28.93 -5.41
CA LEU D 308 -21.08 -29.96 -6.42
C LEU D 308 -20.29 -31.21 -6.07
N PHE D 309 -19.03 -31.03 -5.66
CA PHE D 309 -18.13 -32.11 -5.30
C PHE D 309 -18.78 -33.09 -4.31
N GLY D 310 -19.21 -32.53 -3.18
CA GLY D 310 -19.84 -33.30 -2.10
C GLY D 310 -21.16 -33.94 -2.48
N GLY D 311 -21.99 -33.22 -3.24
CA GLY D 311 -23.27 -33.73 -3.75
C GLY D 311 -23.13 -34.94 -4.68
N GLY D 312 -22.03 -34.95 -5.41
CA GLY D 312 -21.64 -36.05 -6.29
C GLY D 312 -21.10 -37.24 -5.51
N LEU D 313 -20.45 -36.96 -4.37
CA LEU D 313 -19.96 -38.02 -3.53
C LEU D 313 -21.13 -38.65 -2.81
N CYS D 314 -22.05 -37.79 -2.36
CA CYS D 314 -23.26 -38.24 -1.70
C CYS D 314 -23.96 -39.26 -2.63
N LEU D 315 -23.94 -38.93 -3.93
CA LEU D 315 -24.64 -39.72 -4.95
C LEU D 315 -23.99 -41.06 -5.07
N SER D 316 -22.67 -41.04 -5.24
CA SER D 316 -21.84 -42.23 -5.29
C SER D 316 -22.21 -43.20 -4.17
N ASN D 317 -22.31 -42.66 -2.95
CA ASN D 317 -22.70 -43.46 -1.79
C ASN D 317 -24.15 -43.94 -1.84
N VAL D 318 -25.04 -43.10 -2.36
CA VAL D 318 -26.45 -43.48 -2.52
C VAL D 318 -26.52 -44.75 -3.35
N LEU D 319 -25.69 -44.81 -4.39
CA LEU D 319 -25.65 -45.94 -5.31
C LEU D 319 -25.22 -47.20 -4.59
N LYS D 320 -24.19 -47.11 -3.75
CA LYS D 320 -23.70 -48.28 -3.02
C LYS D 320 -24.73 -48.76 -2.00
N GLN D 321 -25.16 -47.84 -1.14
CA GLN D 321 -26.08 -48.12 -0.06
C GLN D 321 -27.40 -48.77 -0.54
N THR D 322 -27.90 -48.34 -1.70
CA THR D 322 -29.15 -48.87 -2.24
C THR D 322 -28.89 -50.12 -3.07
N GLY D 323 -27.62 -50.41 -3.30
CA GLY D 323 -27.19 -51.59 -4.04
C GLY D 323 -27.36 -51.46 -5.55
N THR D 324 -27.66 -50.26 -6.00
CA THR D 324 -27.86 -49.96 -7.42
C THR D 324 -26.58 -50.23 -8.21
N SER D 325 -25.43 -50.06 -7.55
CA SER D 325 -24.13 -50.33 -8.14
C SER D 325 -24.01 -51.79 -8.51
N VAL D 326 -24.41 -52.65 -7.57
CA VAL D 326 -24.31 -54.09 -7.75
C VAL D 326 -25.36 -54.58 -8.76
N PHE D 327 -26.52 -53.91 -8.75
CA PHE D 327 -27.62 -54.27 -9.65
C PHE D 327 -27.26 -54.01 -11.10
N LEU D 328 -26.61 -52.88 -11.37
CA LEU D 328 -26.20 -52.53 -12.73
C LEU D 328 -25.08 -53.45 -13.19
N ALA D 329 -24.12 -53.70 -12.30
CA ALA D 329 -23.03 -54.62 -12.59
C ALA D 329 -23.54 -56.01 -12.97
N ASN D 330 -24.60 -56.45 -12.29
CA ASN D 330 -25.27 -57.71 -12.61
C ASN D 330 -25.93 -57.66 -13.98
N ALA D 331 -26.55 -56.52 -14.28
CA ALA D 331 -27.24 -56.30 -15.56
C ALA D 331 -26.26 -56.18 -16.72
N LEU D 332 -25.14 -55.51 -16.50
CA LEU D 332 -24.14 -55.35 -17.55
C LEU D 332 -23.19 -56.54 -17.66
N SER D 333 -23.31 -57.48 -16.71
CA SER D 333 -22.38 -58.61 -16.58
C SER D 333 -22.14 -59.37 -17.87
N ASP D 334 -23.23 -59.69 -18.57
CA ASP D 334 -23.14 -60.42 -19.84
C ASP D 334 -22.56 -59.56 -20.95
N MET D 335 -22.99 -58.30 -20.99
CA MET D 335 -22.56 -57.36 -22.00
C MET D 335 -21.06 -57.12 -21.94
N VAL D 336 -20.52 -57.04 -20.73
CA VAL D 336 -19.12 -56.71 -20.52
C VAL D 336 -18.19 -57.93 -20.63
N SER D 337 -18.74 -59.13 -20.41
CA SER D 337 -17.96 -60.36 -20.58
C SER D 337 -17.84 -60.69 -22.07
N HIS D 338 -18.86 -60.31 -22.84
CA HIS D 338 -18.83 -60.45 -24.30
C HIS D 338 -17.93 -59.39 -24.94
N MET D 339 -17.81 -58.23 -24.29
CA MET D 339 -16.95 -57.14 -24.75
C MET D 339 -15.51 -57.29 -24.23
N GLY D 340 -14.54 -57.10 -25.11
CA GLY D 340 -13.13 -57.07 -24.70
C GLY D 340 -12.86 -55.82 -23.88
N ILE D 341 -11.76 -55.82 -23.12
CA ILE D 341 -11.40 -54.64 -22.32
C ILE D 341 -11.09 -53.43 -23.20
N PHE D 342 -10.57 -53.69 -24.39
CA PHE D 342 -10.42 -52.67 -25.42
C PHE D 342 -11.79 -52.11 -25.74
N VAL D 343 -12.67 -52.98 -26.23
CA VAL D 343 -14.04 -52.64 -26.61
C VAL D 343 -14.70 -51.76 -25.55
N VAL D 344 -14.62 -52.20 -24.29
CA VAL D 344 -15.22 -51.46 -23.18
C VAL D 344 -14.69 -50.04 -23.12
N ILE D 345 -13.38 -49.89 -23.03
CA ILE D 345 -12.80 -48.57 -22.83
C ILE D 345 -12.89 -47.68 -24.07
N LEU D 346 -13.03 -48.32 -25.23
CA LEU D 346 -13.30 -47.60 -26.46
C LEU D 346 -14.72 -47.03 -26.42
N VAL D 347 -15.65 -47.86 -25.94
CA VAL D 347 -17.06 -47.47 -25.79
C VAL D 347 -17.21 -46.38 -24.73
N VAL D 348 -16.54 -46.55 -23.58
CA VAL D 348 -16.58 -45.55 -22.52
C VAL D 348 -16.02 -44.23 -23.05
N ALA D 349 -14.78 -44.27 -23.54
CA ALA D 349 -14.10 -43.09 -24.07
C ALA D 349 -14.92 -42.35 -25.14
N THR D 350 -15.47 -43.10 -26.10
CA THR D 350 -16.30 -42.51 -27.14
C THR D 350 -17.52 -41.83 -26.54
N PHE D 351 -18.19 -42.55 -25.63
CA PHE D 351 -19.41 -42.06 -25.04
C PHE D 351 -19.25 -40.66 -24.46
N VAL D 352 -18.32 -40.51 -23.52
CA VAL D 352 -18.10 -39.25 -22.83
C VAL D 352 -17.70 -38.12 -23.78
N VAL D 353 -16.68 -38.38 -24.61
CA VAL D 353 -16.12 -37.39 -25.52
C VAL D 353 -17.20 -36.69 -26.37
N PHE D 354 -18.24 -37.45 -26.72
CA PHE D 354 -19.38 -36.90 -27.46
C PHE D 354 -20.49 -36.37 -26.53
N LEU D 355 -20.70 -37.04 -25.41
CA LEU D 355 -21.66 -36.54 -24.42
C LEU D 355 -21.26 -35.15 -23.95
N THR D 356 -19.97 -34.97 -23.69
CA THR D 356 -19.44 -33.74 -23.15
C THR D 356 -19.62 -32.53 -24.08
N GLU D 357 -20.03 -32.79 -25.32
CA GLU D 357 -20.32 -31.72 -26.27
C GLU D 357 -21.66 -31.08 -25.94
N PHE D 358 -22.56 -31.91 -25.43
CA PHE D 358 -23.93 -31.49 -25.16
C PHE D 358 -24.09 -30.80 -23.80
N ALA D 359 -23.26 -31.18 -22.83
CA ALA D 359 -23.36 -30.62 -21.48
C ALA D 359 -22.01 -30.27 -20.86
N SER D 360 -22.06 -29.43 -19.82
CA SER D 360 -20.92 -28.99 -19.02
C SER D 360 -19.90 -30.12 -18.77
N ASN D 361 -18.60 -29.78 -18.80
CA ASN D 361 -17.54 -30.75 -18.44
C ASN D 361 -17.78 -31.40 -17.09
N THR D 362 -17.86 -30.58 -16.05
CA THR D 362 -18.02 -31.03 -14.69
C THR D 362 -19.36 -31.76 -14.51
N ALA D 363 -20.44 -31.15 -15.01
CA ALA D 363 -21.77 -31.75 -14.95
C ALA D 363 -21.82 -33.17 -15.52
N SER D 364 -20.97 -33.43 -16.51
CA SER D 364 -20.84 -34.75 -17.11
C SER D 364 -20.07 -35.69 -16.20
N ALA D 365 -18.92 -35.24 -15.71
CA ALA D 365 -18.14 -36.03 -14.77
C ALA D 365 -18.90 -36.31 -13.47
N ALA D 366 -19.62 -35.28 -12.98
CA ALA D 366 -20.46 -35.40 -11.76
C ALA D 366 -21.46 -36.55 -11.83
N LEU D 367 -21.99 -36.79 -13.02
CA LEU D 367 -22.91 -37.90 -13.23
C LEU D 367 -22.17 -39.21 -13.44
N LEU D 368 -21.13 -39.19 -14.27
CA LEU D 368 -20.58 -40.44 -14.79
C LEU D 368 -19.55 -41.11 -13.91
N ILE D 369 -18.67 -40.32 -13.28
CA ILE D 369 -17.62 -40.89 -12.40
C ILE D 369 -18.21 -41.82 -11.32
N PRO D 370 -19.23 -41.35 -10.57
CA PRO D 370 -19.84 -42.23 -9.56
C PRO D 370 -20.40 -43.52 -10.17
N VAL D 371 -21.33 -43.39 -11.12
CA VAL D 371 -21.95 -44.55 -11.76
C VAL D 371 -20.92 -45.60 -12.16
N PHE D 372 -19.87 -45.17 -12.85
CA PHE D 372 -18.88 -46.10 -13.37
C PHE D 372 -17.98 -46.67 -12.29
N ALA D 373 -17.35 -45.79 -11.52
CA ALA D 373 -16.43 -46.22 -10.45
C ALA D 373 -17.07 -47.26 -9.54
N THR D 374 -18.33 -47.05 -9.18
CA THR D 374 -19.04 -47.93 -8.26
C THR D 374 -19.35 -49.29 -8.90
N VAL D 375 -19.76 -49.25 -10.17
CA VAL D 375 -20.05 -50.45 -10.93
C VAL D 375 -18.75 -51.23 -11.15
N ALA D 376 -17.68 -50.51 -11.47
CA ALA D 376 -16.34 -51.10 -11.54
C ALA D 376 -15.97 -51.85 -10.25
N GLU D 377 -16.29 -51.25 -9.10
CA GLU D 377 -16.04 -51.87 -7.80
C GLU D 377 -16.91 -53.09 -7.59
N ALA D 378 -18.14 -53.03 -8.09
CA ALA D 378 -19.04 -54.17 -8.00
C ALA D 378 -18.48 -55.35 -8.78
N PHE D 379 -17.84 -55.06 -9.92
CA PHE D 379 -17.09 -56.07 -10.67
C PHE D 379 -15.77 -56.47 -10.02
N GLY D 380 -15.43 -55.83 -8.91
CA GLY D 380 -14.18 -56.11 -8.19
C GLY D 380 -12.93 -55.68 -8.94
N MET D 381 -13.05 -54.65 -9.76
CA MET D 381 -11.90 -54.05 -10.41
C MET D 381 -11.63 -52.68 -9.80
N SER D 382 -10.40 -52.18 -9.97
CA SER D 382 -10.00 -50.87 -9.47
C SER D 382 -10.76 -49.76 -10.20
N PRO D 383 -11.52 -48.94 -9.46
CA PRO D 383 -12.35 -47.89 -10.03
C PRO D 383 -11.53 -46.73 -10.60
N VAL D 384 -10.21 -46.80 -10.44
CA VAL D 384 -9.30 -45.72 -10.84
C VAL D 384 -9.30 -45.49 -12.35
N LEU D 385 -9.00 -46.53 -13.12
CA LEU D 385 -8.84 -46.41 -14.56
C LEU D 385 -10.05 -45.73 -15.21
N LEU D 386 -11.24 -46.28 -15.00
CA LEU D 386 -12.45 -45.75 -15.59
C LEU D 386 -12.69 -44.29 -15.18
N SER D 387 -12.48 -44.02 -13.89
CA SER D 387 -12.64 -42.67 -13.35
C SER D 387 -11.72 -41.67 -14.03
N VAL D 388 -10.41 -41.95 -13.98
CA VAL D 388 -9.42 -41.06 -14.62
C VAL D 388 -9.71 -40.91 -16.11
N LEU D 389 -10.16 -41.99 -16.75
CA LEU D 389 -10.55 -41.94 -18.16
C LEU D 389 -11.67 -40.94 -18.39
N ILE D 390 -12.78 -41.12 -17.67
CA ILE D 390 -13.93 -40.23 -17.75
C ILE D 390 -13.54 -38.77 -17.42
N ALA D 391 -12.69 -38.62 -16.41
CA ALA D 391 -12.19 -37.31 -15.99
C ALA D 391 -11.55 -36.53 -17.13
N VAL D 392 -10.70 -37.22 -17.89
CA VAL D 392 -9.99 -36.59 -19.01
C VAL D 392 -10.97 -36.36 -20.16
N ALA D 393 -11.75 -37.39 -20.45
CA ALA D 393 -12.68 -37.38 -21.58
C ALA D 393 -13.73 -36.29 -21.47
N ALA D 394 -14.15 -36.00 -20.24
CA ALA D 394 -15.14 -34.94 -20.00
C ALA D 394 -14.61 -33.55 -20.36
N SER D 395 -13.29 -33.40 -20.27
CA SER D 395 -12.61 -32.15 -20.62
C SER D 395 -12.23 -32.11 -22.12
N CYS D 396 -12.80 -33.01 -22.92
CA CYS D 396 -12.55 -33.01 -24.36
C CYS D 396 -13.75 -32.46 -25.15
N ALA D 397 -14.11 -31.21 -24.84
CA ALA D 397 -15.19 -30.52 -25.51
C ALA D 397 -14.65 -29.62 -26.61
N PHE D 398 -14.81 -30.06 -27.86
CA PHE D 398 -14.17 -29.39 -28.99
C PHE D 398 -15.13 -29.02 -30.11
N MET D 399 -16.31 -29.63 -30.14
CA MET D 399 -17.26 -29.38 -31.24
C MET D 399 -17.98 -28.05 -31.15
N LEU D 400 -19.15 -28.01 -30.53
CA LEU D 400 -19.93 -26.77 -30.46
C LEU D 400 -19.57 -25.93 -29.21
N PRO D 401 -20.11 -24.68 -29.10
CA PRO D 401 -20.03 -24.03 -27.79
C PRO D 401 -21.05 -24.70 -26.88
N VAL D 402 -21.43 -24.06 -25.78
CA VAL D 402 -22.32 -24.67 -24.78
C VAL D 402 -21.71 -25.95 -24.19
N ALA D 403 -20.76 -26.55 -24.92
CA ALA D 403 -19.99 -27.68 -24.45
C ALA D 403 -19.16 -27.28 -23.24
N THR D 404 -18.49 -26.13 -23.35
CA THR D 404 -17.69 -25.57 -22.26
C THR D 404 -17.79 -24.05 -22.42
N PRO D 405 -17.70 -23.30 -21.32
CA PRO D 405 -17.57 -21.85 -21.44
C PRO D 405 -16.39 -21.35 -22.33
N PRO D 406 -15.17 -21.92 -22.19
CA PRO D 406 -14.07 -21.54 -23.09
C PRO D 406 -14.41 -21.55 -24.59
N ASN D 407 -15.32 -22.44 -25.00
CA ASN D 407 -15.81 -22.47 -26.37
C ASN D 407 -16.73 -21.29 -26.64
N ALA D 408 -17.69 -21.07 -25.75
CA ALA D 408 -18.66 -19.97 -25.88
C ALA D 408 -18.03 -18.59 -25.65
N ILE D 409 -16.82 -18.57 -25.09
CA ILE D 409 -16.09 -17.32 -24.86
C ILE D 409 -15.43 -16.80 -26.15
N VAL D 410 -14.74 -17.68 -26.88
CA VAL D 410 -14.13 -17.31 -28.16
C VAL D 410 -15.17 -17.24 -29.28
N PHE D 411 -16.39 -17.63 -28.96
CA PHE D 411 -17.49 -17.63 -29.93
C PHE D 411 -18.22 -16.31 -29.95
N ALA D 412 -18.49 -15.74 -28.77
CA ALA D 412 -19.13 -14.43 -28.65
C ALA D 412 -18.29 -13.35 -29.33
N SER D 413 -17.07 -13.71 -29.70
CA SER D 413 -16.17 -12.85 -30.47
C SER D 413 -16.73 -12.54 -31.87
N GLY D 414 -18.03 -12.78 -32.03
CA GLY D 414 -18.77 -12.48 -33.25
C GLY D 414 -17.94 -12.58 -34.51
N HIS D 415 -17.37 -13.76 -34.75
CA HIS D 415 -16.49 -13.97 -35.88
C HIS D 415 -16.46 -15.41 -36.35
N ILE D 416 -16.29 -16.35 -35.41
CA ILE D 416 -16.19 -17.77 -35.76
C ILE D 416 -17.56 -18.37 -36.05
N LYS D 417 -17.67 -19.10 -37.16
CA LYS D 417 -18.93 -19.71 -37.56
C LYS D 417 -19.19 -21.04 -36.85
N GLN D 418 -20.47 -21.30 -36.59
CA GLN D 418 -20.92 -22.54 -35.96
C GLN D 418 -20.34 -23.77 -36.65
N SER D 419 -20.48 -23.80 -37.97
CA SER D 419 -20.06 -24.93 -38.82
C SER D 419 -18.56 -25.21 -38.71
N GLU D 420 -17.77 -24.13 -38.67
CA GLU D 420 -16.32 -24.21 -38.67
C GLU D 420 -15.80 -25.01 -37.48
N MET D 421 -16.10 -24.54 -36.27
CA MET D 421 -15.69 -25.21 -35.03
C MET D 421 -16.20 -26.65 -34.96
N MET D 422 -17.45 -26.84 -35.37
CA MET D 422 -18.11 -28.14 -35.34
C MET D 422 -17.37 -29.27 -36.06
N ARG D 423 -16.53 -28.92 -37.03
CA ARG D 423 -15.83 -29.93 -37.83
C ARG D 423 -14.35 -30.12 -37.47
N VAL D 424 -13.75 -29.10 -36.86
CA VAL D 424 -12.42 -29.27 -36.28
C VAL D 424 -12.58 -30.11 -35.02
N GLY D 425 -13.66 -29.85 -34.29
CA GLY D 425 -14.00 -30.58 -33.09
C GLY D 425 -14.39 -32.02 -33.35
N LEU D 426 -15.08 -32.26 -34.47
CA LEU D 426 -15.46 -33.61 -34.88
C LEU D 426 -14.22 -34.45 -35.20
N TYR D 427 -13.18 -33.80 -35.72
CA TYR D 427 -11.91 -34.46 -35.99
C TYR D 427 -11.12 -34.67 -34.71
N LEU D 428 -10.97 -33.61 -33.92
CA LEU D 428 -10.21 -33.67 -32.68
C LEU D 428 -10.81 -34.66 -31.68
N ASN D 429 -12.14 -34.78 -31.66
CA ASN D 429 -12.83 -35.76 -30.80
C ASN D 429 -12.40 -37.19 -31.11
N ILE D 430 -12.45 -37.55 -32.39
CA ILE D 430 -12.00 -38.86 -32.87
C ILE D 430 -10.50 -39.02 -32.58
N ALA D 431 -9.73 -38.01 -32.95
CA ALA D 431 -8.30 -37.97 -32.66
C ALA D 431 -8.03 -38.27 -31.19
N CYS D 432 -8.84 -37.69 -30.31
CA CYS D 432 -8.71 -37.90 -28.88
C CYS D 432 -9.06 -39.32 -28.47
N ILE D 433 -10.23 -39.79 -28.90
CA ILE D 433 -10.70 -41.14 -28.55
C ILE D 433 -9.61 -42.17 -28.87
N GLY D 434 -8.85 -41.90 -29.93
CA GLY D 434 -7.67 -42.70 -30.24
C GLY D 434 -6.62 -42.60 -29.15
N LEU D 435 -6.12 -41.38 -28.94
CA LEU D 435 -5.08 -41.12 -27.95
C LEU D 435 -5.43 -41.64 -26.55
N LEU D 436 -6.67 -41.42 -26.11
CA LEU D 436 -7.12 -41.88 -24.79
C LEU D 436 -7.12 -43.39 -24.70
N THR D 437 -7.89 -44.05 -25.56
CA THR D 437 -7.94 -45.52 -25.64
C THR D 437 -6.53 -46.09 -25.76
N ALA D 438 -5.68 -45.39 -26.51
CA ALA D 438 -4.28 -45.75 -26.65
C ALA D 438 -3.57 -45.69 -25.29
N ILE D 439 -3.57 -44.52 -24.67
CA ILE D 439 -2.91 -44.30 -23.38
C ILE D 439 -3.52 -45.16 -22.27
N ALA D 440 -4.85 -45.31 -22.31
CA ALA D 440 -5.56 -46.14 -21.33
C ALA D 440 -5.21 -47.61 -21.45
N MET D 441 -4.87 -48.02 -22.67
CA MET D 441 -4.36 -49.37 -22.91
C MET D 441 -2.94 -49.49 -22.36
N LEU D 442 -2.11 -48.49 -22.63
CA LEU D 442 -0.71 -48.47 -22.19
C LEU D 442 -0.55 -48.50 -20.67
N PHE D 443 -1.31 -47.65 -19.97
CA PHE D 443 -1.33 -47.64 -18.49
C PHE D 443 -2.26 -48.74 -17.97
N TRP D 444 -1.91 -49.99 -18.27
CA TRP D 444 -2.65 -51.14 -17.77
C TRP D 444 -1.70 -52.05 -16.98
N GLN D 445 -0.56 -52.38 -17.58
CA GLN D 445 0.52 -53.14 -16.94
C GLN D 445 1.89 -52.65 -17.40
NA NA E . 0.16 20.76 -8.94
NA NA F . 6.25 17.93 -20.21
C1 SIN G . 7.58 17.65 -14.73
O1 SIN G . 6.79 16.96 -15.42
O2 SIN G . 8.54 18.29 -15.24
C2 SIN G . 7.37 17.72 -13.25
C3 SIN G . 6.09 18.52 -12.96
C4 SIN G . 5.58 18.21 -11.56
O3 SIN G . 5.58 17.02 -11.16
O4 SIN G . 5.18 19.17 -10.87
NA NA H . 33.73 13.87 10.26
NA NA I . 28.48 19.24 21.14
C1 SIN J . 26.66 17.84 15.93
O1 SIN J . 27.00 17.12 16.90
O2 SIN J . 26.28 19.02 16.05
C2 SIN J . 26.68 17.23 14.55
C3 SIN J . 28.12 16.98 14.12
C4 SIN J . 28.16 15.98 12.99
O3 SIN J . 27.45 14.95 13.05
O4 SIN J . 28.92 16.22 12.02
NA NA K . -29.26 -9.78 12.37
NA NA L . -18.21 -7.23 19.01
C1 SIN M . -19.54 -9.15 13.91
O1 SIN M . -19.64 -8.01 14.41
O2 SIN M . -18.77 -10.01 14.37
C2 SIN M . -20.37 -9.50 12.70
C3 SIN M . -21.82 -9.63 13.13
C4 SIN M . -22.74 -9.53 11.93
O3 SIN M . -23.69 -10.33 11.84
O4 SIN M . -22.52 -8.65 11.05
NA NA N . -7.47 -25.48 -16.34
NA NA O . -18.40 -30.31 -21.71
C1 SIN P . -17.19 -26.82 -17.41
O1 SIN P . -17.95 -27.67 -16.91
O2 SIN P . -17.10 -26.65 -18.65
C2 SIN P . -16.35 -25.98 -16.50
C3 SIN P . -14.87 -26.37 -16.65
C4 SIN P . -13.98 -25.27 -16.14
O3 SIN P . -14.24 -24.07 -16.44
O4 SIN P . -12.98 -25.59 -15.44
#